data_5UM8
#
_entry.id   5UM8
#
_cell.length_a   126.456
_cell.length_b   126.456
_cell.length_c   314.093
_cell.angle_alpha   90.00
_cell.angle_beta   90.00
_cell.angle_gamma   120.00
#
_symmetry.space_group_name_H-M   'P 63'
#
loop_
_entity.id
_entity.type
_entity.pdbx_description
1 polymer 'glycoprotein gp120'
2 polymer 'glycoprotein gp41'
3 polymer 'Fab PGT124 light chain'
4 polymer 'Fab PGT124 heavy chain'
5 polymer 'Fab 35022 heavy chain'
6 polymer 'Fab 35022 light chain'
7 branched 2-acetamido-2-deoxy-beta-D-glucopyranose-(1-4)-2-acetamido-2-deoxy-beta-D-glucopyranose
8 branched alpha-D-mannopyranose-(1-3)-[alpha-D-mannopyranose-(1-6)]beta-D-mannopyranose-(1-4)-2-acetamido-2-deoxy-beta-D-glucopyranose-(1-4)-2-acetamido-2-deoxy-beta-D-glucopyranose
9 branched beta-D-mannopyranose-(1-4)-2-acetamido-2-deoxy-beta-D-glucopyranose-(1-4)-2-acetamido-2-deoxy-beta-D-glucopyranose
10 branched alpha-D-mannopyranose-(1-2)-alpha-D-mannopyranose-(1-2)-alpha-D-mannopyranose-(1-3)-[alpha-D-mannopyranose-(1-2)-alpha-D-mannopyranose-(1-6)-[alpha-D-mannopyranose-(1-3)]alpha-D-mannopyranose-(1-6)]beta-D-mannopyranose-(1-4)-2-acetamido-2-deoxy-beta-D-glucopyranose-(1-4)-2-acetamido-2-deoxy-beta-D-glucopyranose
11 branched alpha-D-mannopyranose-(1-3)-[alpha-D-mannopyranose-(1-6)]alpha-D-mannopyranose-(1-6)-[alpha-D-mannopyranose-(1-3)]beta-D-mannopyranose-(1-4)-2-acetamido-2-deoxy-beta-D-glucopyranose-(1-4)-2-acetamido-2-deoxy-beta-D-glucopyranose
12 branched alpha-D-mannopyranose-(1-3)-alpha-D-mannopyranose-(1-6)-[alpha-D-mannopyranose-(1-3)]beta-D-mannopyranose-(1-4)-2-acetamido-2-deoxy-beta-D-glucopyranose-(1-4)-2-acetamido-2-deoxy-beta-D-glucopyranose
13 non-polymer 2-acetamido-2-deoxy-beta-D-glucopyranose
#
loop_
_entity_poly.entity_id
_entity_poly.type
_entity_poly.pdbx_seq_one_letter_code
_entity_poly.pdbx_strand_id
1 'polypeptide(L)'
;NGNLWVTVYYGVPVWKDAETTLFCASDAKAYEKEKHNVWATHACVPTDPNPQEMVLENVTENFNMWKNDMVEQMHTDVIS
LWDQSLKPCVKLTPLCVTLECRQVNTTNATSSVNVTNGEEIKNCSFNATTELRDKKQKVYALFYRLDIVPLEEERKGNSS
KYRLINCNTSACTQACPKVTFDPIPIHYCAPAGYAILKCNNKTFNGTGPCNNVSTVQCTHGIKPVVSTQLLLNGSLAEGE
IIIRSENLTNNVKTIIVHLNESVEIVCTRPNNNTRKSIRIGPGQTFYATGDIIGNIRQAYCNISKDDWIRTLQRVGKKLA
EHFPRRIINFTSPAGGDLEITTHSFNCRGEFFYCNTSSLFNSTYNPNDTNSNSSSSNSSLDITIPCRIKQIINMWQRVGQ
CMYAPPIEGNITCKSNITGLLLVRDGGVESNETEIFRPGGGDMRNNWRSELYKYKVVEIKPLGIAPTRAKRRVVEGGGGS
GGGGS
;
G
2 'polypeptide(L)'
;AVGLGAVIFGFLGAAGSTMGAASITLTVQARQLLSGIVQQQSNLLKAPEAQQHLLQLGVWGIKQLQTRVLAIERYLKDQQ
LLGIWGCSGKLICTTAVPWNSSWSNKSHDEIWGNMTWMQWDREISNYTNTIYRLLEDSQNQQEQNEKDLLALD
;
B
3 'polypeptide(L)'
;SYVSPLSVALGETARISCGRQALGSRAVQWYQHKPGQAPILLIYNNQDRPSGIPERFSGTPDINFGTTATLTISGVEVGD
EADYYCHMWDSRSGFSWSFGGATRLTVLSQPKAAPSVTLFPPSSEELQANKATLVCLISDFYPGAVTVAWKADSSPVKAG
VETTTPSKQSNNKYAASSYLSLTPEQWKSHKSYSCQVTHEGSTVEKTVAPTECS
;
L
4 'polypeptide(L)'
;QVQLQESGPGLVRPSETLSVTCIVSGGSISNYYWTWIRQSPGKGLEWIGYISDRETTTYNPSLNSRAVISRDTSKNQLSL
QLRSVTTADTAIYFCATARRGQRIYGVVSFGEFFYYYYMDVWGKGTAVTVSSASTKGPSVFPLAPSSKSTSGGTAALGCL
VKDYFPEPVTVSWNSGALTSGVHTFPAVLQSSGLYSLSSVVTVPSSSLGTQTYICNVNHKPSNTKVDKKVEPKSCD
;
H
5 'polypeptide(L)'
;EGQLVQSGAELKKPGASVKISCKTSGYRFNFYHINWIRQTAGRGPEWMGWISPYSGDKNLAPAFQDRVIMTTDTEVPVTS
FTSTGAAYMEIRNLKFDDTGTYFCAKGLLRDGSSTWLPYLWGQGTLLTVSSASTKGPSVFPLAPSSKSTSGGTAALGCLV
KDYFPEPVTVSWNSGALTSGVHTFPAVLQSSGLYSLSSVVTVPSSSLGTQTYICNVNHKPSNTKVDKRVEPKSCDKGLEV
;
D
6 'polypeptide(L)'
;QSVLTQSASVSGSLGQSVTISCTGPNSVCCSHKSISWYQWPPGRAPTLIIYEDNERAPGISPRFSGYKSYWSAYLTISDL
RPEDETTYYCCSYTHNSGCVFGTGTKVSVLGQSKANPSVTLFPPSSEELQANKATLVCLISDFYPGAVTVAWKADSSPVK
AGVETTTPSKQSNNKYAASSYLSLTPEQWKSHRSYSCQVTHEGSTVEKTVAPTECS
;
E
#
# COMPACT_ATOMS: atom_id res chain seq x y z
N GLY A 2 -33.82 -48.56 26.96
CA GLY A 2 -32.51 -48.77 26.38
C GLY A 2 -32.55 -49.32 24.97
N ASN A 3 -33.76 -49.43 24.43
CA ASN A 3 -33.97 -49.94 23.08
C ASN A 3 -33.95 -48.76 22.11
N LEU A 4 -32.90 -48.67 21.29
CA LEU A 4 -32.67 -47.54 20.42
C LEU A 4 -33.15 -47.84 19.00
N TRP A 5 -33.62 -46.79 18.32
CA TRP A 5 -34.07 -46.90 16.94
C TRP A 5 -33.61 -45.65 16.18
N VAL A 6 -33.17 -45.85 14.94
CA VAL A 6 -32.70 -44.72 14.14
C VAL A 6 -33.88 -43.82 13.78
N THR A 7 -33.61 -42.52 13.72
CA THR A 7 -34.63 -41.52 13.41
C THR A 7 -34.04 -40.47 12.49
N VAL A 8 -34.86 -40.01 11.55
CA VAL A 8 -34.44 -39.06 10.51
C VAL A 8 -34.82 -37.65 10.94
N TYR A 9 -33.87 -36.73 10.85
CA TYR A 9 -34.10 -35.32 11.12
C TYR A 9 -33.75 -34.54 9.85
N TYR A 10 -34.74 -33.86 9.28
CA TYR A 10 -34.58 -33.13 8.03
C TYR A 10 -34.42 -31.65 8.34
N GLY A 11 -33.21 -31.13 8.19
CA GLY A 11 -32.94 -29.74 8.45
C GLY A 11 -31.86 -29.54 9.50
N VAL A 12 -30.94 -30.50 9.61
CA VAL A 12 -29.87 -30.44 10.60
C VAL A 12 -28.80 -29.47 10.11
N PRO A 13 -28.27 -28.60 10.97
CA PRO A 13 -27.20 -27.70 10.55
C PRO A 13 -25.90 -28.43 10.28
N VAL A 14 -25.81 -29.11 9.13
CA VAL A 14 -24.62 -29.84 8.72
C VAL A 14 -24.23 -29.37 7.33
N TRP A 15 -22.96 -29.03 7.15
CA TRP A 15 -22.45 -28.58 5.86
C TRP A 15 -21.15 -29.30 5.55
N LYS A 16 -20.78 -29.28 4.27
CA LYS A 16 -19.50 -29.79 3.80
C LYS A 16 -18.98 -28.88 2.70
N ASP A 17 -17.66 -28.85 2.57
CA ASP A 17 -17.01 -27.91 1.65
C ASP A 17 -17.23 -28.35 0.21
N ALA A 18 -18.00 -27.58 -0.54
CA ALA A 18 -18.25 -27.84 -1.95
C ALA A 18 -18.09 -26.54 -2.73
N GLU A 19 -17.80 -26.69 -4.03
CA GLU A 19 -17.56 -25.56 -4.92
C GLU A 19 -18.69 -25.52 -5.96
N THR A 20 -19.60 -24.58 -5.80
CA THR A 20 -20.69 -24.37 -6.75
C THR A 20 -20.67 -22.92 -7.23
N THR A 21 -21.33 -22.68 -8.35
CA THR A 21 -21.33 -21.37 -8.99
C THR A 21 -22.28 -20.43 -8.25
N LEU A 22 -21.75 -19.31 -7.77
CA LEU A 22 -22.54 -18.29 -7.10
C LEU A 22 -23.18 -17.39 -8.16
N PHE A 23 -23.85 -16.32 -7.73
CA PHE A 23 -24.41 -15.36 -8.66
C PHE A 23 -24.19 -13.94 -8.13
N CYS A 24 -24.36 -12.98 -9.03
CA CYS A 24 -24.03 -11.58 -8.78
C CYS A 24 -25.22 -10.84 -8.18
N ALA A 25 -24.92 -9.76 -7.46
CA ALA A 25 -25.94 -8.89 -6.87
C ALA A 25 -25.27 -7.59 -6.47
N SER A 26 -25.56 -6.51 -7.18
CA SER A 26 -25.01 -5.19 -6.91
C SER A 26 -26.15 -4.24 -6.60
N ASP A 27 -25.99 -3.45 -5.52
CA ASP A 27 -27.06 -2.61 -5.03
C ASP A 27 -27.58 -1.66 -6.12
N ALA A 28 -28.82 -1.23 -5.96
CA ALA A 28 -29.52 -0.44 -6.98
C ALA A 28 -28.84 0.90 -7.22
N LYS A 29 -28.30 1.08 -8.42
CA LYS A 29 -27.67 2.32 -8.84
C LYS A 29 -28.28 2.73 -10.18
N ALA A 30 -28.73 3.98 -10.27
CA ALA A 30 -29.52 4.45 -11.41
C ALA A 30 -28.76 5.50 -12.20
N TYR A 31 -28.92 5.44 -13.52
CA TYR A 31 -28.39 6.45 -14.43
C TYR A 31 -29.13 6.31 -15.75
N GLU A 32 -29.75 7.40 -16.22
CA GLU A 32 -30.61 7.34 -17.39
C GLU A 32 -29.89 7.65 -18.69
N LYS A 33 -28.85 8.48 -18.66
CA LYS A 33 -28.16 8.87 -19.88
C LYS A 33 -27.00 7.96 -20.21
N GLU A 34 -26.07 7.78 -19.26
CA GLU A 34 -24.91 6.91 -19.44
C GLU A 34 -25.25 5.53 -18.87
N LYS A 35 -25.39 4.55 -19.76
CA LYS A 35 -25.80 3.20 -19.39
C LYS A 35 -24.69 2.21 -19.74
N HIS A 36 -25.03 0.92 -19.67
CA HIS A 36 -24.18 -0.17 -20.14
C HIS A 36 -22.86 -0.23 -19.38
N ASN A 37 -22.96 -0.31 -18.05
CA ASN A 37 -21.79 -0.56 -17.22
C ASN A 37 -21.41 -2.03 -17.32
N VAL A 38 -20.15 -2.30 -17.68
CA VAL A 38 -19.73 -3.67 -17.99
C VAL A 38 -19.83 -4.55 -16.74
N TRP A 39 -19.41 -4.03 -15.59
CA TRP A 39 -19.47 -4.79 -14.35
C TRP A 39 -20.80 -4.62 -13.62
N ALA A 40 -21.73 -3.84 -14.16
CA ALA A 40 -23.01 -3.61 -13.50
C ALA A 40 -24.18 -3.91 -14.42
N THR A 41 -24.37 -3.06 -15.44
CA THR A 41 -25.51 -3.22 -16.34
C THR A 41 -25.35 -4.47 -17.20
N HIS A 42 -26.38 -5.32 -17.19
CA HIS A 42 -26.37 -6.59 -17.92
C HIS A 42 -25.17 -7.44 -17.54
N ALA A 43 -25.00 -7.64 -16.23
CA ALA A 43 -23.91 -8.42 -15.69
C ALA A 43 -24.20 -8.79 -14.24
N CYS A 44 -25.17 -8.08 -13.65
CA CYS A 44 -25.50 -8.24 -12.25
C CYS A 44 -26.97 -7.89 -12.08
N VAL A 45 -27.42 -7.77 -10.83
CA VAL A 45 -28.81 -7.44 -10.53
C VAL A 45 -28.89 -6.62 -9.24
N PRO A 46 -29.90 -5.78 -9.07
CA PRO A 46 -30.06 -5.07 -7.80
C PRO A 46 -30.49 -6.02 -6.69
N THR A 47 -29.89 -5.82 -5.51
CA THR A 47 -30.11 -6.70 -4.38
C THR A 47 -31.06 -6.06 -3.37
N ASP A 48 -31.17 -6.67 -2.20
CA ASP A 48 -32.02 -6.18 -1.13
C ASP A 48 -31.34 -5.05 -0.37
N PRO A 49 -32.11 -4.25 0.39
CA PRO A 49 -31.49 -3.18 1.18
C PRO A 49 -30.54 -3.66 2.27
N ASN A 50 -30.55 -4.96 2.61
CA ASN A 50 -29.67 -5.43 3.67
C ASN A 50 -29.42 -6.93 3.58
N PRO A 51 -28.18 -7.35 3.34
CA PRO A 51 -27.84 -8.77 3.51
C PRO A 51 -27.52 -9.09 4.97
N GLN A 52 -28.39 -9.84 5.64
CA GLN A 52 -28.23 -10.09 7.07
C GLN A 52 -27.02 -10.98 7.35
N GLU A 53 -26.38 -10.74 8.49
CA GLU A 53 -25.25 -11.52 8.96
C GLU A 53 -25.66 -12.25 10.22
N MET A 54 -25.65 -13.59 10.16
CA MET A 54 -26.05 -14.43 11.29
C MET A 54 -24.80 -15.01 11.94
N VAL A 55 -24.50 -14.56 13.16
CA VAL A 55 -23.32 -15.05 13.88
C VAL A 55 -23.54 -16.50 14.27
N LEU A 56 -22.54 -17.34 14.02
CA LEU A 56 -22.62 -18.77 14.34
C LEU A 56 -21.80 -19.04 15.59
N GLU A 57 -22.48 -19.36 16.69
CA GLU A 57 -21.83 -19.54 17.98
C GLU A 57 -21.31 -20.96 18.14
N ASN A 58 -20.29 -21.10 18.98
CA ASN A 58 -19.61 -22.38 19.24
C ASN A 58 -19.14 -23.04 17.94
N VAL A 59 -18.70 -22.23 16.97
CA VAL A 59 -18.27 -22.71 15.66
C VAL A 59 -16.86 -22.19 15.41
N THR A 60 -15.97 -23.08 14.97
CA THR A 60 -14.62 -22.73 14.55
C THR A 60 -14.40 -23.41 13.20
N GLU A 61 -14.30 -22.64 12.13
CA GLU A 61 -14.39 -23.17 10.77
C GLU A 61 -13.09 -22.92 10.02
N ASN A 62 -12.60 -23.98 9.36
CA ASN A 62 -11.37 -23.87 8.58
C ASN A 62 -11.60 -22.99 7.35
N PHE A 63 -10.64 -22.10 7.10
CA PHE A 63 -10.66 -21.21 5.94
C PHE A 63 -9.38 -21.38 5.14
N ASN A 64 -9.48 -21.14 3.82
CA ASN A 64 -8.34 -21.25 2.93
C ASN A 64 -8.60 -20.32 1.75
N MET A 65 -7.96 -19.14 1.77
CA MET A 65 -8.16 -18.16 0.71
C MET A 65 -7.46 -18.55 -0.59
N TRP A 66 -6.41 -19.37 -0.50
CA TRP A 66 -5.62 -19.71 -1.68
C TRP A 66 -6.20 -20.88 -2.46
N LYS A 67 -6.92 -21.79 -1.79
CA LYS A 67 -7.65 -22.85 -2.45
C LYS A 67 -9.11 -22.47 -2.67
N ASN A 68 -9.46 -21.20 -2.47
CA ASN A 68 -10.84 -20.75 -2.61
C ASN A 68 -11.29 -20.87 -4.06
N ASP A 69 -12.60 -21.10 -4.24
CA ASP A 69 -13.19 -21.16 -5.57
C ASP A 69 -13.87 -19.86 -5.98
N MET A 70 -14.23 -19.01 -5.01
CA MET A 70 -14.83 -17.71 -5.35
C MET A 70 -13.85 -16.84 -6.14
N VAL A 71 -12.55 -16.98 -5.87
CA VAL A 71 -11.55 -16.25 -6.64
C VAL A 71 -11.49 -16.76 -8.07
N GLU A 72 -11.43 -18.08 -8.23
CA GLU A 72 -11.41 -18.68 -9.55
C GLU A 72 -12.69 -18.40 -10.34
N GLN A 73 -13.79 -18.11 -9.65
CA GLN A 73 -15.02 -17.71 -10.34
C GLN A 73 -14.97 -16.23 -10.71
N MET A 74 -14.50 -15.37 -9.80
CA MET A 74 -14.45 -13.95 -10.08
C MET A 74 -13.47 -13.64 -11.20
N HIS A 75 -12.40 -14.41 -11.33
CA HIS A 75 -11.45 -14.24 -12.41
C HIS A 75 -12.11 -14.46 -13.77
N THR A 76 -12.70 -15.63 -13.96
CA THR A 76 -13.35 -15.96 -15.22
C THR A 76 -14.56 -15.06 -15.47
N ASP A 77 -15.19 -14.55 -14.40
CA ASP A 77 -16.28 -13.61 -14.58
C ASP A 77 -15.77 -12.25 -15.06
N VAL A 78 -14.60 -11.83 -14.57
CA VAL A 78 -14.00 -10.60 -15.05
C VAL A 78 -13.62 -10.73 -16.53
N ILE A 79 -12.97 -11.83 -16.88
CA ILE A 79 -12.57 -12.03 -18.28
C ILE A 79 -13.81 -12.12 -19.17
N SER A 80 -14.82 -12.88 -18.75
CA SER A 80 -16.01 -13.04 -19.58
C SER A 80 -16.77 -11.74 -19.73
N LEU A 81 -16.82 -10.91 -18.67
CA LEU A 81 -17.43 -9.60 -18.81
C LEU A 81 -16.61 -8.69 -19.72
N TRP A 82 -15.29 -8.87 -19.71
CA TRP A 82 -14.43 -8.13 -20.64
C TRP A 82 -14.77 -8.46 -22.09
N ASP A 83 -14.80 -9.76 -22.42
CA ASP A 83 -15.12 -10.17 -23.78
C ASP A 83 -16.55 -9.82 -24.16
N GLN A 84 -17.48 -9.86 -23.21
CA GLN A 84 -18.85 -9.41 -23.49
C GLN A 84 -18.89 -7.91 -23.76
N SER A 85 -18.03 -7.13 -23.10
CA SER A 85 -17.98 -5.71 -23.36
C SER A 85 -17.38 -5.40 -24.73
N LEU A 86 -16.55 -6.29 -25.25
CA LEU A 86 -15.85 -6.08 -26.52
C LEU A 86 -16.60 -6.63 -27.72
N LYS A 87 -17.77 -7.22 -27.53
CA LYS A 87 -18.45 -7.90 -28.62
C LYS A 87 -19.11 -6.94 -29.62
N PRO A 88 -20.01 -6.05 -29.19
CA PRO A 88 -20.76 -5.26 -30.18
C PRO A 88 -20.09 -3.98 -30.65
N CYS A 89 -18.88 -3.68 -30.18
CA CYS A 89 -18.24 -2.43 -30.53
C CYS A 89 -17.53 -2.52 -31.87
N VAL A 90 -17.09 -1.36 -32.37
CA VAL A 90 -16.39 -1.30 -33.65
C VAL A 90 -15.00 -1.89 -33.51
N LYS A 91 -14.61 -2.75 -34.44
CA LYS A 91 -13.28 -3.33 -34.46
C LYS A 91 -12.38 -2.57 -35.44
N LEU A 92 -11.08 -2.67 -35.20
CA LEU A 92 -10.10 -1.90 -35.97
C LEU A 92 -9.26 -2.79 -36.87
N THR A 93 -9.92 -3.66 -37.63
CA THR A 93 -9.21 -4.39 -38.67
C THR A 93 -8.67 -3.49 -39.78
N PRO A 94 -9.41 -2.50 -40.30
CA PRO A 94 -8.84 -1.66 -41.37
C PRO A 94 -7.74 -0.71 -40.89
N LEU A 95 -7.53 -0.58 -39.58
CA LEU A 95 -6.47 0.28 -39.06
C LEU A 95 -5.09 -0.35 -39.14
N CYS A 96 -4.90 -1.33 -40.03
CA CYS A 96 -3.61 -1.99 -40.20
C CYS A 96 -2.86 -1.48 -41.42
N VAL A 97 -3.11 -0.25 -41.82
CA VAL A 97 -2.38 0.38 -42.93
C VAL A 97 -1.10 0.98 -42.38
N THR A 98 -0.08 1.07 -43.24
CA THR A 98 1.21 1.62 -42.83
C THR A 98 1.05 3.07 -42.38
N LEU A 99 1.80 3.44 -41.36
CA LEU A 99 1.68 4.75 -40.72
C LEU A 99 2.95 5.57 -40.97
N GLU A 100 2.76 6.83 -41.34
CA GLU A 100 3.86 7.79 -41.49
C GLU A 100 3.81 8.72 -40.28
N CYS A 101 4.62 8.41 -39.26
CA CYS A 101 4.62 9.14 -38.01
C CYS A 101 5.73 10.17 -37.98
N ARG A 102 5.46 11.30 -37.33
CA ARG A 102 6.42 12.37 -37.16
C ARG A 102 6.44 12.78 -35.69
N GLN A 103 7.52 13.44 -35.29
CA GLN A 103 7.62 13.94 -33.92
C GLN A 103 6.63 15.07 -33.71
N VAL A 104 6.31 15.33 -32.43
CA VAL A 104 5.36 16.35 -32.04
C VAL A 104 6.13 17.51 -31.42
N ASN A 105 5.65 18.73 -31.68
CA ASN A 105 6.32 19.96 -31.23
C ASN A 105 6.61 19.91 -29.74
N THR A 106 7.88 20.08 -29.39
CA THR A 106 8.31 20.12 -27.99
C THR A 106 9.48 21.09 -27.87
N THR A 107 9.41 21.97 -26.88
CA THR A 107 10.46 22.95 -26.66
C THR A 107 11.71 22.28 -26.09
N ASN A 108 12.87 22.85 -26.43
CA ASN A 108 14.14 22.34 -25.92
C ASN A 108 14.12 22.23 -24.41
N ALA A 109 14.77 21.18 -23.90
CA ALA A 109 14.90 20.99 -22.46
C ALA A 109 16.14 21.70 -21.95
N THR A 110 16.86 21.05 -21.03
CA THR A 110 18.10 21.58 -20.46
C THR A 110 17.92 23.00 -19.91
N ASN A 114 17.37 16.96 -12.99
CA ASN A 114 17.53 15.51 -12.98
C ASN A 114 17.21 14.90 -14.34
N VAL A 115 17.11 13.58 -14.39
CA VAL A 115 16.82 12.88 -15.64
C VAL A 115 15.48 12.15 -15.55
N THR A 116 14.70 12.24 -16.62
CA THR A 116 13.39 11.59 -16.66
C THR A 116 13.11 11.01 -18.05
N ASN A 117 11.87 10.58 -18.27
CA ASN A 117 11.47 10.01 -19.55
C ASN A 117 10.55 10.95 -20.31
N GLY A 118 9.93 10.44 -21.37
CA GLY A 118 9.02 11.24 -22.18
C GLY A 118 8.33 10.42 -23.25
N GLU A 119 7.02 10.22 -23.08
CA GLU A 119 6.24 9.45 -24.03
C GLU A 119 6.04 10.21 -25.34
N GLU A 120 7.05 10.14 -26.21
CA GLU A 120 7.00 10.83 -27.49
C GLU A 120 5.66 10.57 -28.17
N ILE A 121 4.81 11.60 -28.21
CA ILE A 121 3.58 11.54 -29.00
C ILE A 121 3.95 11.59 -30.47
N LYS A 122 3.43 10.65 -31.25
CA LYS A 122 3.72 10.56 -32.67
C LYS A 122 2.51 11.01 -33.47
N ASN A 123 2.72 11.98 -34.36
CA ASN A 123 1.69 12.48 -35.26
C ASN A 123 1.76 11.64 -36.53
N CYS A 124 0.87 10.66 -36.66
CA CYS A 124 0.93 9.66 -37.72
C CYS A 124 -0.18 9.92 -38.73
N SER A 125 0.18 9.94 -40.01
CA SER A 125 -0.76 10.04 -41.10
C SER A 125 -0.84 8.70 -41.83
N PHE A 126 -2.01 8.39 -42.37
CA PHE A 126 -2.21 7.12 -43.04
C PHE A 126 -3.44 7.17 -43.93
N ASN A 127 -3.41 6.36 -44.98
CA ASN A 127 -4.60 6.15 -45.80
C ASN A 127 -5.54 5.21 -45.09
N ALA A 128 -6.81 5.61 -44.97
CA ALA A 128 -7.81 4.81 -44.28
C ALA A 128 -9.07 4.75 -45.13
N THR A 129 -9.79 3.64 -45.00
CA THR A 129 -11.04 3.48 -45.71
C THR A 129 -12.09 4.47 -45.19
N THR A 130 -13.05 4.79 -46.06
CA THR A 130 -14.13 5.69 -45.68
C THR A 130 -15.47 4.96 -45.70
N GLU A 131 -16.56 5.71 -45.71
CA GLU A 131 -17.89 5.09 -45.77
C GLU A 131 -18.09 4.33 -47.08
N LEU A 132 -17.36 4.68 -48.14
CA LEU A 132 -17.38 3.93 -49.39
C LEU A 132 -16.22 2.95 -49.42
N ARG A 133 -16.41 1.85 -50.14
CA ARG A 133 -15.40 0.80 -50.18
C ARG A 133 -14.26 1.14 -51.12
N ASP A 134 -14.59 1.60 -52.34
CA ASP A 134 -13.55 1.86 -53.33
C ASP A 134 -12.74 3.11 -52.99
N LYS A 135 -13.37 4.13 -52.42
CA LYS A 135 -12.69 5.38 -52.12
C LYS A 135 -12.02 5.31 -50.75
N LYS A 136 -10.95 6.09 -50.59
CA LYS A 136 -10.21 6.15 -49.34
C LYS A 136 -10.08 7.59 -48.85
N GLN A 137 -9.25 7.80 -47.84
CA GLN A 137 -9.02 9.12 -47.27
C GLN A 137 -7.79 9.11 -46.37
N LYS A 138 -6.83 10.00 -46.64
CA LYS A 138 -5.65 10.10 -45.79
C LYS A 138 -5.96 10.99 -44.60
N VAL A 139 -5.80 10.44 -43.39
CA VAL A 139 -6.11 11.17 -42.16
C VAL A 139 -4.93 11.03 -41.21
N TYR A 140 -4.88 11.94 -40.24
CA TYR A 140 -3.83 11.96 -39.24
C TYR A 140 -4.43 11.74 -37.86
N ALA A 141 -3.58 11.25 -36.96
CA ALA A 141 -3.98 10.98 -35.58
C ALA A 141 -2.73 10.93 -34.72
N LEU A 142 -2.90 11.26 -33.45
CA LEU A 142 -1.81 11.26 -32.48
C LEU A 142 -1.83 9.93 -31.72
N PHE A 143 -0.73 9.20 -31.76
CA PHE A 143 -0.60 7.93 -31.08
C PHE A 143 0.61 7.95 -30.16
N TYR A 144 0.45 7.38 -28.97
CA TYR A 144 1.59 7.18 -28.10
C TYR A 144 2.56 6.17 -28.72
N ARG A 145 3.85 6.36 -28.44
CA ARG A 145 4.86 5.50 -29.05
C ARG A 145 4.70 4.05 -28.65
N LEU A 146 4.25 3.79 -27.42
CA LEU A 146 4.14 2.43 -26.93
C LEU A 146 3.11 1.60 -27.69
N ASP A 147 2.18 2.24 -28.41
CA ASP A 147 1.16 1.53 -29.17
C ASP A 147 1.58 1.25 -30.61
N ILE A 148 2.82 1.57 -30.98
CA ILE A 148 3.26 1.48 -32.37
C ILE A 148 4.70 0.99 -32.40
N VAL A 149 4.97 0.04 -33.31
CA VAL A 149 6.34 -0.42 -33.55
C VAL A 149 6.72 -0.09 -34.99
N PRO A 150 7.98 0.26 -35.26
CA PRO A 150 8.37 0.68 -36.61
C PRO A 150 8.56 -0.53 -37.52
N LEU A 151 8.92 -0.24 -38.77
CA LEU A 151 9.30 -1.27 -39.72
C LEU A 151 10.72 -1.09 -40.22
N GLU A 152 11.06 0.12 -40.67
CA GLU A 152 12.39 0.43 -41.15
C GLU A 152 12.85 1.76 -40.54
N GLU A 153 14.13 2.00 -40.75
CA GLU A 153 14.76 3.24 -40.36
C GLU A 153 14.56 3.72 -38.94
N GLU A 154 13.40 4.39 -38.75
CA GLU A 154 12.97 5.14 -37.56
C GLU A 154 13.93 6.30 -37.62
N ARG A 155 15.02 6.22 -36.79
CA ARG A 155 16.22 7.11 -36.61
C ARG A 155 16.08 8.39 -36.78
N LYS A 156 15.69 8.98 -37.88
CA LYS A 156 15.55 10.42 -37.89
C LYS A 156 14.26 10.80 -37.20
N GLY A 157 14.19 12.04 -36.75
CA GLY A 157 12.93 12.53 -36.23
C GLY A 157 12.34 13.27 -37.46
N ASN A 158 11.89 12.52 -38.49
CA ASN A 158 11.43 12.94 -39.83
C ASN A 158 10.14 12.20 -40.35
N SER A 159 10.18 10.90 -40.68
CA SER A 159 8.97 10.12 -41.17
C SER A 159 8.97 8.57 -40.98
N SER A 160 9.79 7.89 -41.79
CA SER A 160 9.95 6.44 -41.76
C SER A 160 8.60 5.74 -41.88
N LYS A 161 8.53 4.47 -41.47
CA LYS A 161 7.33 3.67 -41.60
C LYS A 161 7.04 2.92 -40.32
N TYR A 162 5.76 2.92 -39.92
CA TYR A 162 5.34 2.38 -38.64
C TYR A 162 4.17 1.42 -38.83
N ARG A 163 3.86 0.70 -37.76
CA ARG A 163 2.81 -0.31 -37.74
C ARG A 163 2.19 -0.34 -36.35
N LEU A 164 0.86 -0.43 -36.30
CA LEU A 164 0.18 -0.58 -35.02
C LEU A 164 0.64 -1.85 -34.33
N ILE A 165 0.63 -1.81 -32.99
CA ILE A 165 1.25 -2.88 -32.22
C ILE A 165 0.47 -4.18 -32.33
N ASN A 166 -0.85 -4.11 -32.51
CA ASN A 166 -1.70 -5.29 -32.48
C ASN A 166 -1.86 -5.95 -33.85
N CYS A 167 -1.60 -5.24 -34.93
CA CYS A 167 -2.03 -5.66 -36.27
C CYS A 167 -1.32 -6.91 -36.80
N ASN A 168 -0.77 -7.74 -35.91
CA ASN A 168 -0.20 -9.01 -36.34
C ASN A 168 -0.53 -10.11 -35.34
N THR A 169 -0.47 -9.78 -34.04
CA THR A 169 -0.81 -10.77 -33.02
C THR A 169 -2.30 -11.10 -33.06
N SER A 170 -3.14 -10.07 -33.19
CA SER A 170 -4.59 -10.25 -33.23
C SER A 170 -5.23 -8.93 -33.65
N ALA A 171 -6.28 -9.02 -34.46
CA ALA A 171 -7.06 -7.84 -34.79
C ALA A 171 -7.62 -7.21 -33.52
N CYS A 172 -7.78 -5.89 -33.55
CA CYS A 172 -8.20 -5.16 -32.37
C CYS A 172 -9.60 -4.60 -32.56
N THR A 173 -10.32 -4.48 -31.43
CA THR A 173 -11.69 -3.98 -31.40
C THR A 173 -11.76 -2.80 -30.44
N GLN A 174 -12.13 -1.64 -30.96
CA GLN A 174 -12.22 -0.44 -30.14
C GLN A 174 -13.29 -0.62 -29.06
N ALA A 175 -13.11 0.07 -27.95
CA ALA A 175 -14.09 0.05 -26.87
C ALA A 175 -15.29 0.91 -27.23
N CYS A 176 -16.47 0.44 -26.86
CA CYS A 176 -17.69 1.23 -27.06
C CYS A 176 -17.58 2.53 -26.26
N PRO A 177 -18.08 3.64 -26.79
CA PRO A 177 -18.07 4.89 -26.01
C PRO A 177 -19.12 4.92 -24.91
N LYS A 178 -20.11 4.03 -24.95
CA LYS A 178 -21.16 4.02 -23.93
C LYS A 178 -20.72 3.28 -22.68
N VAL A 179 -19.98 2.18 -22.84
CA VAL A 179 -19.60 1.37 -21.68
C VAL A 179 -18.56 2.10 -20.84
N THR A 180 -18.64 1.91 -19.52
CA THR A 180 -17.72 2.53 -18.58
C THR A 180 -17.02 1.45 -17.77
N PHE A 181 -15.77 1.72 -17.41
CA PHE A 181 -14.91 0.76 -16.73
C PHE A 181 -14.87 0.94 -15.22
N ASP A 182 -15.60 1.90 -14.68
CA ASP A 182 -15.50 2.20 -13.26
C ASP A 182 -15.94 0.99 -12.44
N PRO A 183 -15.13 0.53 -11.48
CA PRO A 183 -15.53 -0.61 -10.66
C PRO A 183 -16.68 -0.24 -9.73
N ILE A 184 -17.71 -1.08 -9.74
CA ILE A 184 -18.92 -0.85 -8.94
C ILE A 184 -18.96 -1.90 -7.83
N PRO A 185 -19.62 -1.62 -6.71
CA PRO A 185 -19.68 -2.63 -5.63
C PRO A 185 -20.44 -3.86 -6.07
N ILE A 186 -19.74 -5.00 -6.09
CA ILE A 186 -20.31 -6.28 -6.50
C ILE A 186 -20.42 -7.17 -5.29
N HIS A 187 -21.61 -7.74 -5.08
CA HIS A 187 -21.87 -8.68 -3.99
C HIS A 187 -22.06 -10.07 -4.57
N TYR A 188 -21.37 -11.05 -4.00
CA TYR A 188 -21.49 -12.44 -4.43
C TYR A 188 -22.46 -13.17 -3.50
N CYS A 189 -23.52 -13.72 -4.08
CA CYS A 189 -24.54 -14.43 -3.32
C CYS A 189 -24.53 -15.91 -3.68
N ALA A 190 -24.82 -16.77 -2.66
CA ALA A 190 -24.89 -18.22 -2.80
C ALA A 190 -26.32 -18.66 -3.12
N PRO A 191 -26.48 -19.70 -3.94
CA PRO A 191 -27.83 -20.16 -4.29
C PRO A 191 -28.46 -20.99 -3.19
N ALA A 192 -29.63 -21.57 -3.48
CA ALA A 192 -30.32 -22.40 -2.50
C ALA A 192 -29.57 -23.71 -2.29
N GLY A 193 -29.57 -24.20 -1.05
CA GLY A 193 -28.84 -25.39 -0.69
C GLY A 193 -27.38 -25.16 -0.36
N TYR A 194 -26.90 -23.91 -0.44
CA TYR A 194 -25.52 -23.56 -0.12
C TYR A 194 -25.52 -22.32 0.76
N ALA A 195 -24.35 -22.00 1.30
CA ALA A 195 -24.22 -20.85 2.18
C ALA A 195 -22.80 -20.30 2.10
N ILE A 196 -22.64 -19.07 2.59
CA ILE A 196 -21.37 -18.37 2.59
C ILE A 196 -20.97 -18.12 4.04
N LEU A 197 -19.80 -18.62 4.43
CA LEU A 197 -19.27 -18.44 5.77
C LEU A 197 -18.24 -17.32 5.76
N LYS A 198 -18.38 -16.39 6.70
CA LYS A 198 -17.50 -15.23 6.82
C LYS A 198 -16.69 -15.33 8.11
N CYS A 199 -15.38 -15.15 7.99
CA CYS A 199 -14.48 -15.14 9.13
C CYS A 199 -14.33 -13.70 9.63
N ASN A 200 -14.62 -13.49 10.91
CA ASN A 200 -14.67 -12.16 11.50
C ASN A 200 -13.49 -11.88 12.44
N ASN A 201 -12.38 -12.57 12.23
CA ASN A 201 -11.17 -12.36 13.03
C ASN A 201 -10.36 -11.24 12.40
N LYS A 202 -10.06 -10.21 13.18
CA LYS A 202 -9.42 -9.01 12.64
C LYS A 202 -7.97 -9.28 12.26
N THR A 203 -7.26 -10.09 13.07
CA THR A 203 -5.87 -10.39 12.79
C THR A 203 -5.72 -11.81 12.28
N PHE A 204 -6.48 -12.17 11.25
CA PHE A 204 -6.49 -13.52 10.71
C PHE A 204 -5.45 -13.66 9.60
N ASN A 205 -4.71 -14.77 9.64
CA ASN A 205 -3.70 -15.04 8.62
C ASN A 205 -4.36 -15.50 7.32
N GLY A 206 -3.65 -16.29 6.52
CA GLY A 206 -4.19 -16.74 5.26
C GLY A 206 -5.18 -17.88 5.40
N THR A 207 -4.71 -19.01 5.92
CA THR A 207 -5.52 -20.22 6.06
C THR A 207 -5.60 -20.61 7.52
N GLY A 208 -6.31 -21.70 7.79
CA GLY A 208 -6.40 -22.24 9.13
C GLY A 208 -7.77 -22.05 9.75
N PRO A 209 -7.93 -22.51 10.99
CA PRO A 209 -9.23 -22.40 11.66
C PRO A 209 -9.52 -20.97 12.07
N CYS A 210 -10.78 -20.57 11.88
CA CYS A 210 -11.27 -19.25 12.27
C CYS A 210 -12.22 -19.40 13.44
N ASN A 211 -12.05 -18.55 14.45
CA ASN A 211 -12.84 -18.63 15.68
C ASN A 211 -14.20 -17.94 15.50
N ASN A 212 -14.20 -16.62 15.49
CA ASN A 212 -15.45 -15.86 15.36
C ASN A 212 -15.94 -15.96 13.92
N VAL A 213 -16.98 -16.75 13.70
CA VAL A 213 -17.46 -17.08 12.36
C VAL A 213 -18.95 -16.76 12.28
N SER A 214 -19.36 -16.23 11.12
CA SER A 214 -20.76 -15.96 10.84
C SER A 214 -21.11 -16.53 9.48
N THR A 215 -22.39 -16.39 9.10
CA THR A 215 -22.87 -16.78 7.80
C THR A 215 -23.65 -15.61 7.19
N VAL A 216 -23.55 -15.48 5.87
CA VAL A 216 -24.16 -14.36 5.16
C VAL A 216 -24.83 -14.88 3.90
N GLN A 217 -25.89 -14.18 3.48
CA GLN A 217 -26.52 -14.49 2.20
C GLN A 217 -25.69 -13.97 1.03
N CYS A 218 -25.06 -12.80 1.20
CA CYS A 218 -24.23 -12.21 0.17
C CYS A 218 -23.03 -11.54 0.83
N THR A 219 -21.94 -11.44 0.08
CA THR A 219 -20.74 -10.77 0.56
C THR A 219 -20.97 -9.26 0.61
N HIS A 220 -20.01 -8.56 1.23
CA HIS A 220 -20.10 -7.11 1.32
C HIS A 220 -19.73 -6.48 -0.02
N GLY A 221 -19.77 -5.15 -0.06
CA GLY A 221 -19.47 -4.42 -1.28
C GLY A 221 -18.02 -4.53 -1.71
N ILE A 222 -17.75 -5.41 -2.68
CA ILE A 222 -16.41 -5.62 -3.21
C ILE A 222 -16.34 -4.98 -4.59
N LYS A 223 -15.45 -4.01 -4.75
CA LYS A 223 -15.26 -3.34 -6.03
C LYS A 223 -14.17 -4.05 -6.82
N PRO A 224 -14.47 -4.62 -7.99
CA PRO A 224 -13.43 -5.33 -8.75
C PRO A 224 -12.40 -4.38 -9.32
N VAL A 225 -11.40 -4.04 -8.52
CA VAL A 225 -10.34 -3.12 -8.94
C VAL A 225 -9.17 -3.95 -9.44
N VAL A 226 -8.69 -3.62 -10.65
CA VAL A 226 -7.57 -4.29 -11.27
C VAL A 226 -6.35 -3.38 -11.16
N SER A 227 -5.23 -3.93 -10.72
CA SER A 227 -4.04 -3.13 -10.47
C SER A 227 -2.82 -4.05 -10.41
N THR A 228 -1.67 -3.43 -10.16
CA THR A 228 -0.40 -4.13 -10.03
C THR A 228 0.43 -3.39 -8.98
N GLN A 229 1.22 -4.15 -8.22
CA GLN A 229 2.09 -3.61 -7.18
C GLN A 229 1.30 -2.95 -6.05
N LEU A 230 0.40 -2.04 -6.39
CA LEU A 230 -0.41 -1.30 -5.42
C LEU A 230 -1.87 -1.64 -5.62
N LEU A 231 -2.50 -2.20 -4.60
CA LEU A 231 -3.93 -2.44 -4.59
C LEU A 231 -4.63 -1.30 -3.87
N LEU A 232 -5.67 -0.75 -4.47
CA LEU A 232 -6.25 0.50 -4.02
C LEU A 232 -7.77 0.43 -4.03
N ASN A 233 -8.39 1.39 -3.35
CA ASN A 233 -9.85 1.46 -3.20
C ASN A 233 -10.41 0.16 -2.61
N GLY A 234 -9.66 -0.43 -1.69
CA GLY A 234 -10.06 -1.65 -1.03
C GLY A 234 -10.46 -1.41 0.42
N SER A 235 -10.59 -2.51 1.15
CA SER A 235 -10.91 -2.46 2.56
C SER A 235 -9.62 -2.32 3.38
N LEU A 236 -9.78 -1.90 4.63
CA LEU A 236 -8.66 -1.69 5.53
C LEU A 236 -8.65 -2.76 6.62
N ALA A 237 -7.46 -3.28 6.92
CA ALA A 237 -7.32 -4.26 7.98
C ALA A 237 -7.51 -3.60 9.34
N GLU A 238 -8.41 -4.16 10.14
CA GLU A 238 -8.69 -3.62 11.46
C GLU A 238 -7.61 -4.06 12.44
N GLY A 239 -7.05 -3.10 13.16
CA GLY A 239 -6.04 -3.39 14.15
C GLY A 239 -4.62 -3.41 13.62
N GLU A 240 -4.14 -4.59 13.24
CA GLU A 240 -2.77 -4.78 12.79
C GLU A 240 -2.70 -4.78 11.27
N ILE A 241 -1.50 -4.53 10.75
CA ILE A 241 -1.23 -4.66 9.32
C ILE A 241 -0.98 -6.12 9.02
N ILE A 242 -1.77 -6.70 8.13
CA ILE A 242 -1.81 -8.14 7.92
C ILE A 242 -0.92 -8.54 6.76
N ILE A 243 -0.19 -9.63 6.93
CA ILE A 243 0.61 -10.24 5.87
C ILE A 243 -0.02 -11.59 5.54
N ARG A 244 -0.41 -11.78 4.28
CA ARG A 244 -1.08 -12.99 3.83
C ARG A 244 -0.30 -13.60 2.68
N SER A 245 0.19 -14.81 2.86
CA SER A 245 0.88 -15.53 1.80
C SER A 245 0.47 -17.00 1.83
N GLU A 246 0.36 -17.59 0.65
CA GLU A 246 0.15 -19.04 0.57
C GLU A 246 1.32 -19.80 1.19
N ASN A 247 2.53 -19.23 1.08
CA ASN A 247 3.74 -19.90 1.55
C ASN A 247 4.90 -18.91 1.59
N LEU A 248 5.29 -18.49 2.79
CA LEU A 248 6.35 -17.49 2.92
C LEU A 248 7.70 -18.04 2.48
N THR A 249 8.05 -19.25 2.92
CA THR A 249 9.35 -19.83 2.59
C THR A 249 9.49 -20.10 1.10
N ASN A 250 8.38 -20.20 0.37
CA ASN A 250 8.43 -20.40 -1.07
C ASN A 250 8.78 -19.08 -1.75
N ASN A 251 9.89 -19.06 -2.48
CA ASN A 251 10.37 -17.83 -3.09
C ASN A 251 9.55 -17.39 -4.31
N VAL A 252 8.79 -18.31 -4.91
CA VAL A 252 8.18 -17.98 -6.21
C VAL A 252 6.85 -17.26 -6.03
N LYS A 253 6.01 -17.71 -5.10
CA LYS A 253 4.67 -17.16 -4.99
C LYS A 253 4.68 -15.83 -4.28
N THR A 254 3.66 -15.01 -4.57
CA THR A 254 3.61 -13.63 -4.12
C THR A 254 3.26 -13.57 -2.63
N ILE A 255 3.24 -12.34 -2.11
CA ILE A 255 2.80 -12.06 -0.75
C ILE A 255 1.93 -10.82 -0.79
N ILE A 256 0.74 -10.92 -0.19
CA ILE A 256 -0.24 -9.84 -0.14
C ILE A 256 -0.10 -9.11 1.18
N VAL A 257 -0.14 -7.78 1.13
CA VAL A 257 -0.06 -6.93 2.31
C VAL A 257 -1.38 -6.17 2.43
N HIS A 258 -2.05 -6.32 3.57
CA HIS A 258 -3.29 -5.62 3.86
C HIS A 258 -3.00 -4.54 4.90
N LEU A 259 -3.31 -3.30 4.55
CA LEU A 259 -2.92 -2.16 5.35
C LEU A 259 -3.98 -1.80 6.39
N ASN A 260 -3.53 -1.08 7.41
CA ASN A 260 -4.35 -0.62 8.53
C ASN A 260 -4.86 0.80 8.34
N GLU A 261 -4.25 1.56 7.42
CA GLU A 261 -4.76 2.88 7.05
C GLU A 261 -4.31 3.18 5.63
N SER A 262 -5.25 3.54 4.77
CA SER A 262 -4.98 3.74 3.35
C SER A 262 -4.11 4.97 3.14
N VAL A 263 -3.47 5.04 1.97
CA VAL A 263 -2.60 6.15 1.59
C VAL A 263 -3.13 6.78 0.31
N GLU A 264 -3.06 8.11 0.23
CA GLU A 264 -3.58 8.85 -0.90
C GLU A 264 -2.64 8.76 -2.10
N ILE A 265 -3.21 8.43 -3.26
CA ILE A 265 -2.52 8.50 -4.54
C ILE A 265 -3.43 9.25 -5.50
N VAL A 266 -2.92 10.36 -6.06
CA VAL A 266 -3.70 11.23 -6.93
C VAL A 266 -3.07 11.17 -8.31
N CYS A 267 -3.80 10.63 -9.28
CA CYS A 267 -3.27 10.42 -10.63
C CYS A 267 -3.93 11.38 -11.61
N THR A 268 -3.12 12.05 -12.42
CA THR A 268 -3.61 13.05 -13.37
C THR A 268 -2.94 12.88 -14.72
N ARG A 269 -3.73 13.04 -15.78
CA ARG A 269 -3.23 13.23 -17.14
C ARG A 269 -3.47 14.69 -17.50
N PRO A 270 -2.43 15.52 -17.60
CA PRO A 270 -2.63 16.96 -17.77
C PRO A 270 -2.80 17.41 -19.21
N ASN A 271 -2.98 16.49 -20.16
CA ASN A 271 -3.11 16.86 -21.57
C ASN A 271 -4.59 17.02 -21.89
N ASN A 272 -5.06 18.28 -21.93
CA ASN A 272 -6.40 18.59 -22.39
C ASN A 272 -6.53 18.11 -23.83
N ASN A 273 -6.78 16.80 -23.99
CA ASN A 273 -6.80 16.18 -25.30
C ASN A 273 -8.07 16.56 -26.07
N THR A 274 -8.16 16.06 -27.30
CA THR A 274 -9.32 16.26 -28.14
C THR A 274 -9.65 14.95 -28.85
N ARG A 275 -10.93 14.78 -29.17
CA ARG A 275 -11.43 13.58 -29.83
C ARG A 275 -11.82 13.90 -31.26
N LYS A 276 -11.30 13.12 -32.21
CA LYS A 276 -11.58 13.30 -33.64
C LYS A 276 -12.19 12.01 -34.17
N SER A 277 -13.46 12.06 -34.56
CA SER A 277 -14.16 10.91 -35.09
C SER A 277 -13.98 10.83 -36.60
N ILE A 278 -13.39 9.74 -37.07
CA ILE A 278 -13.17 9.51 -38.49
C ILE A 278 -13.85 8.21 -38.88
N ARG A 279 -14.53 8.21 -40.03
CA ARG A 279 -15.24 7.03 -40.50
C ARG A 279 -14.26 6.07 -41.17
N ILE A 280 -14.38 4.79 -40.83
CA ILE A 280 -13.57 3.75 -41.45
C ILE A 280 -14.48 2.62 -41.93
N GLY A 281 -15.75 2.95 -42.21
CA GLY A 281 -16.71 1.99 -42.67
C GLY A 281 -18.13 2.44 -42.46
N PRO A 282 -19.09 1.68 -42.98
CA PRO A 282 -20.51 2.03 -42.80
C PRO A 282 -20.93 1.95 -41.34
N GLY A 283 -21.21 3.10 -40.72
CA GLY A 283 -21.57 3.16 -39.33
C GLY A 283 -20.42 3.11 -38.36
N GLN A 284 -19.25 2.65 -38.79
CA GLN A 284 -18.07 2.57 -37.93
C GLN A 284 -17.39 3.94 -37.89
N THR A 285 -17.38 4.56 -36.71
CA THR A 285 -16.74 5.86 -36.51
C THR A 285 -15.61 5.68 -35.50
N PHE A 286 -14.42 5.38 -36.01
CA PHE A 286 -13.25 5.24 -35.14
C PHE A 286 -12.87 6.59 -34.54
N TYR A 287 -12.75 6.63 -33.22
CA TYR A 287 -12.41 7.84 -32.49
C TYR A 287 -10.91 7.85 -32.23
N ALA A 288 -10.22 8.88 -32.73
CA ALA A 288 -8.78 9.02 -32.60
C ALA A 288 -8.45 10.26 -31.79
N THR A 289 -7.18 10.35 -31.38
CA THR A 289 -6.71 11.46 -30.59
C THR A 289 -6.43 12.66 -31.49
N GLY A 290 -7.15 13.75 -31.27
CA GLY A 290 -6.87 14.99 -31.96
C GLY A 290 -5.59 15.63 -31.45
N ASP A 291 -5.30 16.80 -31.99
CA ASP A 291 -4.11 17.52 -31.56
C ASP A 291 -4.25 17.98 -30.11
N ILE A 292 -3.18 17.82 -29.34
CA ILE A 292 -3.22 18.14 -27.92
C ILE A 292 -3.31 19.64 -27.75
N ILE A 293 -4.38 20.11 -27.10
CA ILE A 293 -4.59 21.53 -26.87
C ILE A 293 -3.82 21.94 -25.63
N GLY A 294 -2.86 22.85 -25.81
CA GLY A 294 -2.08 23.36 -24.70
C GLY A 294 -0.70 22.76 -24.60
N ASN A 295 -0.15 22.71 -23.37
CA ASN A 295 1.18 22.21 -23.17
C ASN A 295 1.23 20.70 -23.40
N ILE A 296 2.46 20.18 -23.48
CA ILE A 296 2.67 18.74 -23.62
C ILE A 296 3.33 18.21 -22.36
N ARG A 297 2.51 17.74 -21.42
CA ARG A 297 2.98 17.14 -20.18
C ARG A 297 2.71 15.64 -20.19
N GLN A 298 3.29 14.95 -19.22
CA GLN A 298 3.09 13.51 -19.06
C GLN A 298 2.32 13.25 -17.77
N ALA A 299 1.50 12.20 -17.81
CA ALA A 299 0.67 11.86 -16.66
C ALA A 299 1.54 11.47 -15.47
N TYR A 300 1.02 11.70 -14.27
CA TYR A 300 1.80 11.45 -13.06
C TYR A 300 0.84 11.09 -11.92
N CYS A 301 1.43 10.66 -10.81
CA CYS A 301 0.65 10.36 -9.60
C CYS A 301 1.42 10.81 -8.38
N ASN A 302 0.79 11.66 -7.56
CA ASN A 302 1.39 12.13 -6.32
C ASN A 302 0.94 11.24 -5.16
N ILE A 303 1.89 10.90 -4.29
CA ILE A 303 1.64 10.10 -3.09
C ILE A 303 2.34 10.77 -1.92
N SER A 304 1.60 11.03 -0.85
CA SER A 304 2.16 11.71 0.31
C SER A 304 3.37 10.96 0.84
N LYS A 305 4.53 11.63 0.84
CA LYS A 305 5.77 10.98 1.24
C LYS A 305 5.76 10.58 2.72
N ASP A 306 5.11 11.38 3.58
CA ASP A 306 5.05 11.05 4.99
C ASP A 306 4.23 9.78 5.22
N ASP A 307 2.99 9.76 4.71
CA ASP A 307 2.14 8.59 4.89
C ASP A 307 2.72 7.35 4.21
N TRP A 308 3.32 7.52 3.03
CA TRP A 308 3.88 6.39 2.32
C TRP A 308 5.12 5.84 3.03
N ILE A 309 5.98 6.72 3.55
CA ILE A 309 7.18 6.24 4.21
C ILE A 309 6.85 5.63 5.56
N ARG A 310 5.82 6.15 6.24
CA ARG A 310 5.36 5.51 7.47
C ARG A 310 4.76 4.14 7.17
N THR A 311 3.96 4.04 6.10
CA THR A 311 3.35 2.77 5.74
C THR A 311 4.43 1.74 5.36
N LEU A 312 5.44 2.16 4.61
CA LEU A 312 6.51 1.24 4.26
C LEU A 312 7.37 0.88 5.48
N GLN A 313 7.46 1.79 6.46
CA GLN A 313 8.12 1.44 7.72
C GLN A 313 7.35 0.34 8.45
N ARG A 314 6.05 0.53 8.64
CA ARG A 314 5.26 -0.45 9.37
C ARG A 314 5.23 -1.79 8.63
N VAL A 315 5.12 -1.75 7.30
CA VAL A 315 5.19 -2.98 6.52
C VAL A 315 6.56 -3.63 6.67
N GLY A 316 7.61 -2.81 6.77
CA GLY A 316 8.94 -3.36 7.01
C GLY A 316 9.04 -4.06 8.35
N LYS A 317 8.37 -3.52 9.37
CA LYS A 317 8.38 -4.17 10.67
C LYS A 317 7.57 -5.46 10.65
N LYS A 318 6.38 -5.44 10.02
CA LYS A 318 5.59 -6.65 9.89
C LYS A 318 6.34 -7.72 9.09
N LEU A 319 7.19 -7.30 8.16
CA LEU A 319 8.03 -8.27 7.46
C LEU A 319 9.18 -8.75 8.34
N ALA A 320 9.67 -7.89 9.24
CA ALA A 320 10.68 -8.32 10.20
C ALA A 320 10.11 -9.29 11.22
N GLU A 321 8.80 -9.29 11.43
CA GLU A 321 8.18 -10.27 12.32
C GLU A 321 8.32 -11.67 11.78
N HIS A 322 7.76 -11.92 10.59
CA HIS A 322 7.80 -13.24 9.98
C HIS A 322 9.19 -13.66 9.52
N PHE A 323 10.15 -12.74 9.53
CA PHE A 323 11.51 -13.03 9.07
C PHE A 323 12.51 -12.66 10.15
N PRO A 324 13.04 -13.64 10.89
CA PRO A 324 14.17 -13.37 11.79
C PRO A 324 15.48 -13.33 11.03
N ARG A 325 15.45 -12.75 9.82
CA ARG A 325 16.59 -12.76 8.91
C ARG A 325 17.53 -11.60 9.17
N ARG A 326 17.56 -10.64 8.25
CA ARG A 326 18.45 -9.49 8.38
C ARG A 326 17.75 -8.20 7.98
N ILE A 327 18.49 -7.29 7.34
CA ILE A 327 17.94 -6.00 6.96
C ILE A 327 16.97 -6.18 5.81
N ILE A 328 15.82 -5.50 5.89
CA ILE A 328 14.77 -5.61 4.88
C ILE A 328 15.07 -4.58 3.80
N ASN A 329 15.67 -5.04 2.71
CA ASN A 329 15.96 -4.21 1.55
C ASN A 329 14.76 -4.23 0.60
N PHE A 330 14.27 -3.05 0.24
CA PHE A 330 13.18 -2.90 -0.71
C PHE A 330 13.72 -2.32 -2.01
N THR A 331 13.37 -2.94 -3.13
CA THR A 331 13.81 -2.45 -4.44
C THR A 331 12.63 -2.45 -5.40
N SER A 332 12.89 -2.00 -6.61
CA SER A 332 11.95 -2.09 -7.72
C SER A 332 12.06 -3.47 -8.37
N PRO A 333 11.11 -3.85 -9.22
CA PRO A 333 11.21 -5.15 -9.90
C PRO A 333 12.47 -5.22 -10.76
N ALA A 334 12.79 -6.45 -11.18
CA ALA A 334 14.02 -6.70 -11.92
C ALA A 334 14.02 -5.96 -13.25
N GLY A 335 12.97 -6.15 -14.06
CA GLY A 335 12.89 -5.49 -15.34
C GLY A 335 12.35 -6.39 -16.44
N GLY A 336 12.20 -5.83 -17.64
CA GLY A 336 11.73 -6.61 -18.77
C GLY A 336 10.37 -6.19 -19.29
N ASP A 337 9.34 -6.97 -18.97
CA ASP A 337 8.00 -6.68 -19.46
C ASP A 337 7.50 -5.38 -18.84
N LEU A 338 6.96 -4.50 -19.69
CA LEU A 338 6.51 -3.19 -19.21
C LEU A 338 5.28 -3.33 -18.31
N GLU A 339 4.34 -4.19 -18.67
CA GLU A 339 3.13 -4.35 -17.89
C GLU A 339 3.37 -5.07 -16.57
N ILE A 340 4.56 -5.62 -16.35
CA ILE A 340 4.91 -6.25 -15.09
C ILE A 340 5.65 -5.30 -14.16
N THR A 341 6.58 -4.51 -14.72
CA THR A 341 7.41 -3.61 -13.93
C THR A 341 6.75 -2.28 -13.63
N THR A 342 5.47 -2.12 -13.93
CA THR A 342 4.79 -0.84 -13.77
C THR A 342 3.51 -1.02 -12.98
N HIS A 343 3.20 -0.04 -12.11
CA HIS A 343 1.90 0.05 -11.48
C HIS A 343 0.87 0.42 -12.53
N SER A 344 0.24 -0.59 -13.13
CA SER A 344 -0.70 -0.40 -14.23
C SER A 344 -2.13 -0.45 -13.70
N PHE A 345 -2.98 0.43 -14.22
CA PHE A 345 -4.38 0.49 -13.81
C PHE A 345 -5.13 1.35 -14.80
N ASN A 346 -6.36 1.72 -14.44
CA ASN A 346 -7.23 2.55 -15.26
C ASN A 346 -7.68 3.75 -14.47
N CYS A 347 -7.86 4.88 -15.17
CA CYS A 347 -8.33 6.13 -14.56
C CYS A 347 -9.34 6.76 -15.51
N ARG A 348 -10.54 6.15 -15.55
CA ARG A 348 -11.62 6.56 -16.45
C ARG A 348 -11.16 6.54 -17.90
N GLY A 349 -11.22 5.37 -18.53
CA GLY A 349 -10.84 5.24 -19.93
C GLY A 349 -9.37 5.04 -20.23
N GLU A 350 -8.52 5.95 -19.74
CA GLU A 350 -7.09 5.87 -20.02
C GLU A 350 -6.41 4.89 -19.08
N PHE A 351 -5.46 4.13 -19.64
CA PHE A 351 -4.76 3.07 -18.92
C PHE A 351 -3.35 3.54 -18.59
N PHE A 352 -3.09 3.69 -17.29
CA PHE A 352 -1.86 4.24 -16.77
C PHE A 352 -0.87 3.13 -16.42
N TYR A 353 0.41 3.43 -16.63
CA TYR A 353 1.52 2.53 -16.28
C TYR A 353 2.54 3.38 -15.54
N CYS A 354 2.60 3.24 -14.23
CA CYS A 354 3.44 4.07 -13.38
C CYS A 354 4.77 3.39 -13.07
N ASN A 355 5.80 4.21 -12.88
CA ASN A 355 7.13 3.74 -12.50
C ASN A 355 7.31 4.08 -11.02
N THR A 356 7.18 3.08 -10.17
CA THR A 356 7.23 3.25 -8.72
C THR A 356 8.62 3.00 -8.16
N SER A 357 9.64 3.58 -8.80
CA SER A 357 11.01 3.41 -8.31
C SER A 357 11.28 4.27 -7.09
N SER A 358 10.72 5.48 -7.05
CA SER A 358 10.89 6.36 -5.89
C SER A 358 10.13 5.87 -4.67
N LEU A 359 9.16 4.97 -4.85
CA LEU A 359 8.41 4.44 -3.72
C LEU A 359 9.16 3.31 -3.04
N PHE A 360 9.63 2.33 -3.81
CA PHE A 360 10.31 1.16 -3.29
C PHE A 360 11.81 1.40 -3.41
N ASN A 361 12.37 2.04 -2.39
CA ASN A 361 13.77 2.47 -2.37
C ASN A 361 14.17 2.67 -0.91
N SER A 362 13.70 1.78 -0.04
CA SER A 362 13.92 1.89 1.39
C SER A 362 14.56 0.62 1.94
N THR A 363 15.17 0.75 3.11
CA THR A 363 15.84 -0.37 3.76
C THR A 363 15.88 -0.10 5.26
N TYR A 364 15.31 -1.01 6.05
CA TYR A 364 15.18 -0.83 7.49
C TYR A 364 15.82 -2.00 8.21
N ASN A 365 16.63 -1.69 9.27
CA ASN A 365 17.47 -2.57 10.07
C ASN A 365 16.71 -3.13 11.27
N PRO A 366 17.04 -4.36 11.69
CA PRO A 366 16.50 -4.85 12.97
C PRO A 366 17.09 -4.14 14.17
N ASN A 367 18.39 -3.86 14.15
CA ASN A 367 19.01 -3.06 15.20
C ASN A 367 18.55 -1.61 15.20
N ASP A 368 17.92 -1.16 14.11
CA ASP A 368 17.61 0.25 13.83
C ASP A 368 18.88 1.05 13.53
N THR A 369 20.01 0.64 14.11
CA THR A 369 21.30 1.30 13.94
C THR A 369 21.18 2.80 14.18
N ASN A 370 20.66 3.53 13.19
CA ASN A 370 20.43 4.96 13.32
C ASN A 370 19.37 5.44 12.34
N SER A 374 14.68 12.58 9.85
CA SER A 374 13.52 12.65 10.74
C SER A 374 12.81 13.99 10.60
N SER A 375 12.19 14.43 11.70
CA SER A 375 11.47 15.71 11.76
C SER A 375 10.35 15.77 10.73
N SER A 376 9.79 16.97 10.54
CA SER A 376 8.73 17.19 9.58
C SER A 376 9.29 17.85 8.33
N ASN A 377 8.77 17.45 7.17
CA ASN A 377 9.23 17.95 5.88
C ASN A 377 8.06 18.39 5.02
N SER A 378 7.16 19.17 5.62
CA SER A 378 5.98 19.73 4.95
C SER A 378 5.15 18.57 4.40
N SER A 379 4.89 18.51 3.10
CA SER A 379 4.15 17.40 2.51
C SER A 379 4.65 17.17 1.09
N LEU A 380 5.97 16.97 0.96
CA LEU A 380 6.58 16.77 -0.35
C LEU A 380 6.07 15.50 -1.00
N ASP A 381 4.94 15.60 -1.70
CA ASP A 381 4.34 14.43 -2.33
C ASP A 381 5.28 13.82 -3.36
N ILE A 382 5.70 12.58 -3.12
CA ILE A 382 6.48 11.85 -4.10
C ILE A 382 5.69 11.76 -5.39
N THR A 383 6.28 12.28 -6.47
CA THR A 383 5.64 12.30 -7.78
C THR A 383 6.11 11.09 -8.59
N ILE A 384 5.19 10.50 -9.33
CA ILE A 384 5.44 9.29 -10.09
C ILE A 384 5.18 9.58 -11.56
N PRO A 385 6.19 9.50 -12.43
CA PRO A 385 5.95 9.65 -13.87
C PRO A 385 5.24 8.43 -14.43
N CYS A 386 4.03 8.64 -14.92
CA CYS A 386 3.14 7.56 -15.35
C CYS A 386 2.86 7.70 -16.83
N ARG A 387 3.25 6.69 -17.61
CA ARG A 387 2.96 6.70 -19.03
C ARG A 387 1.56 6.15 -19.27
N ILE A 388 1.12 6.19 -20.53
CA ILE A 388 -0.25 5.82 -20.89
C ILE A 388 -0.20 4.89 -22.09
N LYS A 389 -1.05 3.86 -22.07
CA LYS A 389 -1.22 2.99 -23.22
C LYS A 389 -2.64 3.11 -23.75
N GLN A 390 -2.78 2.97 -25.07
CA GLN A 390 -4.10 2.98 -25.71
C GLN A 390 -4.52 1.65 -26.31
N ILE A 391 -3.57 0.76 -26.60
CA ILE A 391 -3.86 -0.58 -27.09
C ILE A 391 -3.21 -1.56 -26.13
N ILE A 392 -4.03 -2.25 -25.33
CA ILE A 392 -3.54 -3.10 -24.26
C ILE A 392 -3.99 -4.53 -24.51
N ASN A 393 -3.23 -5.48 -23.98
CA ASN A 393 -3.55 -6.90 -24.09
C ASN A 393 -3.35 -7.59 -22.75
N MET A 394 -3.68 -6.90 -21.65
CA MET A 394 -3.57 -7.50 -20.33
C MET A 394 -4.75 -8.43 -20.08
N TRP A 395 -5.15 -8.58 -18.81
CA TRP A 395 -6.17 -9.54 -18.41
C TRP A 395 -5.83 -10.96 -18.84
N GLN A 396 -4.53 -11.24 -18.98
CA GLN A 396 -4.02 -12.45 -19.61
C GLN A 396 -4.42 -12.48 -21.09
N ARG A 397 -3.72 -13.28 -21.90
CA ARG A 397 -3.93 -13.28 -23.34
C ARG A 397 -5.36 -13.64 -23.72
N VAL A 398 -6.15 -14.20 -22.79
CA VAL A 398 -7.53 -14.54 -23.09
C VAL A 398 -8.32 -13.29 -23.45
N GLY A 399 -8.17 -12.24 -22.65
CA GLY A 399 -8.82 -10.98 -22.95
C GLY A 399 -8.18 -10.26 -24.12
N GLN A 400 -8.86 -10.26 -25.26
CA GLN A 400 -8.30 -9.66 -26.47
C GLN A 400 -8.16 -8.16 -26.30
N CYS A 401 -7.37 -7.56 -27.20
CA CYS A 401 -7.02 -6.15 -27.09
C CYS A 401 -8.24 -5.26 -27.29
N MET A 402 -8.07 -3.99 -26.92
CA MET A 402 -9.07 -2.97 -27.15
C MET A 402 -8.37 -1.62 -27.25
N TYR A 403 -8.83 -0.80 -28.19
CA TYR A 403 -8.30 0.56 -28.32
C TYR A 403 -9.04 1.46 -27.35
N ALA A 404 -8.36 1.87 -26.28
CA ALA A 404 -8.93 2.81 -25.32
C ALA A 404 -9.19 4.14 -26.03
N PRO A 405 -10.45 4.53 -26.21
CA PRO A 405 -10.73 5.76 -26.93
C PRO A 405 -10.22 6.97 -26.18
N PRO A 406 -9.74 8.00 -26.88
CA PRO A 406 -9.21 9.17 -26.19
C PRO A 406 -10.28 9.90 -25.41
N ILE A 407 -9.89 10.42 -24.25
CA ILE A 407 -10.81 11.13 -23.35
C ILE A 407 -10.52 12.62 -23.46
N GLU A 408 -11.54 13.39 -23.85
CA GLU A 408 -11.37 14.83 -24.00
C GLU A 408 -11.16 15.49 -22.64
N GLY A 409 -10.39 16.58 -22.66
CA GLY A 409 -10.07 17.31 -21.44
C GLY A 409 -8.99 16.61 -20.64
N ASN A 410 -8.63 17.24 -19.53
CA ASN A 410 -7.65 16.67 -18.62
C ASN A 410 -8.32 15.67 -17.69
N ILE A 411 -7.50 14.80 -17.10
CA ILE A 411 -8.00 13.71 -16.28
C ILE A 411 -7.39 13.80 -14.89
N THR A 412 -8.21 13.54 -13.87
CA THR A 412 -7.77 13.56 -12.48
C THR A 412 -8.62 12.58 -11.69
N CYS A 413 -7.97 11.63 -11.01
CA CYS A 413 -8.65 10.64 -10.20
C CYS A 413 -7.91 10.44 -8.90
N LYS A 414 -8.65 10.47 -7.79
CA LYS A 414 -8.12 10.13 -6.48
C LYS A 414 -8.24 8.63 -6.24
N SER A 415 -7.37 8.11 -5.37
CA SER A 415 -7.45 6.71 -5.00
C SER A 415 -6.76 6.52 -3.65
N ASN A 416 -7.22 5.51 -2.91
CA ASN A 416 -6.65 5.13 -1.62
C ASN A 416 -6.05 3.74 -1.76
N ILE A 417 -4.73 3.65 -1.70
CA ILE A 417 -4.08 2.34 -1.67
C ILE A 417 -4.26 1.74 -0.29
N THR A 418 -4.69 0.48 -0.25
CA THR A 418 -5.00 -0.21 1.00
C THR A 418 -4.19 -1.50 1.15
N GLY A 419 -3.08 -1.62 0.43
CA GLY A 419 -2.27 -2.82 0.53
C GLY A 419 -1.17 -2.81 -0.51
N LEU A 420 -0.36 -3.86 -0.45
CA LEU A 420 0.77 -4.05 -1.35
C LEU A 420 0.75 -5.47 -1.90
N LEU A 421 1.54 -5.67 -2.95
CA LEU A 421 1.72 -6.99 -3.59
C LEU A 421 3.22 -7.19 -3.77
N LEU A 422 3.87 -7.79 -2.77
CA LEU A 422 5.31 -7.94 -2.76
C LEU A 422 5.71 -9.34 -3.20
N VAL A 423 6.99 -9.50 -3.52
CA VAL A 423 7.58 -10.76 -3.94
C VAL A 423 9.00 -10.84 -3.37
N ARG A 424 9.35 -12.00 -2.84
CA ARG A 424 10.70 -12.26 -2.37
C ARG A 424 11.65 -12.43 -3.56
N ASP A 425 12.94 -12.44 -3.27
CA ASP A 425 13.98 -12.62 -4.28
C ASP A 425 14.66 -13.97 -4.19
N GLY A 426 15.23 -14.30 -3.03
CA GLY A 426 15.97 -15.55 -2.91
C GLY A 426 17.31 -15.47 -3.62
N GLY A 427 17.98 -16.63 -3.66
CA GLY A 427 19.27 -16.71 -4.32
C GLY A 427 20.42 -16.28 -3.45
N VAL A 428 20.15 -15.35 -2.53
CA VAL A 428 21.18 -14.90 -1.60
C VAL A 428 21.23 -15.86 -0.41
N GLU A 429 22.32 -15.76 0.36
CA GLU A 429 22.43 -16.55 1.58
C GLU A 429 21.29 -16.20 2.53
N SER A 430 20.66 -17.22 3.10
CA SER A 430 19.52 -17.00 3.98
C SER A 430 19.94 -16.20 5.20
N ASN A 431 19.13 -15.19 5.54
CA ASN A 431 19.31 -14.30 6.68
C ASN A 431 20.53 -13.40 6.56
N GLU A 432 21.20 -13.38 5.40
CA GLU A 432 22.23 -12.38 5.16
C GLU A 432 21.60 -11.04 4.79
N THR A 433 20.62 -11.07 3.89
CA THR A 433 19.89 -9.88 3.45
C THR A 433 18.64 -10.29 2.71
N GLU A 434 17.48 -9.81 3.15
CA GLU A 434 16.21 -10.15 2.54
C GLU A 434 15.75 -9.01 1.64
N ILE A 435 15.33 -9.33 0.43
CA ILE A 435 14.99 -8.35 -0.60
C ILE A 435 13.52 -8.52 -0.97
N PHE A 436 12.84 -7.40 -1.24
CA PHE A 436 11.44 -7.44 -1.66
C PHE A 436 11.23 -6.53 -2.87
N ARG A 437 10.42 -7.01 -3.81
CA ARG A 437 10.12 -6.30 -5.05
C ARG A 437 8.61 -6.27 -5.25
N PRO A 438 8.05 -5.13 -5.62
CA PRO A 438 6.61 -5.09 -5.94
C PRO A 438 6.32 -5.79 -7.26
N GLY A 439 5.06 -6.13 -7.45
CA GLY A 439 4.64 -6.78 -8.68
C GLY A 439 3.36 -7.56 -8.49
N GLY A 440 2.66 -7.75 -9.61
CA GLY A 440 1.44 -8.52 -9.64
C GLY A 440 1.36 -9.40 -10.87
N GLY A 441 2.19 -10.45 -10.90
CA GLY A 441 2.28 -11.29 -12.08
C GLY A 441 1.03 -12.10 -12.37
N ASP A 442 0.16 -12.28 -11.38
CA ASP A 442 -1.06 -13.05 -11.54
C ASP A 442 -2.28 -12.16 -11.33
N MET A 443 -3.34 -12.45 -12.07
CA MET A 443 -4.56 -11.65 -12.00
C MET A 443 -5.42 -12.02 -10.79
N ARG A 444 -5.37 -13.28 -10.35
CA ARG A 444 -6.26 -13.74 -9.29
C ARG A 444 -5.93 -13.11 -7.95
N ASN A 445 -4.66 -12.75 -7.72
CA ASN A 445 -4.25 -12.22 -6.42
C ASN A 445 -4.95 -10.91 -6.08
N ASN A 446 -5.47 -10.19 -7.08
CA ASN A 446 -6.23 -8.97 -6.79
C ASN A 446 -7.57 -9.27 -6.15
N TRP A 447 -8.13 -10.46 -6.37
CA TRP A 447 -9.42 -10.81 -5.78
C TRP A 447 -9.27 -11.55 -4.46
N ARG A 448 -8.20 -12.34 -4.30
CA ARG A 448 -7.97 -13.04 -3.04
C ARG A 448 -7.92 -12.06 -1.88
N SER A 449 -7.24 -10.93 -2.06
CA SER A 449 -7.13 -9.93 -1.00
C SER A 449 -8.48 -9.36 -0.57
N GLU A 450 -9.56 -9.66 -1.29
CA GLU A 450 -10.89 -9.28 -0.88
C GLU A 450 -11.82 -10.48 -0.71
N LEU A 451 -11.35 -11.69 -1.02
CA LEU A 451 -12.16 -12.90 -0.86
C LEU A 451 -11.55 -13.85 0.16
N TYR A 452 -10.71 -13.33 1.07
CA TYR A 452 -10.14 -14.17 2.12
C TYR A 452 -11.17 -14.49 3.21
N LYS A 453 -12.07 -13.55 3.50
CA LYS A 453 -13.04 -13.69 4.57
C LYS A 453 -14.36 -14.32 4.11
N TYR A 454 -14.31 -15.25 3.16
CA TYR A 454 -15.53 -15.89 2.67
C TYR A 454 -15.22 -17.32 2.27
N LYS A 455 -16.24 -18.18 2.37
CA LYS A 455 -16.10 -19.59 2.03
C LYS A 455 -17.46 -20.12 1.59
N VAL A 456 -17.42 -21.06 0.65
CA VAL A 456 -18.63 -21.69 0.12
C VAL A 456 -18.85 -23.01 0.85
N VAL A 457 -20.09 -23.26 1.29
CA VAL A 457 -20.43 -24.51 1.95
C VAL A 457 -21.73 -25.04 1.37
N GLU A 458 -21.86 -26.36 1.37
CA GLU A 458 -23.05 -27.05 0.86
C GLU A 458 -23.79 -27.68 2.03
N ILE A 459 -25.09 -27.40 2.12
CA ILE A 459 -25.89 -27.86 3.26
C ILE A 459 -26.35 -29.28 3.02
N LYS A 460 -26.21 -30.12 4.05
CA LYS A 460 -26.71 -31.49 4.04
C LYS A 460 -27.71 -31.65 5.18
N PRO A 461 -29.01 -31.56 4.90
CA PRO A 461 -30.01 -31.52 5.98
C PRO A 461 -30.42 -32.88 6.52
N LEU A 462 -29.84 -33.97 6.05
CA LEU A 462 -30.21 -35.30 6.51
C LEU A 462 -29.42 -35.66 7.77
N GLY A 463 -30.13 -36.02 8.83
CA GLY A 463 -29.49 -36.39 10.07
C GLY A 463 -30.08 -37.64 10.69
N ILE A 464 -29.39 -38.77 10.54
CA ILE A 464 -29.83 -40.04 11.10
C ILE A 464 -29.24 -40.17 12.50
N ALA A 465 -30.11 -40.15 13.51
CA ALA A 465 -29.69 -40.22 14.91
C ALA A 465 -30.60 -41.16 15.68
N PRO A 466 -30.04 -42.01 16.54
CA PRO A 466 -30.88 -42.96 17.30
C PRO A 466 -31.53 -42.29 18.50
N THR A 467 -32.76 -42.72 18.78
CA THR A 467 -33.49 -42.28 19.96
C THR A 467 -34.27 -43.46 20.52
N ARG A 468 -34.71 -43.32 21.78
CA ARG A 468 -35.50 -44.34 22.45
C ARG A 468 -36.98 -44.20 22.08
N ALA A 469 -37.26 -44.38 20.79
CA ALA A 469 -38.62 -44.25 20.28
C ALA A 469 -38.71 -44.98 18.94
N LYS A 470 -39.80 -45.71 18.76
CA LYS A 470 -40.08 -46.41 17.51
C LYS A 470 -41.46 -46.00 17.01
N ARG A 471 -41.64 -46.05 15.70
CA ARG A 471 -42.92 -45.72 15.10
C ARG A 471 -43.92 -46.85 15.33
N ARG A 472 -45.21 -46.50 15.31
CA ARG A 472 -46.26 -47.51 15.33
C ARG A 472 -46.14 -48.39 14.09
N VAL A 473 -45.47 -49.52 14.23
CA VAL A 473 -45.04 -50.33 13.10
C VAL A 473 -46.26 -50.98 12.45
N VAL A 474 -46.58 -50.55 11.24
CA VAL A 474 -47.60 -51.16 10.38
C VAL A 474 -48.91 -51.35 11.14
N GLU A 475 -49.02 -52.46 11.87
CA GLU A 475 -50.23 -52.80 12.59
C GLU A 475 -50.39 -51.92 13.83
N GLY A 476 -51.08 -50.80 13.69
CA GLY A 476 -51.29 -49.89 14.80
C GLY A 476 -52.31 -48.81 14.50
N GLY A 477 -53.57 -49.06 14.79
CA GLY A 477 -54.62 -48.10 14.53
C GLY A 477 -55.84 -48.29 15.42
N GLY A 478 -56.70 -49.23 15.05
CA GLY A 478 -57.91 -49.50 15.82
C GLY A 478 -59.02 -48.51 15.56
N GLY B 10 -32.18 -18.63 13.63
CA GLY B 10 -31.48 -18.22 12.42
C GLY B 10 -30.97 -19.40 11.61
N PHE B 11 -30.69 -19.15 10.33
CA PHE B 11 -30.20 -20.19 9.44
C PHE B 11 -28.82 -20.66 9.90
N LEU B 12 -28.70 -21.97 10.11
CA LEU B 12 -27.47 -22.61 10.58
C LEU B 12 -27.01 -22.09 11.93
N GLY B 13 -27.91 -21.45 12.69
CA GLY B 13 -27.54 -20.88 13.97
C GLY B 13 -27.13 -21.91 15.01
N ALA B 14 -27.56 -23.16 14.84
CA ALA B 14 -27.27 -24.24 15.78
C ALA B 14 -26.34 -25.28 15.17
N ALA B 15 -25.34 -24.83 14.41
CA ALA B 15 -24.34 -25.74 13.87
C ALA B 15 -23.29 -26.10 14.91
N GLY B 16 -22.93 -25.17 15.79
CA GLY B 16 -22.03 -25.46 16.88
C GLY B 16 -22.68 -25.87 18.17
N SER B 17 -24.01 -25.85 18.22
CA SER B 17 -24.73 -26.30 19.40
C SER B 17 -24.89 -27.82 19.37
N THR B 18 -25.18 -28.38 20.55
CA THR B 18 -25.39 -29.81 20.66
C THR B 18 -26.63 -30.23 19.87
N MET B 19 -26.72 -31.53 19.59
CA MET B 19 -27.83 -32.06 18.79
C MET B 19 -29.17 -31.88 19.47
N GLY B 20 -29.19 -31.72 20.80
CA GLY B 20 -30.45 -31.45 21.49
C GLY B 20 -30.98 -30.06 21.21
N ALA B 21 -30.10 -29.06 21.23
CA ALA B 21 -30.51 -27.69 20.96
C ALA B 21 -30.64 -27.40 19.46
N ALA B 22 -30.07 -28.25 18.61
CA ALA B 22 -30.15 -28.05 17.17
C ALA B 22 -31.40 -28.69 16.57
N SER B 23 -31.80 -29.86 17.06
CA SER B 23 -32.98 -30.54 16.55
C SER B 23 -34.27 -29.78 16.82
N ILE B 24 -34.23 -28.73 17.65
CA ILE B 24 -35.44 -27.95 17.93
C ILE B 24 -35.89 -27.22 16.67
N THR B 25 -35.05 -26.33 16.15
CA THR B 25 -35.39 -25.53 14.98
C THR B 25 -34.81 -26.20 13.74
N LEU B 26 -35.63 -27.03 13.09
CA LEU B 26 -35.25 -27.66 11.84
C LEU B 26 -36.00 -27.10 10.63
N THR B 27 -37.05 -26.31 10.84
CA THR B 27 -37.71 -25.64 9.74
C THR B 27 -36.85 -24.55 9.12
N VAL B 28 -35.88 -24.03 9.88
CA VAL B 28 -35.07 -22.92 9.39
C VAL B 28 -34.12 -23.39 8.29
N GLN B 29 -33.45 -24.53 8.51
CA GLN B 29 -32.57 -25.07 7.49
C GLN B 29 -33.34 -25.63 6.30
N ALA B 30 -34.61 -26.01 6.50
CA ALA B 30 -35.43 -26.52 5.41
C ALA B 30 -36.08 -25.40 4.60
N ARG B 31 -36.24 -24.22 5.18
CA ARG B 31 -36.82 -23.10 4.43
C ARG B 31 -35.85 -22.60 3.37
N GLN B 32 -34.70 -22.07 3.79
CA GLN B 32 -33.71 -21.54 2.86
C GLN B 32 -32.98 -22.60 2.05
N LEU B 33 -33.44 -23.85 2.05
CA LEU B 33 -32.86 -24.89 1.21
C LEU B 33 -33.40 -24.85 -0.22
N LEU B 34 -34.36 -23.97 -0.50
CA LEU B 34 -34.98 -23.91 -1.82
C LEU B 34 -35.72 -22.59 -2.02
N SER B 35 -36.20 -22.01 -0.92
CA SER B 35 -37.16 -20.91 -0.93
C SER B 35 -36.81 -19.79 -1.90
N GLY B 36 -37.01 -20.02 -3.20
CA GLY B 36 -37.02 -18.96 -4.16
C GLY B 36 -38.37 -18.28 -4.14
N ILE B 37 -38.44 -17.08 -3.55
CA ILE B 37 -39.72 -16.46 -3.27
C ILE B 37 -40.53 -16.25 -4.55
N VAL B 38 -41.85 -16.24 -4.40
CA VAL B 38 -42.77 -16.12 -5.53
C VAL B 38 -42.86 -14.67 -5.98
N GLN B 39 -42.04 -13.81 -5.37
CA GLN B 39 -41.98 -12.39 -5.69
C GLN B 39 -43.34 -11.71 -5.53
N GLN B 40 -44.19 -11.83 -6.56
CA GLN B 40 -45.46 -11.11 -6.64
C GLN B 40 -45.25 -9.60 -6.54
N GLN B 41 -44.11 -9.11 -7.02
CA GLN B 41 -43.79 -7.70 -6.96
C GLN B 41 -42.76 -7.34 -8.03
N LEU B 55 -35.04 -9.43 -14.47
CA LEU B 55 -34.98 -9.94 -15.84
C LEU B 55 -33.71 -10.76 -16.06
N GLN B 56 -33.69 -11.51 -17.15
CA GLN B 56 -32.53 -12.32 -17.52
C GLN B 56 -32.34 -12.27 -19.03
N LEU B 57 -31.09 -12.42 -19.46
CA LEU B 57 -30.73 -12.46 -20.87
C LEU B 57 -29.28 -12.89 -21.02
N GLY B 58 -28.99 -13.56 -22.12
CA GLY B 58 -27.64 -13.95 -22.46
C GLY B 58 -27.21 -15.26 -21.81
N VAL B 59 -26.20 -15.88 -22.43
CA VAL B 59 -25.65 -17.10 -21.87
C VAL B 59 -24.94 -16.83 -20.55
N TRP B 60 -24.40 -15.62 -20.37
CA TRP B 60 -23.83 -15.23 -19.08
C TRP B 60 -24.87 -15.28 -17.97
N GLY B 61 -26.14 -15.09 -18.32
CA GLY B 61 -27.20 -15.20 -17.34
C GLY B 61 -27.84 -16.58 -17.32
N ILE B 62 -27.17 -17.57 -17.90
CA ILE B 62 -27.71 -18.92 -17.87
C ILE B 62 -27.21 -19.71 -16.66
N LYS B 63 -26.01 -19.42 -16.16
CA LYS B 63 -25.53 -20.03 -14.93
C LYS B 63 -26.58 -19.94 -13.84
N GLN B 64 -27.14 -18.74 -13.65
CA GLN B 64 -28.25 -18.53 -12.73
C GLN B 64 -29.30 -19.62 -12.89
N LEU B 65 -29.86 -19.74 -14.11
CA LEU B 65 -30.86 -20.77 -14.35
C LEU B 65 -30.34 -22.14 -13.93
N GLN B 66 -29.12 -22.47 -14.35
CA GLN B 66 -28.56 -23.79 -14.05
C GLN B 66 -28.43 -23.99 -12.55
N THR B 67 -28.13 -22.93 -11.81
CA THR B 67 -28.12 -23.07 -10.35
C THR B 67 -29.51 -23.36 -9.83
N ARG B 68 -30.51 -22.60 -10.27
CA ARG B 68 -31.87 -22.78 -9.81
C ARG B 68 -32.29 -24.23 -9.96
N VAL B 69 -32.29 -24.72 -11.21
CA VAL B 69 -32.58 -26.12 -11.47
C VAL B 69 -31.79 -27.02 -10.52
N LEU B 70 -30.47 -26.80 -10.43
CA LEU B 70 -29.66 -27.64 -9.57
C LEU B 70 -30.21 -27.65 -8.16
N ALA B 71 -30.43 -26.46 -7.59
CA ALA B 71 -30.98 -26.38 -6.24
C ALA B 71 -32.30 -27.13 -6.16
N ILE B 72 -33.17 -26.95 -7.16
CA ILE B 72 -34.45 -27.65 -7.17
C ILE B 72 -34.22 -29.16 -7.07
N GLU B 73 -33.29 -29.67 -7.88
CA GLU B 73 -32.97 -31.09 -7.80
C GLU B 73 -32.51 -31.46 -6.41
N ARG B 74 -31.61 -30.64 -5.83
CA ARG B 74 -31.15 -30.89 -4.46
C ARG B 74 -32.32 -31.04 -3.50
N TYR B 75 -33.38 -30.27 -3.71
CA TYR B 75 -34.58 -30.46 -2.91
C TYR B 75 -35.24 -31.79 -3.25
N LEU B 76 -35.61 -31.96 -4.52
CA LEU B 76 -36.42 -33.10 -4.92
C LEU B 76 -35.67 -34.42 -4.88
N LYS B 77 -34.39 -34.41 -4.51
CA LYS B 77 -33.68 -35.64 -4.22
C LYS B 77 -33.88 -36.05 -2.77
N ASP B 78 -33.73 -35.08 -1.85
CA ASP B 78 -33.96 -35.41 -0.44
C ASP B 78 -35.42 -35.77 -0.20
N GLN B 79 -36.34 -34.99 -0.77
CA GLN B 79 -37.75 -35.34 -0.76
C GLN B 79 -37.99 -36.74 -1.31
N GLN B 80 -37.12 -37.21 -2.21
CA GLN B 80 -37.27 -38.58 -2.70
C GLN B 80 -36.79 -39.58 -1.67
N LEU B 81 -35.69 -39.30 -0.99
CA LEU B 81 -35.22 -40.20 0.06
C LEU B 81 -36.26 -40.32 1.16
N LEU B 82 -36.65 -39.18 1.74
CA LEU B 82 -37.78 -39.15 2.68
C LEU B 82 -39.05 -39.75 2.06
N GLY B 83 -39.15 -39.77 0.74
CA GLY B 83 -40.29 -40.43 0.12
C GLY B 83 -40.23 -41.94 0.28
N ILE B 84 -39.06 -42.54 0.06
CA ILE B 84 -38.95 -43.99 0.17
C ILE B 84 -38.71 -44.45 1.60
N TRP B 85 -38.63 -43.53 2.55
CA TRP B 85 -38.48 -43.85 3.95
C TRP B 85 -39.77 -43.67 4.75
N GLY B 86 -40.86 -43.28 4.09
CA GLY B 86 -42.10 -43.06 4.80
C GLY B 86 -42.13 -41.79 5.62
N CYS B 87 -41.22 -40.86 5.35
CA CYS B 87 -41.14 -39.61 6.10
C CYS B 87 -41.39 -38.42 5.19
N SER B 88 -42.51 -38.43 4.47
CA SER B 88 -42.75 -37.44 3.42
C SER B 88 -43.05 -36.07 4.01
N GLY B 89 -44.15 -35.97 4.77
CA GLY B 89 -44.65 -34.66 5.16
C GLY B 89 -44.01 -34.04 6.38
N LYS B 90 -43.35 -34.84 7.22
CA LYS B 90 -42.83 -34.37 8.50
C LYS B 90 -41.31 -34.33 8.48
N LEU B 91 -40.74 -33.41 9.27
CA LEU B 91 -39.30 -33.32 9.40
C LEU B 91 -38.77 -34.46 10.27
N ILE B 92 -39.29 -34.59 11.48
CA ILE B 92 -38.90 -35.65 12.40
C ILE B 92 -39.77 -36.88 12.12
N CYS B 93 -39.16 -38.06 12.18
CA CYS B 93 -39.93 -39.29 11.97
C CYS B 93 -39.19 -40.44 12.62
N THR B 94 -39.96 -41.36 13.20
CA THR B 94 -39.42 -42.58 13.77
C THR B 94 -39.44 -43.69 12.72
N THR B 95 -38.54 -44.65 12.90
CA THR B 95 -38.36 -45.75 11.96
C THR B 95 -38.51 -47.08 12.67
N ALA B 96 -38.62 -48.14 11.87
CA ALA B 96 -38.63 -49.50 12.38
C ALA B 96 -37.25 -50.14 12.36
N VAL B 97 -36.24 -49.44 11.87
CA VAL B 97 -34.88 -49.99 11.79
C VAL B 97 -34.23 -49.91 13.16
N PRO B 98 -33.70 -51.01 13.69
CA PRO B 98 -33.05 -50.96 15.00
C PRO B 98 -31.64 -50.38 14.92
N TRP B 99 -31.19 -49.83 16.03
CA TRP B 99 -29.84 -49.28 16.09
C TRP B 99 -28.82 -50.40 16.18
N ASN B 100 -27.71 -50.23 15.48
CA ASN B 100 -26.64 -51.22 15.43
C ASN B 100 -25.51 -50.80 16.36
N SER B 101 -25.01 -51.76 17.14
CA SER B 101 -24.00 -51.45 18.14
C SER B 101 -22.68 -51.01 17.52
N SER B 102 -22.37 -51.51 16.31
CA SER B 102 -21.10 -51.18 15.69
C SER B 102 -21.07 -49.77 15.12
N TRP B 103 -22.24 -49.13 15.00
CA TRP B 103 -22.27 -47.76 14.46
C TRP B 103 -21.75 -46.75 15.46
N SER B 104 -22.26 -46.80 16.70
CA SER B 104 -21.76 -45.93 17.76
C SER B 104 -22.02 -46.60 19.10
N ASN B 105 -21.11 -46.34 20.04
CA ASN B 105 -21.19 -46.89 21.39
C ASN B 105 -21.54 -45.81 22.40
N LYS B 106 -22.39 -44.87 22.01
CA LYS B 106 -22.72 -43.72 22.83
C LYS B 106 -24.11 -43.88 23.43
N SER B 107 -24.31 -43.20 24.56
CA SER B 107 -25.58 -43.23 25.27
C SER B 107 -26.45 -42.06 24.84
N HIS B 108 -27.57 -41.85 25.54
CA HIS B 108 -28.46 -40.73 25.21
C HIS B 108 -27.80 -39.40 25.59
N ASP B 109 -27.17 -39.34 26.75
CA ASP B 109 -26.46 -38.13 27.16
C ASP B 109 -25.09 -37.99 26.50
N GLU B 110 -24.64 -39.00 25.76
CA GLU B 110 -23.38 -38.95 25.04
C GLU B 110 -23.57 -38.58 23.57
N ILE B 111 -24.79 -38.19 23.18
CA ILE B 111 -25.08 -37.82 21.80
C ILE B 111 -25.76 -36.46 21.76
N TRP B 112 -26.88 -36.33 22.48
CA TRP B 112 -27.71 -35.13 22.43
C TRP B 112 -27.28 -34.08 23.44
N GLY B 113 -26.11 -34.20 24.03
CA GLY B 113 -25.62 -33.21 24.98
C GLY B 113 -24.12 -33.21 25.11
N ASN B 114 -23.42 -33.48 24.01
CA ASN B 114 -21.97 -33.61 24.03
C ASN B 114 -21.39 -33.44 22.63
N MET B 115 -22.21 -33.71 21.61
CA MET B 115 -21.77 -33.66 20.23
C MET B 115 -22.71 -32.78 19.41
N THR B 116 -22.12 -32.02 18.49
CA THR B 116 -22.88 -31.31 17.48
C THR B 116 -23.29 -32.28 16.37
N TRP B 117 -24.22 -31.85 15.52
CA TRP B 117 -24.58 -32.63 14.36
C TRP B 117 -23.40 -32.83 13.42
N MET B 118 -22.45 -31.89 13.41
CA MET B 118 -21.29 -31.99 12.55
C MET B 118 -20.42 -33.18 12.92
N GLN B 119 -19.84 -33.16 14.13
CA GLN B 119 -18.94 -34.23 14.55
C GLN B 119 -19.66 -35.57 14.65
N TRP B 120 -20.95 -35.54 14.98
CA TRP B 120 -21.73 -36.78 14.99
C TRP B 120 -21.84 -37.36 13.58
N ASP B 121 -22.21 -36.52 12.60
CA ASP B 121 -22.27 -36.99 11.22
C ASP B 121 -20.90 -37.43 10.72
N ARG B 122 -19.83 -36.85 11.27
CA ARG B 122 -18.49 -37.31 10.92
C ARG B 122 -18.18 -38.67 11.53
N GLU B 123 -18.73 -38.95 12.72
CA GLU B 123 -18.48 -40.24 13.36
C GLU B 123 -19.28 -41.37 12.69
N ILE B 124 -20.45 -41.05 12.14
CA ILE B 124 -21.26 -42.03 11.43
C ILE B 124 -20.93 -42.09 9.95
N SER B 125 -20.05 -41.21 9.46
CA SER B 125 -19.82 -41.08 8.02
C SER B 125 -19.23 -42.34 7.39
N ASN B 126 -18.65 -43.25 8.17
CA ASN B 126 -18.14 -44.48 7.59
C ASN B 126 -19.27 -45.36 7.06
N TYR B 127 -20.46 -45.24 7.64
CA TYR B 127 -21.59 -46.08 7.25
C TYR B 127 -22.60 -45.20 6.56
N THR B 128 -23.72 -44.84 7.21
CA THR B 128 -24.80 -44.07 6.60
C THR B 128 -25.36 -44.74 5.34
N ASN B 129 -24.49 -45.03 4.37
CA ASN B 129 -24.95 -45.72 3.16
C ASN B 129 -25.57 -47.06 3.50
N THR B 130 -24.97 -47.80 4.44
CA THR B 130 -25.60 -49.01 4.95
C THR B 130 -26.85 -48.67 5.76
N ILE B 131 -26.77 -47.61 6.57
CA ILE B 131 -27.94 -47.16 7.32
C ILE B 131 -29.02 -46.66 6.38
N TYR B 132 -28.64 -46.17 5.20
CA TYR B 132 -29.63 -45.76 4.21
C TYR B 132 -30.26 -46.97 3.54
N ARG B 133 -29.46 -47.96 3.16
CA ARG B 133 -30.01 -49.17 2.55
C ARG B 133 -30.96 -49.89 3.51
N LEU B 134 -30.56 -50.02 4.78
CA LEU B 134 -31.49 -50.55 5.78
C LEU B 134 -32.68 -49.62 6.00
N LEU B 135 -32.46 -48.31 5.84
CA LEU B 135 -33.53 -47.35 6.10
C LEU B 135 -34.64 -47.47 5.07
N GLU B 136 -34.28 -47.71 3.81
CA GLU B 136 -35.27 -47.91 2.75
C GLU B 136 -35.63 -49.38 2.55
N ASP B 137 -34.96 -50.29 3.25
CA ASP B 137 -35.17 -51.74 3.08
C ASP B 137 -35.78 -52.41 4.29
N SER B 138 -35.32 -52.09 5.51
CA SER B 138 -35.79 -52.81 6.68
C SER B 138 -37.24 -52.51 6.99
N GLN B 139 -37.75 -51.34 6.57
CA GLN B 139 -39.13 -50.96 6.86
C GLN B 139 -39.95 -50.83 5.58
N ASN B 140 -39.76 -49.77 4.79
CA ASN B 140 -40.66 -49.49 3.68
C ASN B 140 -40.62 -50.56 2.60
N GLN B 141 -39.57 -51.38 2.55
CA GLN B 141 -39.60 -52.56 1.70
C GLN B 141 -40.42 -53.67 2.31
N GLN B 142 -40.43 -53.76 3.65
CA GLN B 142 -41.21 -54.75 4.36
C GLN B 142 -42.59 -54.23 4.77
N GLU B 143 -42.70 -52.92 5.04
CA GLU B 143 -43.99 -52.34 5.40
C GLU B 143 -44.96 -52.41 4.23
N GLN B 144 -44.55 -51.91 3.06
CA GLN B 144 -45.43 -51.93 1.89
C GLN B 144 -45.76 -53.34 1.45
N ASN B 145 -44.93 -54.33 1.78
CA ASN B 145 -45.31 -55.72 1.55
C ASN B 145 -46.36 -56.18 2.56
N GLU B 146 -46.20 -55.77 3.82
CA GLU B 146 -47.16 -56.10 4.87
C GLU B 146 -48.28 -55.07 4.98
N LYS B 147 -48.48 -54.24 3.95
CA LYS B 147 -49.65 -53.38 3.86
C LYS B 147 -50.65 -53.87 2.83
N ASP B 148 -50.19 -54.51 1.76
CA ASP B 148 -51.09 -55.21 0.85
C ASP B 148 -51.57 -56.52 1.45
N LEU B 149 -50.74 -57.17 2.26
CA LEU B 149 -51.11 -58.42 2.92
C LEU B 149 -51.87 -58.20 4.22
N LEU B 150 -52.10 -56.95 4.62
CA LEU B 150 -52.82 -56.63 5.85
C LEU B 150 -54.16 -55.96 5.53
N ALA B 151 -54.15 -54.76 4.98
CA ALA B 151 -55.38 -54.04 4.67
C ALA B 151 -56.14 -54.71 3.53
N SER C 1 7.18 39.16 -43.89
CA SER C 1 7.60 39.75 -45.15
C SER C 1 7.75 41.27 -45.03
N TYR C 2 6.70 41.94 -44.58
CA TYR C 2 6.70 43.38 -44.39
C TYR C 2 5.89 43.72 -43.14
N VAL C 3 5.83 45.02 -42.84
CA VAL C 3 5.19 45.52 -41.64
C VAL C 3 3.72 45.73 -41.90
N SER C 4 2.85 45.38 -40.88
CA SER C 4 1.41 45.52 -40.88
C SER C 4 0.99 46.84 -40.24
N PRO C 5 0.04 47.55 -40.83
CA PRO C 5 -0.34 48.88 -40.32
C PRO C 5 -1.50 48.80 -39.32
N LEU C 6 -1.75 49.94 -38.68
CA LEU C 6 -2.83 50.09 -37.71
C LEU C 6 -3.01 51.57 -37.42
N SER C 7 -4.26 51.96 -37.15
CA SER C 7 -4.59 53.36 -36.88
C SER C 7 -5.52 53.43 -35.67
N VAL C 8 -5.16 54.28 -34.70
CA VAL C 8 -5.95 54.45 -33.48
C VAL C 8 -6.12 55.93 -33.23
N ALA C 9 -7.33 56.34 -32.85
CA ALA C 9 -7.63 57.74 -32.61
C ALA C 9 -6.89 58.24 -31.36
N LEU C 10 -6.71 59.56 -31.31
CA LEU C 10 -6.00 60.18 -30.20
C LEU C 10 -6.88 60.19 -28.96
N GLY C 11 -6.33 59.75 -27.83
CA GLY C 11 -7.03 59.76 -26.57
C GLY C 11 -7.83 58.51 -26.27
N GLU C 12 -7.96 57.60 -27.23
CA GLU C 12 -8.71 56.37 -27.04
C GLU C 12 -7.77 55.22 -26.67
N THR C 13 -8.33 54.03 -26.55
CA THR C 13 -7.57 52.83 -26.23
C THR C 13 -7.19 52.08 -27.50
N ALA C 14 -6.01 51.48 -27.48
CA ALA C 14 -5.46 50.76 -28.62
C ALA C 14 -5.21 49.32 -28.23
N ARG C 15 -5.86 48.38 -28.92
CA ARG C 15 -5.68 46.96 -28.70
C ARG C 15 -4.88 46.41 -29.88
N ILE C 16 -3.58 46.20 -29.66
CA ILE C 16 -2.67 45.75 -30.71
C ILE C 16 -2.57 44.23 -30.64
N SER C 17 -2.96 43.56 -31.71
CA SER C 17 -2.88 42.10 -31.74
C SER C 17 -1.45 41.64 -31.90
N CYS C 18 -1.22 40.36 -31.60
CA CYS C 18 0.07 39.72 -31.76
C CYS C 18 -0.10 38.56 -32.75
N GLY C 19 0.63 38.62 -33.85
CA GLY C 19 0.62 37.53 -34.81
C GLY C 19 1.12 36.23 -34.21
N ARG C 20 0.97 35.17 -34.99
CA ARG C 20 1.29 33.79 -34.60
C ARG C 20 1.00 33.54 -33.12
N GLN C 21 -0.28 33.40 -32.78
CA GLN C 21 -0.66 33.25 -31.37
C GLN C 21 -0.09 31.95 -30.80
N ALA C 22 0.10 31.96 -29.49
CA ALA C 22 0.81 30.87 -28.83
C ALA C 22 0.06 29.55 -28.96
N LEU C 23 0.79 28.46 -28.75
CA LEU C 23 0.24 27.11 -28.79
C LEU C 23 0.18 26.45 -27.43
N GLY C 24 0.66 27.12 -26.39
CA GLY C 24 0.63 26.60 -25.04
C GLY C 24 0.83 27.73 -24.06
N SER C 25 1.42 27.40 -22.91
CA SER C 25 1.81 28.43 -21.95
C SER C 25 2.91 29.29 -22.55
N ARG C 26 2.75 30.61 -22.46
CA ARG C 26 3.64 31.53 -23.14
C ARG C 26 4.09 32.64 -22.22
N ALA C 27 5.26 33.20 -22.53
CA ALA C 27 5.84 34.35 -21.83
C ALA C 27 6.32 35.31 -22.91
N VAL C 28 5.45 36.24 -23.31
CA VAL C 28 5.72 37.12 -24.45
C VAL C 28 6.39 38.40 -23.97
N GLN C 29 6.95 39.16 -24.91
CA GLN C 29 7.51 40.47 -24.65
C GLN C 29 6.96 41.46 -25.67
N TRP C 30 6.69 42.68 -25.22
CA TRP C 30 6.21 43.76 -26.07
C TRP C 30 7.28 44.85 -26.11
N TYR C 31 7.87 45.06 -27.28
CA TYR C 31 8.94 46.01 -27.49
C TYR C 31 8.42 47.21 -28.28
N GLN C 32 8.89 48.40 -27.90
CA GLN C 32 8.58 49.64 -28.61
C GLN C 32 9.85 50.14 -29.28
N HIS C 33 9.77 50.39 -30.58
CA HIS C 33 10.91 50.84 -31.38
C HIS C 33 10.47 51.99 -32.28
N LYS C 34 11.08 53.15 -32.09
CA LYS C 34 10.91 54.29 -32.97
C LYS C 34 12.05 54.35 -33.97
N PRO C 35 11.77 54.73 -35.22
CA PRO C 35 12.82 54.70 -36.26
C PRO C 35 14.00 55.59 -35.89
N GLY C 36 15.19 55.00 -35.85
CA GLY C 36 16.41 55.72 -35.58
C GLY C 36 16.83 55.76 -34.13
N GLN C 37 16.05 55.20 -33.21
CA GLN C 37 16.34 55.24 -31.79
C GLN C 37 16.44 53.81 -31.24
N ALA C 38 16.73 53.73 -29.94
CA ALA C 38 16.92 52.44 -29.29
C ALA C 38 15.57 51.82 -28.93
N PRO C 39 15.41 50.51 -29.15
CA PRO C 39 14.15 49.85 -28.77
C PRO C 39 13.99 49.80 -27.26
N ILE C 40 12.73 49.88 -26.82
CA ILE C 40 12.37 49.80 -25.42
C ILE C 40 11.28 48.73 -25.28
N LEU C 41 11.45 47.81 -24.33
CA LEU C 41 10.42 46.81 -24.09
C LEU C 41 9.34 47.42 -23.21
N LEU C 42 8.10 47.42 -23.71
CA LEU C 42 6.98 47.83 -22.88
C LEU C 42 6.64 46.77 -21.84
N ILE C 43 6.73 45.49 -22.24
CA ILE C 43 6.39 44.38 -21.36
C ILE C 43 7.44 43.30 -21.54
N TYR C 44 7.79 42.61 -20.46
CA TYR C 44 8.75 41.51 -20.51
C TYR C 44 8.21 40.18 -20.01
N ASN C 45 7.00 40.16 -19.44
CA ASN C 45 6.41 38.90 -18.99
C ASN C 45 4.89 39.02 -18.95
N ASN C 46 4.27 39.26 -20.11
CA ASN C 46 2.82 39.39 -20.25
C ASN C 46 2.26 40.50 -19.36
N GLN C 47 2.36 40.32 -18.05
CA GLN C 47 1.80 41.26 -17.08
C GLN C 47 2.79 42.29 -16.58
N ASP C 48 4.06 41.93 -16.43
CA ASP C 48 5.03 42.78 -15.74
C ASP C 48 5.64 43.82 -16.68
N ARG C 49 5.85 45.02 -16.14
CA ARG C 49 6.52 46.12 -16.83
C ARG C 49 7.59 46.69 -15.92
N PRO C 50 8.78 46.96 -16.44
CA PRO C 50 9.86 47.50 -15.60
C PRO C 50 9.57 48.92 -15.17
N SER C 51 10.32 49.37 -14.17
CA SER C 51 10.16 50.73 -13.66
C SER C 51 10.57 51.74 -14.72
N GLY C 52 9.74 52.75 -14.93
CA GLY C 52 9.95 53.75 -15.95
C GLY C 52 8.94 53.68 -17.09
N ILE C 53 8.28 52.55 -17.27
CA ILE C 53 7.24 52.39 -18.29
C ILE C 53 5.92 52.85 -17.71
N PRO C 54 5.17 53.72 -18.40
CA PRO C 54 3.91 54.21 -17.85
C PRO C 54 2.87 53.09 -17.71
N GLU C 55 1.83 53.40 -16.93
CA GLU C 55 0.79 52.42 -16.62
C GLU C 55 -0.21 52.23 -17.75
N ARG C 56 -0.11 52.99 -18.84
CA ARG C 56 -1.07 52.88 -19.92
C ARG C 56 -0.93 51.56 -20.69
N PHE C 57 0.23 50.93 -20.64
CA PHE C 57 0.45 49.67 -21.35
C PHE C 57 0.08 48.50 -20.45
N SER C 58 -0.52 47.46 -21.06
CA SER C 58 -0.86 46.26 -20.32
C SER C 58 -0.98 45.10 -21.31
N GLY C 59 -0.59 43.92 -20.86
CA GLY C 59 -0.63 42.72 -21.68
C GLY C 59 -1.51 41.66 -21.04
N THR C 60 -2.22 40.91 -21.88
CA THR C 60 -3.14 39.89 -21.38
C THR C 60 -2.35 38.68 -20.89
N PRO C 61 -2.61 38.19 -19.68
CA PRO C 61 -1.93 37.00 -19.18
C PRO C 61 -2.53 35.74 -19.80
N ASP C 62 -1.98 34.59 -19.41
CA ASP C 62 -2.48 33.31 -19.88
C ASP C 62 -3.01 32.48 -18.72
N ILE C 63 -3.86 33.09 -17.89
CA ILE C 63 -4.48 32.37 -16.78
C ILE C 63 -5.33 31.23 -17.32
N ASN C 64 -6.05 31.46 -18.41
CA ASN C 64 -6.80 30.43 -19.13
C ASN C 64 -6.25 30.34 -20.55
N PHE C 65 -5.74 29.17 -20.92
CA PHE C 65 -5.15 29.02 -22.24
C PHE C 65 -6.18 29.23 -23.33
N GLY C 66 -5.74 29.83 -24.43
CA GLY C 66 -6.62 30.22 -25.53
C GLY C 66 -6.72 31.70 -25.75
N THR C 67 -6.20 32.52 -24.84
CA THR C 67 -6.25 33.97 -25.00
C THR C 67 -5.16 34.44 -25.95
N THR C 68 -5.51 35.38 -26.83
CA THR C 68 -4.55 36.00 -27.73
C THR C 68 -3.87 37.17 -27.03
N ALA C 69 -2.53 37.16 -27.02
CA ALA C 69 -1.77 38.19 -26.34
C ALA C 69 -1.97 39.53 -27.04
N THR C 70 -2.75 40.41 -26.41
CA THR C 70 -3.02 41.73 -26.95
C THR C 70 -2.33 42.79 -26.10
N LEU C 71 -1.74 43.79 -26.75
CA LEU C 71 -1.10 44.91 -26.08
C LEU C 71 -2.09 46.07 -26.04
N THR C 72 -2.60 46.36 -24.85
CA THR C 72 -3.58 47.42 -24.66
C THR C 72 -2.88 48.69 -24.16
N ILE C 73 -3.13 49.80 -24.85
CA ILE C 73 -2.58 51.10 -24.53
C ILE C 73 -3.74 52.03 -24.28
N SER C 74 -3.99 52.35 -23.01
CA SER C 74 -5.09 53.24 -22.65
C SER C 74 -4.69 54.68 -22.84
N GLY C 75 -5.56 55.46 -23.48
CA GLY C 75 -5.27 56.85 -23.76
C GLY C 75 -4.09 57.02 -24.68
N VAL C 76 -4.32 56.84 -25.98
CA VAL C 76 -3.23 56.92 -26.96
C VAL C 76 -2.71 58.34 -27.04
N GLU C 77 -1.39 58.49 -26.91
CA GLU C 77 -0.73 59.77 -27.05
C GLU C 77 -0.08 59.87 -28.43
N VAL C 78 0.32 61.10 -28.80
CA VAL C 78 1.03 61.29 -30.05
C VAL C 78 2.38 60.60 -30.02
N GLY C 79 3.02 60.53 -28.85
CA GLY C 79 4.30 59.87 -28.71
C GLY C 79 4.24 58.36 -28.81
N ASP C 80 3.05 57.76 -28.70
CA ASP C 80 2.92 56.32 -28.81
C ASP C 80 3.05 55.83 -30.25
N GLU C 81 3.12 56.73 -31.22
CA GLU C 81 3.23 56.34 -32.62
C GLU C 81 4.62 55.79 -32.90
N ALA C 82 4.72 54.47 -33.03
CA ALA C 82 6.01 53.81 -33.26
C ALA C 82 5.73 52.40 -33.78
N ASP C 83 6.78 51.59 -33.87
CA ASP C 83 6.66 50.19 -34.24
C ASP C 83 6.67 49.34 -32.98
N TYR C 84 5.77 48.36 -32.93
CA TYR C 84 5.63 47.49 -31.77
C TYR C 84 5.90 46.05 -32.18
N TYR C 85 6.83 45.40 -31.49
CA TYR C 85 7.22 44.03 -31.77
C TYR C 85 6.73 43.11 -30.66
N CYS C 86 6.24 41.94 -31.07
CA CYS C 86 5.68 40.94 -30.15
C CYS C 86 6.59 39.71 -30.20
N HIS C 87 7.43 39.56 -29.18
CA HIS C 87 8.32 38.41 -29.07
C HIS C 87 7.57 37.27 -28.38
N MET C 88 7.37 36.17 -29.10
CA MET C 88 6.53 35.06 -28.65
C MET C 88 7.41 33.88 -28.25
N TRP C 89 7.27 33.44 -27.01
CA TRP C 89 7.90 32.23 -26.50
C TRP C 89 6.82 31.34 -25.92
N ASP C 90 6.72 30.09 -26.40
CA ASP C 90 5.71 29.17 -25.91
C ASP C 90 6.35 27.81 -25.65
N SER C 91 5.55 26.92 -25.05
CA SER C 91 6.02 25.59 -24.67
C SER C 91 5.94 24.58 -25.80
N ARG C 92 5.25 24.89 -26.89
CA ARG C 92 5.17 24.00 -28.05
C ARG C 92 6.29 24.29 -29.03
N SER C 93 6.30 25.49 -29.61
CA SER C 93 7.39 25.88 -30.49
C SER C 93 8.68 26.03 -29.70
N GLY C 94 9.79 25.63 -30.30
CA GLY C 94 11.07 25.65 -29.62
C GLY C 94 11.67 27.02 -29.44
N PHE C 95 12.97 27.14 -29.71
CA PHE C 95 13.66 28.41 -29.56
C PHE C 95 13.12 29.42 -30.56
N SER C 96 12.61 30.54 -30.07
CA SER C 96 12.04 31.59 -30.91
C SER C 96 13.07 32.70 -31.04
N TRP C 97 13.86 32.64 -32.11
CA TRP C 97 14.89 33.65 -32.34
C TRP C 97 14.30 34.94 -32.89
N SER C 98 13.56 34.85 -33.99
CA SER C 98 13.07 36.04 -34.67
C SER C 98 12.00 36.74 -33.84
N PHE C 99 12.07 38.06 -33.80
CA PHE C 99 10.99 38.85 -33.21
C PHE C 99 9.76 38.79 -34.10
N GLY C 100 8.63 39.23 -33.55
CA GLY C 100 7.41 39.26 -34.32
C GLY C 100 7.44 40.34 -35.39
N GLY C 101 6.56 40.18 -36.38
CA GLY C 101 6.40 41.19 -37.41
C GLY C 101 5.96 42.52 -36.83
N ALA C 102 6.63 43.59 -37.23
CA ALA C 102 6.36 44.90 -36.64
C ALA C 102 4.92 45.32 -36.91
N THR C 103 4.39 46.11 -35.98
CA THR C 103 3.02 46.64 -36.07
C THR C 103 3.14 48.16 -36.06
N ARG C 104 2.97 48.78 -37.22
CA ARG C 104 3.09 50.23 -37.35
C ARG C 104 1.82 50.90 -36.83
N LEU C 105 1.95 51.66 -35.75
CA LEU C 105 0.84 52.40 -35.18
C LEU C 105 0.81 53.82 -35.74
N THR C 106 -0.39 54.28 -36.09
CA THR C 106 -0.59 55.64 -36.56
C THR C 106 -1.70 56.28 -35.74
N VAL C 107 -1.42 57.46 -35.18
CA VAL C 107 -2.36 58.17 -34.32
C VAL C 107 -3.21 59.08 -35.19
N LEU C 108 -4.52 58.87 -35.18
CA LEU C 108 -5.45 59.69 -35.94
C LEU C 108 -5.95 60.85 -35.09
N SER C 109 -6.64 61.78 -35.76
CA SER C 109 -7.22 62.90 -35.06
C SER C 109 -6.24 63.92 -34.55
N GLN C 110 -5.00 63.91 -35.04
CA GLN C 110 -4.04 64.91 -34.61
C GLN C 110 -4.32 66.25 -35.29
N PRO C 111 -3.99 67.36 -34.61
CA PRO C 111 -4.21 68.67 -35.24
C PRO C 111 -3.24 68.92 -36.37
N LYS C 112 -3.75 69.50 -37.46
CA LYS C 112 -2.91 69.79 -38.61
C LYS C 112 -1.99 70.97 -38.30
N ALA C 113 -0.80 70.94 -38.91
CA ALA C 113 0.20 71.98 -38.72
C ALA C 113 0.61 72.53 -40.08
N ALA C 114 0.59 73.86 -40.21
CA ALA C 114 1.01 74.48 -41.45
C ALA C 114 2.52 74.37 -41.61
N PRO C 115 3.00 74.18 -42.84
CA PRO C 115 4.45 73.99 -43.02
C PRO C 115 5.21 75.29 -42.87
N SER C 116 6.33 75.22 -42.14
CA SER C 116 7.26 76.33 -41.99
C SER C 116 8.40 76.13 -42.98
N VAL C 117 8.52 77.03 -43.95
CA VAL C 117 9.46 76.90 -45.05
C VAL C 117 10.54 77.94 -44.91
N THR C 118 11.80 77.51 -45.09
CA THR C 118 12.96 78.39 -45.05
C THR C 118 13.80 78.10 -46.29
N LEU C 119 13.88 79.07 -47.20
CA LEU C 119 14.62 78.93 -48.44
C LEU C 119 15.96 79.65 -48.32
N PHE C 120 17.04 78.97 -48.67
CA PHE C 120 18.38 79.52 -48.60
C PHE C 120 19.05 79.40 -49.97
N PRO C 121 19.61 80.48 -50.49
CA PRO C 121 20.28 80.43 -51.79
C PRO C 121 21.67 79.80 -51.65
N PRO C 122 22.34 79.53 -52.76
CA PRO C 122 23.72 79.03 -52.68
C PRO C 122 24.63 80.07 -52.05
N SER C 123 25.48 79.62 -51.13
CA SER C 123 26.37 80.51 -50.41
C SER C 123 27.45 81.06 -51.35
N SER C 124 28.14 82.10 -50.88
CA SER C 124 29.19 82.71 -51.68
C SER C 124 30.37 81.76 -51.87
N GLU C 125 30.69 80.98 -50.84
CA GLU C 125 31.80 80.02 -50.96
C GLU C 125 31.44 78.89 -51.92
N GLU C 126 30.19 78.40 -51.86
CA GLU C 126 29.76 77.36 -52.78
C GLU C 126 29.77 77.86 -54.22
N LEU C 127 29.28 79.08 -54.46
CA LEU C 127 29.39 79.68 -55.78
C LEU C 127 30.85 79.83 -56.21
N GLN C 128 31.72 80.15 -55.25
CA GLN C 128 33.15 80.20 -55.53
C GLN C 128 33.72 78.85 -55.89
N ALA C 129 33.10 77.76 -55.44
CA ALA C 129 33.51 76.41 -55.81
C ALA C 129 32.80 75.90 -57.07
N ASN C 130 32.19 76.80 -57.84
CA ASN C 130 31.53 76.44 -59.12
C ASN C 130 30.40 75.44 -58.90
N LYS C 131 29.60 75.66 -57.86
CA LYS C 131 28.42 74.85 -57.59
C LYS C 131 27.36 75.72 -56.94
N ALA C 132 26.10 75.32 -57.11
CA ALA C 132 24.99 76.05 -56.53
C ALA C 132 23.88 75.08 -56.16
N THR C 133 23.17 75.39 -55.08
CA THR C 133 22.07 74.57 -54.62
C THR C 133 21.12 75.41 -53.80
N LEU C 134 19.88 75.54 -54.24
CA LEU C 134 18.82 76.16 -53.45
C LEU C 134 18.30 75.16 -52.44
N VAL C 135 18.26 75.55 -51.17
CA VAL C 135 17.91 74.65 -50.07
C VAL C 135 16.58 75.12 -49.49
N CYS C 136 15.52 74.36 -49.75
CA CYS C 136 14.18 74.66 -49.24
C CYS C 136 13.89 73.68 -48.10
N LEU C 137 13.90 74.17 -46.88
CA LEU C 137 13.71 73.34 -45.69
C LEU C 137 12.29 73.51 -45.18
N ILE C 138 11.56 72.39 -45.07
CA ILE C 138 10.18 72.38 -44.59
C ILE C 138 10.16 71.70 -43.24
N SER C 139 9.55 72.35 -42.26
CA SER C 139 9.54 71.82 -40.90
C SER C 139 8.20 72.12 -40.23
N ASP C 140 7.86 71.29 -39.24
CA ASP C 140 6.73 71.52 -38.35
C ASP C 140 5.40 71.53 -39.11
N PHE C 141 5.16 70.47 -39.87
CA PHE C 141 3.92 70.31 -40.61
C PHE C 141 3.32 68.94 -40.33
N TYR C 142 1.99 68.88 -40.37
CA TYR C 142 1.26 67.62 -40.17
C TYR C 142 -0.02 67.63 -41.00
N PRO C 143 -0.30 66.51 -41.70
CA PRO C 143 0.50 65.29 -41.73
C PRO C 143 1.70 65.37 -42.67
N GLY C 144 2.51 64.32 -42.70
CA GLY C 144 3.68 64.29 -43.54
C GLY C 144 3.38 64.03 -45.00
N ALA C 145 2.57 64.91 -45.61
CA ALA C 145 2.18 64.80 -47.01
C ALA C 145 2.38 66.18 -47.66
N VAL C 146 3.54 66.38 -48.27
CA VAL C 146 3.88 67.63 -48.94
C VAL C 146 4.46 67.32 -50.30
N THR C 147 4.31 68.26 -51.23
CA THR C 147 4.89 68.15 -52.56
C THR C 147 5.66 69.42 -52.88
N VAL C 148 6.91 69.28 -53.30
CA VAL C 148 7.81 70.40 -53.53
C VAL C 148 7.90 70.65 -55.02
N ALA C 149 7.68 71.90 -55.43
CA ALA C 149 7.86 72.35 -56.79
C ALA C 149 8.77 73.57 -56.80
N TRP C 150 9.56 73.70 -57.86
CA TRP C 150 10.49 74.80 -58.01
C TRP C 150 10.09 75.68 -59.18
N LYS C 151 10.38 76.98 -59.06
CA LYS C 151 10.00 77.95 -60.07
C LYS C 151 11.14 78.90 -60.33
N ALA C 152 11.41 79.17 -61.61
CA ALA C 152 12.31 80.23 -62.04
C ALA C 152 11.43 81.34 -62.60
N ASP C 153 11.39 82.49 -61.91
CA ASP C 153 10.43 83.55 -62.19
C ASP C 153 9.02 82.99 -62.09
N SER C 154 8.56 82.32 -63.14
CA SER C 154 7.27 81.65 -63.11
C SER C 154 7.28 80.32 -63.86
N SER C 155 8.46 79.86 -64.34
CA SER C 155 8.62 78.63 -65.10
C SER C 155 9.09 77.50 -64.19
N PRO C 156 8.55 76.30 -64.38
CA PRO C 156 8.98 75.17 -63.54
C PRO C 156 10.38 74.70 -63.91
N VAL C 157 11.15 74.33 -62.89
CA VAL C 157 12.50 73.83 -63.11
C VAL C 157 12.47 72.38 -63.57
N LYS C 158 11.78 71.52 -62.81
CA LYS C 158 11.48 70.15 -63.19
C LYS C 158 12.71 69.25 -63.29
N ALA C 159 13.91 69.83 -63.26
CA ALA C 159 15.14 69.07 -63.40
C ALA C 159 16.11 69.42 -62.28
N GLY C 160 16.93 68.45 -61.90
CA GLY C 160 17.90 68.66 -60.84
C GLY C 160 17.32 68.87 -59.48
N VAL C 161 16.17 68.25 -59.19
CA VAL C 161 15.47 68.41 -57.92
C VAL C 161 15.62 67.12 -57.13
N GLU C 162 16.18 67.21 -55.94
CA GLU C 162 16.31 66.08 -55.02
C GLU C 162 15.46 66.37 -53.80
N THR C 163 14.54 65.48 -53.49
CA THR C 163 13.56 65.69 -52.42
C THR C 163 13.63 64.56 -51.40
N THR C 164 13.57 64.93 -50.12
CA THR C 164 13.57 63.96 -49.04
C THR C 164 12.13 63.56 -48.70
N THR C 165 11.94 62.27 -48.46
CA THR C 165 10.66 61.82 -47.93
C THR C 165 10.49 62.33 -46.50
N PRO C 166 9.30 62.80 -46.13
CA PRO C 166 9.12 63.41 -44.80
C PRO C 166 9.42 62.45 -43.67
N SER C 167 9.77 63.03 -42.52
CA SER C 167 10.09 62.26 -41.33
C SER C 167 9.71 63.08 -40.11
N LYS C 168 9.20 62.41 -39.08
CA LYS C 168 8.76 63.08 -37.87
C LYS C 168 9.97 63.50 -37.03
N GLN C 169 9.87 64.68 -36.43
CA GLN C 169 10.94 65.26 -35.63
C GLN C 169 10.60 65.18 -34.15
N SER C 170 11.36 65.91 -33.33
CA SER C 170 11.16 65.89 -31.89
C SER C 170 9.86 66.57 -31.48
N ASN C 171 9.32 67.47 -32.30
CA ASN C 171 8.05 68.13 -32.01
C ASN C 171 6.84 67.29 -32.35
N ASN C 172 7.04 66.00 -32.66
CA ASN C 172 6.00 65.11 -33.17
C ASN C 172 5.37 65.64 -34.45
N LYS C 173 6.04 66.56 -35.12
CA LYS C 173 5.66 67.05 -36.43
C LYS C 173 6.67 66.55 -37.46
N TYR C 174 6.35 66.76 -38.73
CA TYR C 174 7.17 66.24 -39.82
C TYR C 174 8.10 67.32 -40.37
N ALA C 175 9.15 66.86 -41.04
CA ALA C 175 10.14 67.74 -41.64
C ALA C 175 10.74 67.05 -42.86
N ALA C 176 11.05 67.84 -43.87
CA ALA C 176 11.64 67.33 -45.10
C ALA C 176 12.35 68.49 -45.81
N SER C 177 13.51 68.20 -46.40
CA SER C 177 14.30 69.18 -47.10
C SER C 177 14.31 68.88 -48.60
N SER C 178 14.50 69.92 -49.40
CA SER C 178 14.55 69.79 -50.85
C SER C 178 15.70 70.61 -51.39
N TYR C 179 16.55 69.97 -52.20
CA TYR C 179 17.71 70.61 -52.80
C TYR C 179 17.52 70.75 -54.29
N LEU C 180 17.87 71.92 -54.82
CA LEU C 180 17.82 72.19 -56.26
C LEU C 180 19.24 72.54 -56.73
N SER C 181 19.83 71.64 -57.53
CA SER C 181 21.19 71.84 -58.01
C SER C 181 21.19 72.76 -59.23
N LEU C 182 22.09 73.75 -59.21
CA LEU C 182 22.20 74.71 -60.30
C LEU C 182 23.65 75.13 -60.46
N THR C 183 24.02 75.46 -61.69
CA THR C 183 25.31 76.10 -61.93
C THR C 183 25.21 77.59 -61.61
N PRO C 184 26.32 78.23 -61.23
CA PRO C 184 26.26 79.65 -60.86
C PRO C 184 25.68 80.55 -61.94
N GLU C 185 25.84 80.19 -63.22
CA GLU C 185 25.29 81.02 -64.29
C GLU C 185 23.77 80.96 -64.29
N GLN C 186 23.19 79.79 -64.00
CA GLN C 186 21.75 79.65 -63.98
C GLN C 186 21.14 80.38 -62.79
N TRP C 187 21.83 80.34 -61.64
CA TRP C 187 21.36 81.06 -60.47
C TRP C 187 21.48 82.57 -60.65
N LYS C 188 22.58 83.02 -61.27
CA LYS C 188 22.78 84.44 -61.53
C LYS C 188 21.86 84.98 -62.62
N SER C 189 21.43 84.14 -63.56
CA SER C 189 20.68 84.58 -64.73
C SER C 189 19.27 85.07 -64.40
N HIS C 190 18.40 84.16 -63.95
CA HIS C 190 16.99 84.47 -63.78
C HIS C 190 16.78 85.55 -62.71
N LYS C 191 15.59 86.16 -62.76
CA LYS C 191 15.25 87.24 -61.84
C LYS C 191 15.17 86.73 -60.41
N SER C 192 14.33 85.73 -60.17
CA SER C 192 14.11 85.23 -58.82
C SER C 192 13.73 83.76 -58.87
N TYR C 193 14.16 83.01 -57.87
CA TYR C 193 13.81 81.60 -57.72
C TYR C 193 12.85 81.42 -56.56
N SER C 194 11.88 80.53 -56.73
CA SER C 194 10.81 80.33 -55.77
C SER C 194 10.64 78.86 -55.46
N CYS C 195 10.44 78.56 -54.18
CA CYS C 195 10.11 77.23 -53.69
C CYS C 195 8.64 77.21 -53.30
N GLN C 196 7.88 76.33 -53.94
CA GLN C 196 6.48 76.11 -53.63
C GLN C 196 6.33 74.79 -52.89
N VAL C 197 5.69 74.84 -51.72
CA VAL C 197 5.44 73.66 -50.91
C VAL C 197 3.93 73.50 -50.79
N THR C 198 3.40 72.46 -51.45
CA THR C 198 1.97 72.17 -51.39
C THR C 198 1.72 71.20 -50.25
N HIS C 199 0.95 71.67 -49.25
CA HIS C 199 0.59 70.87 -48.08
C HIS C 199 -0.92 70.92 -47.94
N GLU C 200 -1.55 69.73 -47.98
CA GLU C 200 -3.01 69.61 -48.02
C GLU C 200 -3.48 70.38 -49.25
N GLY C 201 -4.45 71.29 -49.13
CA GLY C 201 -4.81 72.15 -50.24
C GLY C 201 -4.02 73.43 -50.33
N SER C 202 -3.28 73.77 -49.27
CA SER C 202 -2.53 75.00 -49.22
C SER C 202 -1.21 74.88 -49.97
N THR C 203 -0.59 76.03 -50.24
CA THR C 203 0.68 76.07 -50.94
C THR C 203 1.44 77.30 -50.46
N VAL C 204 2.51 77.09 -49.70
CA VAL C 204 3.34 78.16 -49.18
C VAL C 204 4.56 78.31 -50.08
N GLU C 205 4.79 79.52 -50.58
CA GLU C 205 5.84 79.79 -51.55
C GLU C 205 6.79 80.85 -50.99
N LYS C 206 8.09 80.60 -51.10
CA LYS C 206 9.11 81.55 -50.65
C LYS C 206 10.08 81.81 -51.79
N THR C 207 10.46 83.07 -51.96
CA THR C 207 11.25 83.50 -53.10
C THR C 207 12.54 84.17 -52.65
N VAL C 208 13.65 83.82 -53.30
CA VAL C 208 14.94 84.44 -53.07
C VAL C 208 15.54 84.83 -54.41
N ALA C 209 16.41 85.85 -54.39
CA ALA C 209 17.01 86.39 -55.59
C ALA C 209 18.48 86.69 -55.32
N PRO C 210 19.32 86.69 -56.36
CA PRO C 210 20.74 87.00 -56.15
C PRO C 210 20.95 88.44 -55.69
N THR C 211 22.12 88.67 -55.11
CA THR C 211 22.48 89.99 -54.61
C THR C 211 23.52 90.64 -55.52
N GLN D 1 20.99 51.87 -14.18
CA GLN D 1 22.25 51.61 -13.51
C GLN D 1 23.35 51.32 -14.53
N VAL D 2 23.06 50.45 -15.49
CA VAL D 2 24.02 50.04 -16.51
C VAL D 2 23.80 50.89 -17.76
N GLN D 3 24.89 51.42 -18.30
CA GLN D 3 24.86 52.22 -19.52
C GLN D 3 25.76 51.58 -20.57
N LEU D 4 25.29 51.61 -21.83
CA LEU D 4 26.00 51.00 -22.94
C LEU D 4 26.38 52.07 -23.96
N GLN D 5 27.50 51.86 -24.64
CA GLN D 5 27.99 52.81 -25.65
C GLN D 5 28.56 52.01 -26.81
N GLU D 6 27.86 52.02 -27.95
CA GLU D 6 28.35 51.34 -29.13
C GLU D 6 29.42 52.16 -29.84
N SER D 7 30.30 51.46 -30.55
CA SER D 7 31.36 52.09 -31.31
C SER D 7 31.75 51.16 -32.46
N GLY D 8 31.70 51.67 -33.68
CA GLY D 8 32.03 50.88 -34.85
C GLY D 8 32.65 51.71 -35.95
N PRO D 9 33.04 51.05 -37.05
CA PRO D 9 33.69 51.78 -38.15
C PRO D 9 32.73 52.67 -38.92
N GLY D 10 31.59 52.12 -39.34
CA GLY D 10 30.61 52.83 -40.14
C GLY D 10 30.53 52.34 -41.57
N LEU D 11 31.63 51.81 -42.11
CA LEU D 11 31.64 51.27 -43.47
C LEU D 11 32.67 50.15 -43.54
N VAL D 12 32.23 48.98 -44.00
CA VAL D 12 33.09 47.82 -44.14
C VAL D 12 32.92 47.27 -45.55
N ARG D 13 34.04 46.91 -46.18
CA ARG D 13 33.99 46.37 -47.53
C ARG D 13 33.28 45.01 -47.55
N PRO D 14 32.68 44.64 -48.66
CA PRO D 14 32.05 43.32 -48.76
C PRO D 14 33.07 42.19 -48.59
N SER D 15 32.60 41.07 -48.05
CA SER D 15 33.44 39.90 -47.77
C SER D 15 34.59 40.27 -46.84
N GLU D 16 34.25 40.95 -45.74
CA GLU D 16 35.23 41.33 -44.74
C GLU D 16 34.72 41.00 -43.33
N THR D 17 35.42 41.46 -42.31
CA THR D 17 35.09 41.16 -40.91
C THR D 17 34.54 42.44 -40.27
N LEU D 18 33.22 42.52 -40.17
CA LEU D 18 32.57 43.63 -39.49
C LEU D 18 32.76 43.48 -37.98
N SER D 19 33.45 44.45 -37.37
CA SER D 19 33.76 44.42 -35.95
C SER D 19 33.12 45.62 -35.27
N VAL D 20 32.31 45.37 -34.24
CA VAL D 20 31.65 46.41 -33.47
C VAL D 20 31.95 46.17 -32.00
N THR D 21 32.11 47.25 -31.24
CA THR D 21 32.43 47.19 -29.82
C THR D 21 31.30 47.82 -29.01
N CYS D 22 31.03 47.24 -27.84
CA CYS D 22 29.99 47.70 -26.94
C CYS D 22 30.60 47.93 -25.57
N ILE D 23 30.60 49.19 -25.12
CA ILE D 23 31.26 49.58 -23.87
C ILE D 23 30.22 49.60 -22.75
N VAL D 24 30.56 48.97 -21.62
CA VAL D 24 29.69 48.90 -20.46
C VAL D 24 30.28 49.78 -19.37
N SER D 25 29.41 50.22 -18.46
CA SER D 25 29.83 51.12 -17.39
C SER D 25 29.24 50.74 -16.04
N GLY D 26 27.93 50.47 -16.01
CA GLY D 26 27.25 50.32 -14.74
C GLY D 26 27.64 49.06 -13.97
N GLY D 27 27.84 47.94 -14.68
CA GLY D 27 28.14 46.70 -14.03
C GLY D 27 29.16 45.89 -14.81
N SER D 28 29.64 44.83 -14.16
CA SER D 28 30.60 43.94 -14.80
C SER D 28 29.91 43.07 -15.84
N ILE D 29 30.68 42.65 -16.84
CA ILE D 29 30.15 41.78 -17.89
C ILE D 29 29.82 40.39 -17.35
N SER D 30 30.53 39.94 -16.30
CA SER D 30 30.28 38.66 -15.68
C SER D 30 29.02 38.65 -14.80
N ASN D 31 28.13 39.63 -14.92
CA ASN D 31 26.92 39.74 -14.10
C ASN D 31 25.63 39.61 -14.88
N TYR D 32 25.64 39.81 -16.19
CA TYR D 32 24.43 39.79 -17.00
C TYR D 32 24.69 39.03 -18.29
N TYR D 33 23.62 38.79 -19.04
CA TYR D 33 23.77 38.26 -20.39
C TYR D 33 23.83 39.43 -21.37
N TRP D 34 24.25 39.14 -22.61
CA TRP D 34 24.45 40.22 -23.58
C TRP D 34 24.02 39.78 -24.96
N THR D 35 23.11 40.54 -25.57
CA THR D 35 22.56 40.22 -26.89
C THR D 35 23.01 41.25 -27.92
N TRP D 36 23.06 40.82 -29.17
CA TRP D 36 23.31 41.70 -30.31
C TRP D 36 22.13 41.61 -31.27
N ILE D 37 21.57 42.75 -31.63
CA ILE D 37 20.41 42.83 -32.53
C ILE D 37 20.65 43.91 -33.57
N ARG D 38 20.49 43.56 -34.83
CA ARG D 38 20.65 44.51 -35.92
C ARG D 38 19.31 44.82 -36.56
N GLN D 39 19.18 46.05 -37.07
CA GLN D 39 17.96 46.53 -37.70
C GLN D 39 18.33 47.18 -39.03
N SER D 40 17.95 46.51 -40.14
CA SER D 40 18.23 46.95 -41.50
C SER D 40 17.03 47.65 -42.10
N PRO D 41 17.24 48.60 -43.02
CA PRO D 41 16.11 49.30 -43.64
C PRO D 41 15.26 48.36 -44.49
N GLY D 42 13.96 48.61 -44.47
CA GLY D 42 13.02 47.78 -45.18
C GLY D 42 12.67 46.47 -44.49
N LYS D 43 13.32 46.15 -43.38
CA LYS D 43 13.07 44.92 -42.64
C LYS D 43 12.91 45.25 -41.17
N GLY D 44 12.54 44.23 -40.39
CA GLY D 44 12.49 44.36 -38.95
C GLY D 44 13.85 44.18 -38.32
N LEU D 45 13.85 44.09 -36.99
CA LEU D 45 15.07 43.85 -36.24
C LEU D 45 15.30 42.34 -36.09
N GLU D 46 16.57 41.94 -36.17
CA GLU D 46 16.96 40.54 -36.19
C GLU D 46 17.86 40.26 -34.99
N TRP D 47 17.48 39.26 -34.19
CA TRP D 47 18.29 38.80 -33.08
C TRP D 47 19.36 37.86 -33.62
N ILE D 48 20.63 38.24 -33.47
CA ILE D 48 21.72 37.47 -34.07
C ILE D 48 22.38 36.52 -33.07
N GLY D 49 22.30 36.81 -31.78
CA GLY D 49 22.88 35.92 -30.80
C GLY D 49 23.17 36.63 -29.50
N TYR D 50 23.52 35.82 -28.50
CA TYR D 50 23.82 36.31 -27.17
C TYR D 50 24.97 35.51 -26.56
N ILE D 51 25.61 36.13 -25.58
CA ILE D 51 26.72 35.57 -24.83
C ILE D 51 26.39 35.66 -23.34
N SER D 52 26.75 34.61 -22.60
CA SER D 52 26.48 34.54 -21.18
C SER D 52 27.68 35.06 -20.38
N ASP D 53 27.48 35.20 -19.07
CA ASP D 53 28.59 35.54 -18.19
C ASP D 53 29.60 34.40 -18.08
N ARG D 54 29.19 33.18 -18.43
CA ARG D 54 30.07 32.02 -18.43
C ARG D 54 30.83 31.86 -19.75
N GLU D 55 30.78 32.87 -20.62
CA GLU D 55 31.47 32.85 -21.90
C GLU D 55 31.02 31.69 -22.78
N THR D 56 29.71 31.50 -22.87
CA THR D 56 29.09 30.51 -23.73
C THR D 56 28.30 31.23 -24.82
N THR D 57 28.67 30.99 -26.07
CA THR D 57 28.09 31.71 -27.20
C THR D 57 26.88 30.98 -27.75
N THR D 58 25.88 31.76 -28.19
CA THR D 58 24.72 31.21 -28.89
C THR D 58 24.37 32.16 -30.03
N TYR D 59 24.13 31.60 -31.21
CA TYR D 59 23.94 32.40 -32.41
C TYR D 59 22.63 32.03 -33.10
N ASN D 60 22.14 32.98 -33.90
CA ASN D 60 20.98 32.74 -34.73
C ASN D 60 21.30 31.73 -35.82
N PRO D 61 20.35 30.87 -36.19
CA PRO D 61 20.64 29.86 -37.23
C PRO D 61 21.08 30.45 -38.55
N SER D 62 20.58 31.63 -38.93
CA SER D 62 20.97 32.20 -40.21
C SER D 62 22.37 32.77 -40.18
N LEU D 63 22.81 33.30 -39.04
CA LEU D 63 24.13 33.91 -38.91
C LEU D 63 25.10 33.04 -38.14
N ASN D 64 24.70 31.83 -37.73
CA ASN D 64 25.60 30.96 -36.99
C ASN D 64 26.83 30.61 -37.81
N SER D 65 26.71 30.66 -39.13
CA SER D 65 27.83 30.35 -40.00
C SER D 65 28.83 31.48 -40.13
N ARG D 66 28.50 32.70 -39.67
CA ARG D 66 29.35 33.85 -39.90
C ARG D 66 29.49 34.79 -38.70
N ALA D 67 28.78 34.55 -37.60
CA ALA D 67 28.77 35.47 -36.47
C ALA D 67 29.63 34.95 -35.33
N VAL D 68 30.32 35.88 -34.65
CA VAL D 68 31.14 35.58 -33.48
C VAL D 68 30.90 36.67 -32.46
N ILE D 69 30.63 36.28 -31.21
CA ILE D 69 30.39 37.22 -30.12
C ILE D 69 31.35 36.88 -28.98
N SER D 70 31.97 37.91 -28.41
CA SER D 70 32.94 37.73 -27.34
C SER D 70 32.78 38.83 -26.30
N ARG D 71 33.43 38.64 -25.16
CA ARG D 71 33.44 39.60 -24.08
C ARG D 71 34.86 39.79 -23.56
N ASP D 72 35.18 41.01 -23.15
CA ASP D 72 36.49 41.32 -22.60
C ASP D 72 36.41 41.39 -21.08
N THR D 73 37.38 40.76 -20.42
CA THR D 73 37.39 40.69 -18.96
C THR D 73 38.00 41.93 -18.32
N SER D 74 39.15 42.38 -18.82
CA SER D 74 39.82 43.55 -18.23
C SER D 74 38.98 44.80 -18.42
N LYS D 75 38.65 45.13 -19.67
CA LYS D 75 37.84 46.29 -19.99
C LYS D 75 36.39 45.86 -20.14
N ASN D 76 35.48 46.65 -19.55
CA ASN D 76 34.05 46.34 -19.60
C ASN D 76 33.51 46.67 -20.99
N GLN D 77 33.81 45.77 -21.93
CA GLN D 77 33.31 45.90 -23.29
C GLN D 77 33.23 44.52 -23.93
N LEU D 78 32.22 44.33 -24.78
CA LEU D 78 32.03 43.10 -25.52
C LEU D 78 32.16 43.38 -27.00
N SER D 79 32.66 42.39 -27.74
CA SER D 79 32.97 42.55 -29.15
C SER D 79 32.08 41.67 -30.00
N LEU D 80 31.78 42.15 -31.21
CA LEU D 80 30.99 41.41 -32.19
C LEU D 80 31.74 41.43 -33.52
N GLN D 81 31.89 40.25 -34.12
CA GLN D 81 32.55 40.10 -35.41
C GLN D 81 31.65 39.32 -36.35
N LEU D 82 31.72 39.69 -37.63
CA LEU D 82 30.89 39.08 -38.68
C LEU D 82 31.74 38.92 -39.92
N ARG D 83 32.15 37.70 -40.22
CA ARG D 83 33.01 37.42 -41.37
C ARG D 83 32.17 37.23 -42.62
N SER D 84 32.74 37.64 -43.76
CA SER D 84 32.11 37.51 -45.08
C SER D 84 30.75 38.22 -45.11
N VAL D 85 30.81 39.54 -44.95
CA VAL D 85 29.61 40.36 -44.96
C VAL D 85 29.31 40.81 -46.39
N THR D 86 28.04 41.12 -46.64
CA THR D 86 27.61 41.63 -47.94
C THR D 86 26.76 42.88 -47.76
N THR D 87 26.12 43.34 -48.84
CA THR D 87 25.27 44.51 -48.78
C THR D 87 23.96 44.25 -48.02
N ALA D 88 23.68 43.00 -47.67
CA ALA D 88 22.48 42.70 -46.88
C ALA D 88 22.70 42.86 -45.39
N ASP D 89 23.95 42.93 -44.95
CA ASP D 89 24.29 43.07 -43.53
C ASP D 89 24.38 44.53 -43.09
N THR D 90 24.07 45.48 -43.97
CA THR D 90 24.06 46.89 -43.59
C THR D 90 22.87 47.16 -42.69
N ALA D 91 23.13 47.65 -41.49
CA ALA D 91 22.07 47.82 -40.49
C ALA D 91 22.59 48.65 -39.33
N ILE D 92 21.66 49.06 -38.47
CA ILE D 92 21.99 49.69 -37.21
C ILE D 92 22.14 48.59 -36.17
N TYR D 93 23.31 48.53 -35.53
CA TYR D 93 23.66 47.46 -34.61
C TYR D 93 23.50 47.94 -33.17
N PHE D 94 22.71 47.19 -32.40
CA PHE D 94 22.47 47.45 -30.99
C PHE D 94 23.01 46.29 -30.16
N CYS D 95 23.59 46.63 -29.01
CA CYS D 95 23.90 45.66 -27.96
C CYS D 95 22.95 45.92 -26.80
N ALA D 96 22.58 44.84 -26.11
CA ALA D 96 21.57 44.94 -25.06
C ALA D 96 21.91 44.01 -23.91
N THR D 97 21.46 44.39 -22.71
CA THR D 97 21.61 43.58 -21.51
C THR D 97 20.47 42.59 -21.43
N ALA D 98 20.79 41.31 -21.41
CA ALA D 98 19.80 40.24 -21.40
C ALA D 98 19.70 39.65 -20.00
N ARG D 99 18.47 39.65 -19.46
CA ARG D 99 18.12 38.93 -18.25
C ARG D 99 17.49 37.60 -18.62
N ARG D 100 17.64 36.62 -17.72
CA ARG D 100 17.06 35.31 -17.97
C ARG D 100 15.60 35.27 -17.55
N GLY D 101 14.89 34.25 -18.03
CA GLY D 101 13.50 34.06 -17.69
C GLY D 101 13.11 32.60 -17.66
N GLN D 102 12.61 32.13 -16.52
CA GLN D 102 12.22 30.74 -16.34
C GLN D 102 10.71 30.66 -16.31
N ARG D 103 10.12 30.08 -17.36
CA ARG D 103 8.67 29.92 -17.46
C ARG D 103 8.33 28.48 -17.10
N ILE D 104 7.69 28.29 -15.95
CA ILE D 104 7.31 26.98 -15.46
C ILE D 104 5.82 26.77 -15.73
N TYR D 105 5.50 25.66 -16.40
CA TYR D 105 4.11 25.33 -16.70
C TYR D 105 3.72 23.93 -16.22
N GLY D 106 4.60 23.26 -15.47
CA GLY D 106 4.29 21.93 -14.99
C GLY D 106 5.23 21.45 -13.90
N VAL D 107 5.54 20.16 -13.91
CA VAL D 107 6.40 19.56 -12.90
C VAL D 107 7.86 19.85 -13.25
N VAL D 108 8.59 20.41 -12.28
CA VAL D 108 9.99 20.76 -12.52
C VAL D 108 10.86 19.51 -12.63
N SER D 109 10.56 18.49 -11.82
CA SER D 109 11.36 17.27 -11.85
C SER D 109 11.28 16.58 -13.21
N PHE D 110 10.08 16.57 -13.81
CA PHE D 110 9.97 16.07 -15.18
C PHE D 110 10.63 16.99 -16.17
N GLY D 111 10.70 18.28 -15.85
CA GLY D 111 11.10 19.30 -16.80
C GLY D 111 9.97 20.28 -16.99
N GLU D 112 9.28 20.18 -18.13
CA GLU D 112 8.03 20.92 -18.37
C GLU D 112 8.18 22.41 -18.07
N PHE D 113 9.34 22.96 -18.40
CA PHE D 113 9.59 24.38 -18.26
C PHE D 113 10.68 24.78 -19.24
N PHE D 114 10.54 25.97 -19.81
CA PHE D 114 11.47 26.46 -20.83
C PHE D 114 12.02 27.82 -20.42
N TYR D 115 13.24 28.10 -20.86
CA TYR D 115 13.88 29.37 -20.58
C TYR D 115 13.62 30.35 -21.72
N TYR D 116 13.44 31.62 -21.37
CA TYR D 116 13.29 32.69 -22.35
C TYR D 116 14.13 33.87 -21.90
N TYR D 117 14.37 34.80 -22.83
CA TYR D 117 15.23 35.94 -22.58
C TYR D 117 14.54 37.22 -22.99
N TYR D 118 14.78 38.29 -22.23
CA TYR D 118 14.30 39.63 -22.55
C TYR D 118 15.40 40.63 -22.25
N MET D 119 15.57 41.60 -23.14
CA MET D 119 16.64 42.59 -23.05
C MET D 119 16.03 43.93 -22.69
N ASP D 120 16.21 44.35 -21.43
CA ASP D 120 15.57 45.56 -20.94
C ASP D 120 16.36 46.82 -21.30
N VAL D 121 17.69 46.76 -21.23
CA VAL D 121 18.54 47.92 -21.46
C VAL D 121 19.20 47.76 -22.83
N TRP D 122 19.13 48.81 -23.64
CA TRP D 122 19.71 48.84 -24.97
C TRP D 122 20.75 49.96 -25.06
N GLY D 123 21.40 50.03 -26.22
CA GLY D 123 22.31 51.10 -26.54
C GLY D 123 21.78 51.95 -27.69
N LYS D 124 22.50 53.03 -27.97
CA LYS D 124 22.06 53.95 -29.02
C LYS D 124 22.07 53.29 -30.39
N GLY D 125 22.93 52.31 -30.59
CA GLY D 125 23.02 51.62 -31.87
C GLY D 125 23.86 52.36 -32.87
N THR D 126 24.85 51.68 -33.44
CA THR D 126 25.75 52.28 -34.43
C THR D 126 25.39 51.78 -35.82
N ALA D 127 25.19 52.71 -36.74
CA ALA D 127 24.82 52.37 -38.11
C ALA D 127 26.06 51.94 -38.89
N VAL D 128 25.95 50.81 -39.59
CA VAL D 128 27.04 50.27 -40.38
C VAL D 128 26.54 49.97 -41.79
N THR D 129 27.27 50.46 -42.79
CA THR D 129 27.00 50.21 -44.19
C THR D 129 28.10 49.33 -44.77
N VAL D 130 27.77 48.62 -45.84
CA VAL D 130 28.70 47.71 -46.51
C VAL D 130 28.52 47.86 -48.01
N SER D 131 29.58 48.30 -48.69
CA SER D 131 29.57 48.44 -50.14
C SER D 131 31.00 48.65 -50.60
N SER D 132 31.20 48.59 -51.92
CA SER D 132 32.53 48.80 -52.50
C SER D 132 32.88 50.27 -52.64
N ALA D 133 31.94 51.18 -52.35
CA ALA D 133 32.21 52.60 -52.49
C ALA D 133 33.24 53.07 -51.48
N SER D 134 33.93 54.16 -51.81
CA SER D 134 34.96 54.71 -50.96
C SER D 134 34.39 55.79 -50.04
N THR D 135 35.24 56.27 -49.14
CA THR D 135 34.85 57.31 -48.20
C THR D 135 34.81 58.67 -48.90
N LYS D 136 34.16 59.63 -48.26
CA LYS D 136 34.01 60.97 -48.82
C LYS D 136 33.81 61.95 -47.69
N GLY D 137 34.65 62.99 -47.66
CA GLY D 137 34.55 64.03 -46.67
C GLY D 137 33.50 65.06 -47.02
N PRO D 138 32.69 65.47 -46.04
CA PRO D 138 31.61 66.42 -46.34
C PRO D 138 32.13 67.83 -46.58
N SER D 139 31.55 68.48 -47.58
CA SER D 139 31.82 69.90 -47.82
C SER D 139 30.91 70.74 -46.93
N VAL D 140 31.44 71.85 -46.45
CA VAL D 140 30.73 72.72 -45.52
C VAL D 140 30.60 74.10 -46.14
N PHE D 141 29.36 74.54 -46.37
CA PHE D 141 29.10 75.87 -46.91
C PHE D 141 28.06 76.55 -46.01
N PRO D 142 28.40 77.64 -45.34
CA PRO D 142 27.47 78.24 -44.39
C PRO D 142 26.32 78.96 -45.08
N LEU D 143 25.15 78.89 -44.46
CA LEU D 143 23.94 79.53 -44.97
C LEU D 143 23.70 80.82 -44.19
N ALA D 144 23.92 81.95 -44.85
CA ALA D 144 23.80 83.24 -44.18
C ALA D 144 22.36 83.53 -43.81
N PRO D 145 22.13 84.33 -42.76
CA PRO D 145 20.76 84.66 -42.35
C PRO D 145 20.03 85.46 -43.42
N SER D 146 18.71 85.25 -43.49
CA SER D 146 17.88 85.99 -44.43
C SER D 146 17.55 87.39 -43.95
N SER D 147 17.72 87.67 -42.67
CA SER D 147 17.45 88.98 -42.09
C SER D 147 16.02 89.44 -42.36
N SER D 149 13.62 86.73 -43.58
CA SER D 149 13.20 85.43 -43.07
C SER D 149 11.75 85.49 -42.61
N THR D 150 11.50 86.14 -41.47
CA THR D 150 10.15 86.34 -40.97
C THR D 150 9.94 87.80 -40.60
N SER D 151 8.86 88.09 -39.88
CA SER D 151 8.61 89.45 -39.41
C SER D 151 9.59 89.79 -38.28
N GLY D 152 9.47 91.01 -37.77
CA GLY D 152 10.34 91.50 -36.72
C GLY D 152 10.32 90.65 -35.47
N GLY D 153 11.45 90.04 -35.13
CA GLY D 153 11.54 89.22 -33.94
C GLY D 153 12.57 88.11 -34.03
N THR D 154 12.55 87.36 -35.13
CA THR D 154 13.43 86.20 -35.28
C THR D 154 13.87 86.07 -36.73
N ALA D 155 14.97 85.35 -36.92
CA ALA D 155 15.50 85.03 -38.23
C ALA D 155 16.17 83.66 -38.16
N ALA D 156 16.49 83.11 -39.33
CA ALA D 156 17.05 81.78 -39.43
C ALA D 156 18.40 81.82 -40.14
N LEU D 157 19.37 81.07 -39.60
CA LEU D 157 20.66 80.88 -40.26
C LEU D 157 20.93 79.38 -40.35
N GLY D 158 21.88 79.01 -41.20
CA GLY D 158 22.07 77.60 -41.46
C GLY D 158 23.51 77.22 -41.73
N CYS D 159 23.71 75.91 -41.90
CA CYS D 159 25.01 75.31 -42.19
C CYS D 159 24.77 74.14 -43.14
N LEU D 160 25.36 74.21 -44.32
CA LEU D 160 25.12 73.24 -45.38
C LEU D 160 26.23 72.20 -45.40
N VAL D 161 25.83 70.93 -45.33
CA VAL D 161 26.75 69.80 -45.38
C VAL D 161 26.46 69.06 -46.68
N LYS D 162 27.29 69.30 -47.69
CA LYS D 162 27.05 68.84 -49.05
C LYS D 162 27.98 67.69 -49.42
N ASP D 163 27.42 66.65 -50.03
CA ASP D 163 28.14 65.54 -50.64
C ASP D 163 29.12 64.85 -49.68
N TYR D 164 28.67 63.77 -49.05
CA TYR D 164 29.53 62.97 -48.20
C TYR D 164 29.07 61.52 -48.27
N PHE D 165 29.89 60.63 -47.71
CA PHE D 165 29.57 59.21 -47.67
C PHE D 165 30.47 58.49 -46.68
N PRO D 166 29.90 57.61 -45.85
CA PRO D 166 28.46 57.36 -45.76
C PRO D 166 27.82 58.01 -44.53
N GLU D 167 26.59 57.62 -44.23
CA GLU D 167 25.90 58.09 -43.03
C GLU D 167 26.57 57.55 -41.78
N PRO D 168 26.47 58.29 -40.65
CA PRO D 168 25.84 59.60 -40.53
C PRO D 168 26.84 60.74 -40.32
N VAL D 169 26.33 61.96 -40.18
CA VAL D 169 27.14 63.15 -39.88
C VAL D 169 26.57 63.79 -38.63
N THR D 170 27.43 64.02 -37.64
CA THR D 170 27.03 64.64 -36.38
C THR D 170 27.34 66.13 -36.44
N VAL D 171 26.32 66.95 -36.25
CA VAL D 171 26.42 68.40 -36.37
C VAL D 171 26.14 69.03 -35.02
N SER D 172 26.94 70.04 -34.66
CA SER D 172 26.73 70.83 -33.46
C SER D 172 26.91 72.30 -33.80
N TRP D 173 26.67 73.17 -32.82
CA TRP D 173 26.81 74.61 -32.99
C TRP D 173 27.63 75.15 -31.83
N ASN D 174 28.83 75.65 -32.13
CA ASN D 174 29.77 76.16 -31.13
C ASN D 174 30.08 75.10 -30.08
N SER D 175 30.24 73.85 -30.53
CA SER D 175 30.56 72.73 -29.65
C SER D 175 29.53 72.55 -28.54
N GLY D 176 28.26 72.71 -28.89
CA GLY D 176 27.18 72.55 -27.95
C GLY D 176 26.82 73.78 -27.16
N ALA D 177 27.50 74.91 -27.38
CA ALA D 177 27.16 76.13 -26.66
C ALA D 177 25.77 76.63 -27.04
N LEU D 178 25.39 76.46 -28.31
CA LEU D 178 24.06 76.81 -28.78
C LEU D 178 23.22 75.54 -28.88
N THR D 179 22.00 75.60 -28.35
CA THR D 179 21.17 74.40 -28.27
C THR D 179 19.71 74.68 -28.62
N SER D 180 19.18 75.81 -28.15
CA SER D 180 17.77 76.12 -28.36
C SER D 180 17.54 76.60 -29.80
N GLY D 181 16.53 76.03 -30.44
CA GLY D 181 16.19 76.39 -31.80
C GLY D 181 16.94 75.62 -32.87
N VAL D 182 17.77 74.65 -32.50
CA VAL D 182 18.55 73.89 -33.46
C VAL D 182 17.67 72.83 -34.10
N HIS D 183 17.82 72.66 -35.41
CA HIS D 183 17.08 71.63 -36.15
C HIS D 183 18.00 71.07 -37.23
N THR D 184 18.27 69.77 -37.17
CA THR D 184 19.11 69.07 -38.13
C THR D 184 18.22 68.22 -39.01
N PHE D 185 18.10 68.61 -40.28
CA PHE D 185 17.21 67.93 -41.20
C PHE D 185 17.81 66.61 -41.69
N PRO D 186 16.98 65.65 -42.06
CA PRO D 186 17.51 64.38 -42.58
C PRO D 186 18.19 64.59 -43.92
N ALA D 187 19.32 63.91 -44.11
CA ALA D 187 20.09 64.04 -45.34
C ALA D 187 19.36 63.38 -46.50
N VAL D 188 19.75 63.78 -47.71
CA VAL D 188 19.22 63.18 -48.94
C VAL D 188 20.34 62.43 -49.63
N LEU D 189 19.96 61.36 -50.32
CA LEU D 189 20.89 60.56 -51.13
C LEU D 189 20.76 61.00 -52.57
N GLN D 190 21.65 61.88 -53.01
CA GLN D 190 21.61 62.32 -54.40
C GLN D 190 22.02 61.19 -55.32
N SER D 191 21.62 61.30 -56.59
CA SER D 191 21.85 60.24 -57.56
C SER D 191 23.33 59.93 -57.75
N SER D 192 24.22 60.81 -57.30
CA SER D 192 25.65 60.55 -57.35
C SER D 192 26.08 59.49 -56.35
N GLY D 193 25.21 59.05 -55.46
CA GLY D 193 25.57 58.13 -54.41
C GLY D 193 26.13 58.76 -53.17
N LEU D 194 25.81 60.03 -52.92
CA LEU D 194 26.34 60.77 -51.78
C LEU D 194 25.20 61.41 -51.01
N TYR D 195 25.33 61.45 -49.70
CA TYR D 195 24.34 62.09 -48.84
C TYR D 195 24.65 63.58 -48.68
N SER D 196 23.64 64.34 -48.29
CA SER D 196 23.78 65.78 -48.09
C SER D 196 22.71 66.24 -47.13
N LEU D 197 23.11 66.83 -46.01
CA LEU D 197 22.18 67.34 -45.01
C LEU D 197 22.37 68.84 -44.82
N SER D 198 21.43 69.43 -44.09
CA SER D 198 21.47 70.84 -43.75
C SER D 198 21.03 71.02 -42.31
N SER D 199 21.68 71.96 -41.61
CA SER D 199 21.31 72.31 -40.25
C SER D 199 20.85 73.76 -40.22
N VAL D 200 19.91 74.06 -39.33
CA VAL D 200 19.36 75.40 -39.21
C VAL D 200 19.15 75.75 -37.75
N VAL D 201 19.28 77.03 -37.44
CA VAL D 201 18.98 77.58 -36.12
C VAL D 201 18.18 78.86 -36.30
N THR D 202 17.15 79.02 -35.47
CA THR D 202 16.30 80.21 -35.48
C THR D 202 16.68 81.07 -34.28
N VAL D 203 17.41 82.16 -34.54
CA VAL D 203 17.86 83.07 -33.50
C VAL D 203 17.28 84.45 -33.76
N PRO D 204 17.10 85.30 -32.75
CA PRO D 204 16.55 86.63 -32.99
C PRO D 204 17.50 87.48 -33.83
N SER D 205 16.91 88.32 -34.68
CA SER D 205 17.71 89.20 -35.53
C SER D 205 18.48 90.24 -34.74
N SER D 206 18.08 90.52 -33.50
CA SER D 206 18.82 91.47 -32.67
C SER D 206 20.18 90.91 -32.28
N SER D 207 20.25 89.63 -31.95
CA SER D 207 21.51 88.98 -31.56
C SER D 207 22.30 88.56 -32.81
N LEU D 208 22.69 89.56 -33.60
CA LEU D 208 23.47 89.32 -34.80
C LEU D 208 24.60 90.35 -34.98
N GLY D 209 25.04 90.98 -33.91
CA GLY D 209 26.17 91.87 -33.99
C GLY D 209 27.46 91.13 -34.25
N THR D 210 27.95 90.40 -33.25
CA THR D 210 29.11 89.55 -33.41
C THR D 210 29.04 88.37 -32.44
N GLN D 211 27.84 87.84 -32.23
CA GLN D 211 27.70 86.62 -31.45
C GLN D 211 28.38 85.44 -32.15
N THR D 212 28.45 85.48 -33.48
CA THR D 212 29.20 84.53 -34.30
C THR D 212 28.81 83.09 -34.00
N TYR D 213 27.76 82.60 -34.66
CA TYR D 213 27.37 81.20 -34.53
C TYR D 213 28.23 80.35 -35.45
N ILE D 214 28.99 79.42 -34.86
CA ILE D 214 29.90 78.55 -35.59
C ILE D 214 29.34 77.14 -35.58
N CYS D 215 29.28 76.52 -36.75
CA CYS D 215 28.73 75.18 -36.93
C CYS D 215 29.86 74.18 -37.05
N ASN D 216 29.81 73.12 -36.23
CA ASN D 216 30.85 72.11 -36.15
C ASN D 216 30.33 70.82 -36.73
N VAL D 217 30.96 70.35 -37.81
CA VAL D 217 30.58 69.13 -38.50
C VAL D 217 31.59 68.04 -38.19
N ASN D 218 31.10 66.84 -37.90
CA ASN D 218 31.95 65.69 -37.58
C ASN D 218 31.46 64.49 -38.37
N HIS D 219 32.37 63.87 -39.12
CA HIS D 219 32.09 62.66 -39.89
C HIS D 219 33.25 61.71 -39.65
N LYS D 220 33.08 60.79 -38.69
CA LYS D 220 34.17 59.90 -38.32
C LYS D 220 34.62 58.95 -39.44
N PRO D 221 33.74 58.41 -40.30
CA PRO D 221 34.26 57.54 -41.37
C PRO D 221 35.32 58.18 -42.24
N SER D 222 35.20 59.48 -42.52
CA SER D 222 36.17 60.18 -43.36
C SER D 222 37.20 60.96 -42.54
N ASN D 223 37.14 60.88 -41.21
CA ASN D 223 38.09 61.52 -40.29
C ASN D 223 38.11 63.04 -40.43
N THR D 224 37.13 63.62 -41.10
CA THR D 224 37.07 65.06 -41.33
C THR D 224 36.19 65.72 -40.25
N LYS D 225 36.74 66.75 -39.61
CA LYS D 225 36.04 67.51 -38.55
C LYS D 225 36.17 68.98 -38.91
N VAL D 226 35.30 69.45 -39.80
CA VAL D 226 35.38 70.79 -40.36
C VAL D 226 34.36 71.69 -39.68
N ASP D 227 34.82 72.80 -39.14
CA ASP D 227 33.96 73.84 -38.59
C ASP D 227 33.79 74.96 -39.62
N LYS D 228 32.79 75.82 -39.37
CA LYS D 228 32.53 76.90 -40.31
C LYS D 228 31.78 78.02 -39.60
N LYS D 229 32.14 79.26 -39.90
CA LYS D 229 31.50 80.45 -39.36
C LYS D 229 30.43 80.96 -40.31
N VAL D 230 29.51 81.75 -39.77
CA VAL D 230 28.39 82.31 -40.53
C VAL D 230 28.39 83.82 -40.35
N GLU D 231 28.42 84.54 -41.47
CA GLU D 231 28.36 85.99 -41.45
C GLU D 231 27.18 86.48 -42.29
N PRO D 232 26.56 87.60 -41.90
CA PRO D 232 25.30 88.02 -42.55
C PRO D 232 25.53 88.70 -43.89
N LYS D 233 25.07 88.04 -44.96
CA LYS D 233 24.87 88.66 -46.27
C LYS D 233 26.14 89.24 -46.89
N SER D 234 26.43 90.50 -46.60
CA SER D 234 27.44 91.31 -47.28
C SER D 234 27.02 91.55 -48.74
N CYS D 235 27.82 92.33 -49.46
CA CYS D 235 27.51 92.73 -50.84
C CYS D 235 26.14 93.40 -50.93
N GLU E 1 -11.02 -37.09 24.87
CA GLU E 1 -9.61 -37.42 25.03
C GLU E 1 -8.74 -36.17 24.97
N GLY E 2 -8.86 -35.32 25.98
CA GLY E 2 -8.09 -34.10 26.07
C GLY E 2 -6.86 -34.25 26.94
N GLN E 3 -6.45 -33.14 27.55
CA GLN E 3 -5.21 -33.10 28.32
C GLN E 3 -5.17 -31.84 29.17
N LEU E 4 -5.20 -31.99 30.49
CA LEU E 4 -5.16 -30.88 31.43
C LEU E 4 -3.85 -30.96 32.21
N VAL E 5 -2.91 -30.09 31.86
CA VAL E 5 -1.61 -30.03 32.52
C VAL E 5 -1.60 -28.84 33.46
N GLN E 6 -1.30 -29.08 34.73
CA GLN E 6 -1.25 -28.05 35.74
C GLN E 6 0.18 -27.58 35.97
N SER E 7 0.31 -26.49 36.72
CA SER E 7 1.62 -25.97 37.05
C SER E 7 2.33 -26.88 38.05
N GLY E 8 3.62 -26.64 38.23
CA GLY E 8 4.41 -27.44 39.14
C GLY E 8 4.08 -27.15 40.58
N ALA E 9 4.64 -28.00 41.46
CA ALA E 9 4.43 -27.84 42.89
C ALA E 9 5.08 -26.55 43.38
N GLU E 10 4.42 -25.89 44.34
CA GLU E 10 4.85 -24.58 44.80
C GLU E 10 4.89 -24.53 46.31
N LEU E 11 5.88 -23.81 46.83
CA LEU E 11 6.02 -23.52 48.26
C LEU E 11 5.76 -22.04 48.49
N LYS E 12 4.91 -21.73 49.47
CA LYS E 12 4.56 -20.34 49.77
C LYS E 12 4.52 -20.14 51.27
N LYS E 13 4.94 -18.97 51.71
CA LYS E 13 4.89 -18.63 53.12
C LYS E 13 3.45 -18.28 53.54
N PRO E 14 3.11 -18.50 54.80
CA PRO E 14 1.74 -18.21 55.25
C PRO E 14 1.43 -16.72 55.13
N GLY E 15 0.25 -16.43 54.56
CA GLY E 15 -0.19 -15.07 54.34
C GLY E 15 -0.09 -14.60 52.90
N ALA E 16 0.69 -15.29 52.07
CA ALA E 16 0.89 -14.90 50.68
C ALA E 16 -0.17 -15.53 49.80
N SER E 17 -0.17 -15.12 48.53
CA SER E 17 -1.10 -15.62 47.53
C SER E 17 -0.34 -16.40 46.46
N VAL E 18 -1.06 -17.28 45.77
CA VAL E 18 -0.47 -18.08 44.71
C VAL E 18 -1.52 -18.28 43.62
N LYS E 19 -1.05 -18.45 42.38
CA LYS E 19 -1.91 -18.58 41.21
C LYS E 19 -1.53 -19.85 40.47
N ILE E 20 -2.40 -20.85 40.55
CA ILE E 20 -2.17 -22.14 39.90
C ILE E 20 -2.78 -22.13 38.52
N SER E 21 -2.08 -22.74 37.56
CA SER E 21 -2.50 -22.77 36.16
C SER E 21 -3.05 -24.15 35.80
N CYS E 22 -3.68 -24.20 34.64
CA CYS E 22 -4.34 -25.40 34.14
C CYS E 22 -4.51 -25.29 32.62
N LYS E 23 -3.45 -25.55 31.88
CA LYS E 23 -3.47 -25.43 30.42
C LYS E 23 -3.98 -26.73 29.81
N THR E 24 -4.92 -26.59 28.87
CA THR E 24 -5.61 -27.72 28.28
C THR E 24 -5.20 -27.92 26.83
N SER E 25 -5.60 -29.05 26.28
CA SER E 25 -5.38 -29.37 24.87
C SER E 25 -6.25 -30.56 24.51
N GLY E 26 -6.41 -30.80 23.21
CA GLY E 26 -7.11 -31.96 22.72
C GLY E 26 -8.62 -31.88 22.76
N TYR E 27 -9.19 -30.76 23.20
CA TYR E 27 -10.64 -30.61 23.21
C TYR E 27 -10.99 -29.13 23.11
N ARG E 28 -12.24 -28.86 22.72
CA ARG E 28 -12.73 -27.49 22.65
C ARG E 28 -12.80 -26.89 24.04
N PHE E 29 -11.90 -25.96 24.34
CA PHE E 29 -11.77 -25.44 25.69
C PHE E 29 -13.04 -24.73 26.16
N ASN E 30 -13.81 -24.17 25.24
CA ASN E 30 -15.05 -23.48 25.61
C ASN E 30 -16.25 -24.41 25.73
N PHE E 31 -16.06 -25.71 25.55
CA PHE E 31 -17.18 -26.65 25.59
C PHE E 31 -17.41 -27.28 26.95
N TYR E 32 -16.49 -27.11 27.90
CA TYR E 32 -16.63 -27.74 29.21
C TYR E 32 -16.07 -26.82 30.27
N HIS E 33 -16.67 -26.89 31.46
CA HIS E 33 -16.21 -26.09 32.59
C HIS E 33 -14.82 -26.54 33.04
N ILE E 34 -14.20 -25.72 33.87
CA ILE E 34 -12.96 -26.06 34.56
C ILE E 34 -13.26 -26.07 36.05
N ASN E 35 -13.09 -27.21 36.68
CA ASN E 35 -13.35 -27.38 38.10
C ASN E 35 -12.03 -27.36 38.89
N TRP E 36 -12.08 -26.77 40.07
CA TRP E 36 -10.98 -26.77 41.01
C TRP E 36 -11.45 -27.48 42.28
N ILE E 37 -10.74 -28.56 42.63
CA ILE E 37 -11.02 -29.36 43.81
C ILE E 37 -9.70 -29.63 44.52
N ARG E 38 -9.65 -29.38 45.82
CA ARG E 38 -8.44 -29.60 46.60
C ARG E 38 -8.63 -30.79 47.54
N GLN E 39 -7.50 -31.40 47.90
CA GLN E 39 -7.47 -32.53 48.82
C GLN E 39 -6.36 -32.30 49.83
N THR E 40 -6.73 -32.22 51.10
CA THR E 40 -5.78 -32.11 52.20
C THR E 40 -5.71 -33.43 52.96
N ALA E 41 -4.68 -33.55 53.79
CA ALA E 41 -4.46 -34.82 54.49
C ALA E 41 -5.51 -35.09 55.55
N GLY E 42 -6.09 -34.03 56.13
CA GLY E 42 -7.00 -34.21 57.24
C GLY E 42 -8.47 -34.23 56.87
N ARG E 43 -8.83 -33.51 55.80
CA ARG E 43 -10.24 -33.31 55.47
C ARG E 43 -10.67 -34.04 54.20
N GLY E 44 -9.74 -34.69 53.49
CA GLY E 44 -10.09 -35.40 52.28
C GLY E 44 -10.41 -34.46 51.14
N PRO E 45 -11.15 -34.96 50.15
CA PRO E 45 -11.47 -34.14 48.98
C PRO E 45 -12.43 -33.02 49.34
N GLU E 46 -12.31 -31.91 48.61
CA GLU E 46 -13.16 -30.74 48.87
C GLU E 46 -13.25 -29.94 47.58
N TRP E 47 -14.42 -29.98 46.94
CA TRP E 47 -14.64 -29.23 45.72
C TRP E 47 -14.62 -27.73 46.00
N MET E 48 -13.83 -26.99 45.23
CA MET E 48 -13.66 -25.56 45.45
C MET E 48 -14.53 -24.70 44.53
N GLY E 49 -14.56 -24.99 43.23
CA GLY E 49 -15.31 -24.13 42.34
C GLY E 49 -15.28 -24.65 40.91
N TRP E 50 -16.04 -23.99 40.05
CA TRP E 50 -15.90 -24.21 38.62
C TRP E 50 -16.15 -22.91 37.88
N ILE E 51 -15.55 -22.82 36.68
CA ILE E 51 -15.65 -21.62 35.85
C ILE E 51 -15.90 -22.05 34.40
N SER E 52 -16.70 -21.25 33.69
CA SER E 52 -17.02 -21.54 32.30
C SER E 52 -16.15 -20.68 31.39
N PRO E 53 -15.34 -21.29 30.51
CA PRO E 53 -14.54 -20.47 29.59
C PRO E 53 -15.37 -19.75 28.54
N TYR E 54 -16.54 -20.28 28.19
CA TYR E 54 -17.35 -19.69 27.13
C TYR E 54 -18.15 -18.49 27.64
N SER E 55 -18.95 -18.69 28.68
CA SER E 55 -19.85 -17.66 29.18
C SER E 55 -19.29 -16.88 30.36
N GLY E 56 -18.16 -17.29 30.92
CA GLY E 56 -17.61 -16.60 32.07
C GLY E 56 -18.30 -16.91 33.39
N ASP E 57 -19.25 -17.85 33.40
CA ASP E 57 -19.88 -18.27 34.64
C ASP E 57 -18.85 -18.73 35.66
N LYS E 58 -19.12 -18.45 36.93
CA LYS E 58 -18.26 -18.88 38.03
C LYS E 58 -19.12 -19.28 39.20
N ASN E 59 -18.83 -20.44 39.78
CA ASN E 59 -19.52 -20.91 40.98
C ASN E 59 -18.47 -21.34 41.99
N LEU E 60 -18.44 -20.65 43.13
CA LEU E 60 -17.49 -20.93 44.20
C LEU E 60 -18.21 -21.46 45.43
N ALA E 61 -17.53 -22.33 46.17
CA ALA E 61 -18.07 -22.80 47.43
C ALA E 61 -18.01 -21.69 48.46
N PRO E 62 -18.96 -21.67 49.41
CA PRO E 62 -18.97 -20.60 50.41
C PRO E 62 -17.70 -20.53 51.23
N ALA E 63 -16.95 -21.63 51.34
CA ALA E 63 -15.71 -21.61 52.10
C ALA E 63 -14.60 -20.92 51.31
N PHE E 64 -14.55 -21.15 50.00
CA PHE E 64 -13.54 -20.54 49.14
C PHE E 64 -14.07 -19.32 48.40
N GLN E 65 -15.29 -18.90 48.69
CA GLN E 65 -15.87 -17.74 48.01
C GLN E 65 -15.20 -16.44 48.44
N ASP E 66 -14.52 -16.42 49.59
CA ASP E 66 -13.93 -15.21 50.13
C ASP E 66 -12.46 -15.03 49.77
N ARG E 67 -11.81 -16.04 49.18
CA ARG E 67 -10.36 -15.97 49.00
C ARG E 67 -9.88 -16.74 47.77
N VAL E 68 -10.74 -16.95 46.77
CA VAL E 68 -10.36 -17.64 45.55
C VAL E 68 -10.93 -16.88 44.35
N ILE E 69 -10.08 -16.61 43.36
CA ILE E 69 -10.48 -15.91 42.14
C ILE E 69 -10.09 -16.79 40.95
N MET E 70 -11.08 -17.21 40.17
CA MET E 70 -10.86 -18.08 39.02
C MET E 70 -11.00 -17.28 37.73
N THR E 71 -10.08 -17.51 36.80
CA THR E 71 -10.09 -16.84 35.51
C THR E 71 -9.78 -17.84 34.42
N THR E 72 -10.15 -17.49 33.19
CA THR E 72 -9.88 -18.32 32.02
C THR E 72 -9.50 -17.43 30.84
N ASP E 73 -8.57 -17.92 30.02
CA ASP E 73 -8.19 -17.23 28.80
C ASP E 73 -9.05 -17.71 27.64
N THR E 74 -9.03 -16.95 26.55
CA THR E 74 -9.75 -17.33 25.35
C THR E 74 -9.01 -18.47 24.64
N GLU E 75 -9.77 -19.40 24.09
CA GLU E 75 -9.17 -20.57 23.46
C GLU E 75 -8.43 -20.18 22.19
N VAL E 76 -7.31 -20.85 21.95
CA VAL E 76 -6.54 -20.69 20.71
C VAL E 76 -6.81 -21.91 19.84
N PRO E 77 -7.64 -21.80 18.81
CA PRO E 77 -8.03 -22.98 18.05
C PRO E 77 -6.86 -23.60 17.31
N VAL E 78 -6.91 -24.93 17.21
CA VAL E 78 -5.93 -25.71 16.45
C VAL E 78 -6.58 -26.35 15.22
N THR E 79 -7.70 -27.05 15.43
CA THR E 79 -8.48 -27.60 14.33
C THR E 79 -9.91 -27.09 14.40
N SER E 80 -10.84 -27.77 13.74
CA SER E 80 -12.22 -27.32 13.74
C SER E 80 -12.96 -27.70 15.03
N PHE E 81 -12.57 -28.81 15.67
CA PHE E 81 -13.24 -29.25 16.90
C PHE E 81 -12.25 -29.51 18.02
N THR E 82 -11.05 -28.95 17.94
CA THR E 82 -10.08 -28.99 19.04
C THR E 82 -9.50 -27.61 19.24
N SER E 83 -9.14 -27.31 20.48
CA SER E 83 -8.56 -26.01 20.82
C SER E 83 -7.67 -26.17 22.05
N THR E 84 -6.98 -25.09 22.39
CA THR E 84 -6.10 -25.04 23.56
C THR E 84 -6.45 -23.84 24.41
N GLY E 85 -6.65 -24.07 25.71
CA GLY E 85 -6.96 -23.02 26.64
C GLY E 85 -6.10 -23.12 27.89
N ALA E 86 -6.37 -22.21 28.82
CA ALA E 86 -5.72 -22.23 30.12
C ALA E 86 -6.63 -21.63 31.17
N ALA E 87 -6.68 -22.25 32.34
CA ALA E 87 -7.42 -21.75 33.48
C ALA E 87 -6.46 -21.36 34.60
N TYR E 88 -6.93 -20.48 35.47
CA TYR E 88 -6.11 -19.98 36.57
C TYR E 88 -6.94 -19.84 37.82
N MET E 89 -6.37 -20.26 38.95
CA MET E 89 -7.01 -20.16 40.26
C MET E 89 -6.05 -19.47 41.20
N GLU E 90 -6.44 -18.28 41.68
CA GLU E 90 -5.60 -17.47 42.54
C GLU E 90 -6.20 -17.46 43.95
N ILE E 91 -5.44 -18.02 44.89
CA ILE E 91 -5.87 -18.10 46.29
C ILE E 91 -4.97 -17.21 47.13
N ARG E 92 -5.56 -16.52 48.09
CA ARG E 92 -4.87 -15.51 48.89
C ARG E 92 -4.88 -15.91 50.36
N ASN E 93 -3.89 -15.38 51.09
CA ASN E 93 -3.72 -15.62 52.53
C ASN E 93 -3.73 -17.11 52.86
N LEU E 94 -2.65 -17.76 52.45
CA LEU E 94 -2.49 -19.19 52.66
C LEU E 94 -2.16 -19.50 54.11
N LYS E 95 -2.71 -20.60 54.61
CA LYS E 95 -2.41 -21.11 55.94
C LYS E 95 -2.00 -22.58 55.83
N PHE E 96 -1.60 -23.16 56.96
CA PHE E 96 -1.09 -24.54 56.93
C PHE E 96 -2.19 -25.53 56.58
N ASP E 97 -3.45 -25.22 56.90
CA ASP E 97 -4.55 -26.11 56.53
C ASP E 97 -4.88 -26.06 55.05
N ASP E 98 -4.34 -25.08 54.32
CA ASP E 98 -4.51 -25.02 52.87
C ASP E 98 -3.47 -25.85 52.12
N THR E 99 -2.47 -26.39 52.82
CA THR E 99 -1.47 -27.23 52.19
C THR E 99 -2.11 -28.53 51.72
N GLY E 100 -1.81 -28.91 50.48
CA GLY E 100 -2.36 -30.14 49.93
C GLY E 100 -2.27 -30.15 48.42
N THR E 101 -3.01 -31.07 47.82
CA THR E 101 -3.00 -31.28 46.39
C THR E 101 -4.18 -30.54 45.76
N TYR E 102 -3.95 -29.94 44.59
CA TYR E 102 -4.96 -29.16 43.90
C TYR E 102 -5.15 -29.73 42.49
N PHE E 103 -6.41 -30.04 42.16
CA PHE E 103 -6.76 -30.63 40.88
C PHE E 103 -7.70 -29.72 40.12
N CYS E 104 -7.46 -29.59 38.81
CA CYS E 104 -8.41 -29.00 37.89
C CYS E 104 -8.94 -30.09 36.96
N ALA E 105 -10.26 -30.13 36.80
CA ALA E 105 -10.91 -31.21 36.06
C ALA E 105 -11.78 -30.62 34.96
N LYS E 106 -11.91 -31.37 33.87
CA LYS E 106 -12.68 -30.97 32.71
C LYS E 106 -14.07 -31.58 32.76
N GLY E 107 -15.06 -30.77 32.39
CA GLY E 107 -16.45 -31.18 32.54
C GLY E 107 -16.78 -32.41 31.71
N LEU E 108 -17.80 -33.14 32.17
CA LEU E 108 -18.27 -34.32 31.47
C LEU E 108 -19.08 -33.96 30.23
N LEU E 109 -20.15 -33.18 30.39
CA LEU E 109 -21.09 -32.93 29.32
C LEU E 109 -21.14 -31.44 28.97
N ARG E 110 -21.59 -31.17 27.75
CA ARG E 110 -21.84 -29.80 27.30
C ARG E 110 -23.22 -29.31 27.69
N ASP E 111 -24.22 -30.19 27.63
CA ASP E 111 -25.59 -29.85 27.99
C ASP E 111 -26.25 -31.05 28.67
N GLY E 112 -27.10 -30.78 29.64
CA GLY E 112 -27.76 -31.83 30.38
C GLY E 112 -27.92 -31.52 31.86
N SER E 113 -27.97 -32.55 32.69
CA SER E 113 -28.13 -32.39 34.12
C SER E 113 -26.82 -32.42 34.89
N SER E 114 -25.75 -32.96 34.29
CA SER E 114 -24.43 -33.02 34.92
C SER E 114 -23.38 -32.51 33.92
N THR E 115 -23.50 -31.24 33.55
CA THR E 115 -22.61 -30.65 32.56
C THR E 115 -21.23 -30.39 33.17
N TRP E 116 -21.18 -29.66 34.29
CA TRP E 116 -19.94 -29.27 34.92
C TRP E 116 -19.23 -30.41 35.62
N LEU E 117 -19.87 -31.58 35.74
CA LEU E 117 -19.38 -32.66 36.57
C LEU E 117 -17.94 -33.01 36.22
N PRO E 118 -17.02 -32.99 37.17
CA PRO E 118 -15.59 -33.23 36.87
C PRO E 118 -15.38 -34.62 36.28
N TYR E 119 -14.78 -34.66 35.09
CA TYR E 119 -14.60 -35.92 34.38
C TYR E 119 -13.14 -36.14 34.00
N LEU E 120 -12.50 -35.14 33.41
CA LEU E 120 -11.12 -35.30 32.92
C LEU E 120 -10.17 -34.55 33.86
N TRP E 121 -9.68 -35.27 34.87
CA TRP E 121 -8.84 -34.65 35.90
C TRP E 121 -7.40 -34.51 35.44
N GLY E 122 -6.71 -33.52 36.03
CA GLY E 122 -5.31 -33.30 35.76
C GLY E 122 -4.40 -34.04 36.73
N GLN E 123 -3.09 -33.88 36.52
CA GLN E 123 -2.12 -34.63 37.30
C GLN E 123 -1.98 -34.10 38.72
N GLY E 124 -2.33 -32.85 38.97
CA GLY E 124 -2.30 -32.32 40.31
C GLY E 124 -1.15 -31.35 40.53
N THR E 125 -1.37 -30.40 41.45
CA THR E 125 -0.36 -29.42 41.84
C THR E 125 -0.23 -29.45 43.35
N LEU E 126 0.97 -29.78 43.83
CA LEU E 126 1.23 -29.86 45.27
C LEU E 126 1.57 -28.47 45.80
N LEU E 127 0.72 -27.95 46.67
CA LEU E 127 0.91 -26.64 47.27
C LEU E 127 1.27 -26.81 48.75
N THR E 128 2.45 -26.32 49.13
CA THR E 128 2.92 -26.40 50.50
C THR E 128 3.01 -25.02 51.10
N VAL E 129 2.38 -24.82 52.25
CA VAL E 129 2.41 -23.57 52.99
C VAL E 129 3.21 -23.81 54.26
N SER E 130 4.40 -23.21 54.32
CA SER E 130 5.29 -23.42 55.45
C SER E 130 6.14 -22.17 55.66
N SER E 131 6.68 -22.05 56.88
CA SER E 131 7.57 -20.95 57.22
C SER E 131 9.03 -21.30 56.98
N ALA E 132 9.39 -22.58 57.03
CA ALA E 132 10.76 -22.99 56.75
C ALA E 132 11.07 -22.80 55.26
N SER E 133 12.28 -22.33 54.98
CA SER E 133 12.68 -22.06 53.62
C SER E 133 12.90 -23.37 52.85
N THR E 134 13.11 -23.23 51.55
CA THR E 134 13.33 -24.39 50.69
C THR E 134 14.70 -25.00 50.95
N LYS E 135 14.78 -26.32 50.83
CA LYS E 135 16.03 -27.05 51.01
C LYS E 135 16.16 -28.08 49.90
N GLY E 136 17.31 -28.09 49.24
CA GLY E 136 17.56 -29.00 48.15
C GLY E 136 17.97 -30.38 48.63
N PRO E 137 17.71 -31.40 47.81
CA PRO E 137 18.00 -32.77 48.23
C PRO E 137 19.45 -33.17 47.99
N SER E 138 19.88 -34.18 48.73
CA SER E 138 21.19 -34.79 48.57
C SER E 138 21.01 -36.21 48.07
N VAL E 139 21.53 -36.49 46.88
CA VAL E 139 21.38 -37.78 46.24
C VAL E 139 22.64 -38.61 46.49
N PHE E 140 22.46 -39.86 46.93
CA PHE E 140 23.57 -40.76 47.16
C PHE E 140 23.31 -42.09 46.46
N PRO E 141 24.34 -42.70 45.88
CA PRO E 141 24.11 -43.89 45.05
C PRO E 141 23.72 -45.10 45.89
N LEU E 142 22.73 -45.84 45.38
CA LEU E 142 22.32 -47.13 45.96
C LEU E 142 22.91 -48.22 45.08
N ALA E 143 24.01 -48.81 45.55
CA ALA E 143 24.74 -49.80 44.78
C ALA E 143 23.85 -51.01 44.48
N PRO E 144 24.13 -51.73 43.39
CA PRO E 144 23.30 -52.88 43.04
C PRO E 144 23.34 -53.95 44.12
N SER E 145 22.23 -54.70 44.22
CA SER E 145 22.11 -55.78 45.18
C SER E 145 21.50 -57.00 44.49
N SER E 146 21.78 -58.16 45.06
CA SER E 146 21.31 -59.41 44.48
C SER E 146 19.81 -59.57 44.69
N LYS E 147 19.09 -59.87 43.62
CA LYS E 147 17.67 -60.21 43.70
C LYS E 147 17.35 -61.62 43.22
N SER E 148 18.15 -62.18 42.32
CA SER E 148 17.94 -63.54 41.85
C SER E 148 19.25 -64.07 41.30
N THR E 149 19.75 -65.16 41.89
CA THR E 149 21.00 -65.76 41.41
C THR E 149 20.77 -66.53 40.11
N SER E 150 19.69 -67.32 40.04
CA SER E 150 19.41 -68.06 38.82
C SER E 150 18.90 -67.15 37.72
N GLY E 151 18.04 -66.19 38.06
CA GLY E 151 17.53 -65.26 37.06
C GLY E 151 18.50 -64.15 36.68
N GLY E 152 19.50 -63.89 37.51
CA GLY E 152 20.47 -62.85 37.21
C GLY E 152 19.93 -61.44 37.26
N THR E 153 19.09 -61.13 38.24
CA THR E 153 18.48 -59.81 38.37
C THR E 153 19.04 -59.10 39.59
N ALA E 154 19.45 -57.84 39.41
CA ALA E 154 19.97 -57.01 40.47
C ALA E 154 19.08 -55.79 40.64
N ALA E 155 19.23 -55.12 41.79
CA ALA E 155 18.45 -53.93 42.11
C ALA E 155 19.40 -52.80 42.49
N LEU E 156 19.43 -51.75 41.67
CA LEU E 156 20.27 -50.59 41.91
C LEU E 156 19.41 -49.34 41.87
N GLY E 157 19.79 -48.33 42.64
CA GLY E 157 18.98 -47.14 42.70
C GLY E 157 19.73 -45.91 43.14
N CYS E 158 18.96 -44.90 43.54
CA CYS E 158 19.48 -43.64 44.04
C CYS E 158 18.63 -43.18 45.22
N LEU E 159 19.31 -42.61 46.22
CA LEU E 159 18.67 -42.18 47.46
C LEU E 159 18.56 -40.65 47.46
N VAL E 160 17.34 -40.16 47.61
CA VAL E 160 17.06 -38.73 47.70
C VAL E 160 16.82 -38.41 49.17
N LYS E 161 17.78 -37.76 49.81
CA LYS E 161 17.76 -37.55 51.25
C LYS E 161 17.66 -36.06 51.57
N ASP E 162 16.84 -35.75 52.58
CA ASP E 162 16.70 -34.40 53.13
C ASP E 162 16.32 -33.38 52.07
N TYR E 163 15.02 -33.19 51.85
CA TYR E 163 14.54 -32.15 50.95
C TYR E 163 13.21 -31.63 51.47
N PHE E 164 12.89 -30.41 51.05
CA PHE E 164 11.65 -29.74 51.48
C PHE E 164 11.34 -28.59 50.53
N PRO E 165 10.08 -28.51 50.07
CA PRO E 165 9.02 -29.46 50.39
C PRO E 165 8.83 -30.55 49.33
N GLU E 166 7.71 -31.26 49.40
CA GLU E 166 7.37 -32.29 48.44
C GLU E 166 6.89 -31.68 47.12
N PRO E 167 7.02 -32.42 46.00
CA PRO E 167 7.71 -33.70 45.87
C PRO E 167 9.02 -33.61 45.12
N VAL E 168 9.49 -34.76 44.61
CA VAL E 168 10.71 -34.85 43.82
C VAL E 168 10.46 -35.85 42.70
N THR E 169 10.78 -35.47 41.47
CA THR E 169 10.51 -36.32 40.31
C THR E 169 11.79 -37.02 39.88
N VAL E 170 11.73 -38.34 39.72
CA VAL E 170 12.89 -39.16 39.40
C VAL E 170 12.65 -39.85 38.06
N SER E 171 13.66 -39.81 37.19
CA SER E 171 13.64 -40.53 35.92
C SER E 171 14.97 -41.25 35.74
N TRP E 172 15.10 -41.97 34.62
CA TRP E 172 16.31 -42.72 34.33
C TRP E 172 16.66 -42.55 32.86
N ASN E 173 17.92 -42.17 32.60
CA ASN E 173 18.40 -41.91 31.25
C ASN E 173 17.55 -40.86 30.54
N SER E 174 17.18 -39.83 31.30
CA SER E 174 16.35 -38.72 30.80
C SER E 174 15.02 -39.24 30.24
N GLY E 175 14.36 -40.11 31.01
CA GLY E 175 13.08 -40.65 30.63
C GLY E 175 13.12 -41.77 29.62
N ALA E 176 14.30 -42.14 29.12
CA ALA E 176 14.43 -43.22 28.15
C ALA E 176 14.45 -44.60 28.79
N LEU E 177 14.17 -44.70 30.09
CA LEU E 177 14.15 -46.00 30.77
C LEU E 177 13.16 -45.91 31.92
N THR E 178 11.92 -46.31 31.65
CA THR E 178 10.87 -46.32 32.67
C THR E 178 10.40 -47.72 33.03
N SER E 179 10.86 -48.75 32.33
CA SER E 179 10.46 -50.12 32.62
C SER E 179 11.22 -50.67 33.81
N GLY E 180 10.51 -51.34 34.71
CA GLY E 180 11.12 -51.91 35.89
C GLY E 180 11.57 -50.93 36.94
N VAL E 181 11.13 -49.68 36.85
CA VAL E 181 11.50 -48.65 37.82
C VAL E 181 10.42 -48.58 38.90
N HIS E 182 10.86 -48.52 40.16
CA HIS E 182 9.95 -48.42 41.30
C HIS E 182 10.46 -47.32 42.20
N THR E 183 9.63 -46.28 42.39
CA THR E 183 9.95 -45.16 43.25
C THR E 183 9.13 -45.27 44.52
N PHE E 184 9.81 -45.28 45.67
CA PHE E 184 9.15 -45.45 46.96
C PHE E 184 8.65 -44.11 47.50
N PRO E 185 7.57 -44.13 48.29
CA PRO E 185 7.05 -42.88 48.85
C PRO E 185 8.06 -42.22 49.79
N ALA E 186 7.82 -40.94 50.04
CA ALA E 186 8.72 -40.16 50.88
C ALA E 186 8.38 -40.35 52.35
N VAL E 187 9.42 -40.37 53.19
CA VAL E 187 9.26 -40.50 54.63
C VAL E 187 9.31 -39.09 55.24
N LEU E 188 8.67 -38.95 56.40
CA LEU E 188 8.69 -37.68 57.14
C LEU E 188 9.65 -37.84 58.30
N GLN E 189 10.87 -37.33 58.14
CA GLN E 189 11.90 -37.49 59.15
C GLN E 189 11.55 -36.70 60.42
N SER E 190 12.38 -36.87 61.44
CA SER E 190 12.13 -36.22 62.72
C SER E 190 12.28 -34.70 62.61
N SER E 191 13.25 -34.24 61.83
CA SER E 191 13.49 -32.81 61.66
C SER E 191 12.47 -32.14 60.76
N GLY E 192 11.56 -32.90 60.15
CA GLY E 192 10.55 -32.36 59.27
C GLY E 192 10.89 -32.40 57.80
N LEU E 193 12.04 -32.95 57.43
CA LEU E 193 12.43 -33.06 56.04
C LEU E 193 11.93 -34.38 55.45
N TYR E 194 11.80 -34.40 54.13
CA TYR E 194 11.36 -35.58 53.40
C TYR E 194 12.54 -36.31 52.79
N SER E 195 12.35 -37.61 52.53
CA SER E 195 13.39 -38.44 51.95
C SER E 195 12.74 -39.66 51.31
N LEU E 196 13.15 -39.96 50.07
CA LEU E 196 12.65 -41.13 49.36
C LEU E 196 13.82 -41.83 48.67
N SER E 197 13.52 -42.91 47.96
CA SER E 197 14.52 -43.66 47.22
C SER E 197 13.87 -44.21 45.96
N SER E 198 14.66 -44.34 44.90
CA SER E 198 14.19 -44.87 43.63
C SER E 198 15.08 -46.04 43.23
N VAL E 199 14.47 -47.22 43.05
CA VAL E 199 15.21 -48.42 42.72
C VAL E 199 14.74 -48.93 41.36
N VAL E 200 15.59 -49.73 40.73
CA VAL E 200 15.27 -50.39 39.47
C VAL E 200 15.91 -51.77 39.48
N THR E 201 15.18 -52.76 38.95
CA THR E 201 15.64 -54.14 38.87
C THR E 201 15.98 -54.45 37.42
N VAL E 202 17.26 -54.69 37.16
CA VAL E 202 17.74 -54.91 35.79
C VAL E 202 18.57 -56.17 35.77
N PRO E 203 18.68 -56.82 34.59
CA PRO E 203 19.58 -57.96 34.48
C PRO E 203 21.02 -57.56 34.75
N SER E 204 21.75 -58.45 35.42
CA SER E 204 23.12 -58.15 35.82
C SER E 204 24.09 -58.18 34.64
N SER E 205 23.70 -58.77 33.51
CA SER E 205 24.57 -58.82 32.35
C SER E 205 24.65 -57.50 31.60
N SER E 206 23.66 -56.62 31.78
CA SER E 206 23.64 -55.32 31.11
C SER E 206 24.39 -54.32 31.98
N LEU E 207 25.69 -54.19 31.73
CA LEU E 207 26.52 -53.25 32.48
C LEU E 207 27.36 -52.39 31.56
N GLY E 208 27.74 -52.94 30.40
CA GLY E 208 28.59 -52.21 29.47
C GLY E 208 27.84 -51.55 28.35
N THR E 209 26.56 -51.90 28.17
CA THR E 209 25.79 -51.44 27.03
C THR E 209 24.52 -50.70 27.42
N GLN E 210 24.27 -50.52 28.72
CA GLN E 210 23.10 -49.79 29.19
C GLN E 210 23.54 -48.71 30.16
N THR E 211 23.02 -47.50 29.98
CA THR E 211 23.35 -46.38 30.83
C THR E 211 22.43 -46.34 32.04
N TYR E 212 23.01 -46.06 33.21
CA TYR E 212 22.27 -45.97 34.46
C TYR E 212 22.52 -44.58 35.05
N ILE E 213 21.68 -43.61 34.68
CA ILE E 213 21.76 -42.25 35.18
C ILE E 213 20.39 -41.90 35.77
N CYS E 214 20.32 -41.81 37.09
CA CYS E 214 19.09 -41.34 37.73
C CYS E 214 19.05 -39.82 37.67
N ASN E 215 18.00 -39.30 37.03
CA ASN E 215 17.78 -37.87 36.91
C ASN E 215 16.79 -37.45 38.01
N VAL E 216 17.30 -36.74 39.01
CA VAL E 216 16.50 -36.27 40.14
C VAL E 216 16.18 -34.80 39.92
N ASN E 217 14.91 -34.44 40.05
CA ASN E 217 14.45 -33.07 39.83
C ASN E 217 13.71 -32.60 41.07
N HIS E 218 14.22 -31.54 41.69
CA HIS E 218 13.56 -30.83 42.79
C HIS E 218 13.38 -29.39 42.31
N LYS E 219 12.25 -29.12 41.67
CA LYS E 219 11.92 -27.84 41.07
C LYS E 219 11.62 -26.74 42.09
N PRO E 220 11.04 -27.05 43.27
CA PRO E 220 10.92 -26.01 44.30
C PRO E 220 12.24 -25.30 44.60
N SER E 221 13.31 -26.03 44.86
CA SER E 221 14.63 -25.43 45.04
C SER E 221 15.34 -25.19 43.72
N ASN E 222 14.67 -25.40 42.59
CA ASN E 222 15.19 -25.14 41.25
C ASN E 222 16.42 -26.00 40.92
N THR E 223 16.65 -27.06 41.67
CA THR E 223 17.88 -27.84 41.55
C THR E 223 17.58 -29.22 40.96
N LYS E 224 18.52 -29.70 40.13
CA LYS E 224 18.46 -31.02 39.53
C LYS E 224 19.80 -31.71 39.72
N VAL E 225 19.75 -33.01 40.01
CA VAL E 225 20.94 -33.80 40.25
C VAL E 225 20.88 -35.05 39.37
N ASP E 226 21.76 -35.12 38.39
CA ASP E 226 21.87 -36.28 37.50
C ASP E 226 23.04 -37.13 37.99
N LYS E 227 22.74 -38.31 38.54
CA LYS E 227 23.75 -39.16 39.16
C LYS E 227 23.94 -40.44 38.36
N ARG E 228 25.20 -40.78 38.11
CA ARG E 228 25.57 -42.05 37.49
C ARG E 228 25.74 -43.09 38.59
N VAL E 229 24.88 -44.11 38.57
CA VAL E 229 24.89 -45.13 39.63
C VAL E 229 26.18 -45.93 39.56
N GLU E 230 26.80 -46.13 40.71
CA GLU E 230 28.05 -46.89 40.77
C GLU E 230 27.77 -48.37 40.54
N PRO E 231 28.29 -48.98 39.48
CA PRO E 231 27.93 -50.37 39.16
C PRO E 231 28.82 -51.39 39.84
N LYS E 232 29.45 -51.03 40.96
CA LYS E 232 30.31 -51.93 41.71
C LYS E 232 29.58 -52.37 42.97
N SER E 233 29.25 -53.65 43.04
CA SER E 233 28.50 -54.22 44.14
C SER E 233 29.37 -55.16 44.97
N CYS E 234 29.04 -55.27 46.25
CA CYS E 234 29.75 -56.16 47.17
C CYS E 234 28.91 -57.36 47.59
N ASP E 235 27.76 -57.57 46.94
CA ASP E 235 26.90 -58.70 47.27
C ASP E 235 27.44 -59.97 46.63
N LYS E 236 27.64 -61.00 47.44
CA LYS E 236 28.15 -62.27 46.94
C LYS E 236 27.08 -63.15 46.33
N GLY E 237 25.80 -62.93 46.68
CA GLY E 237 24.73 -63.68 46.06
C GLY E 237 24.58 -63.38 44.58
N LEU E 238 24.85 -62.14 44.18
CA LEU E 238 24.73 -61.77 42.77
C LEU E 238 25.92 -62.26 41.95
N GLU E 239 27.11 -62.27 42.56
CA GLU E 239 28.33 -62.65 41.83
C GLU E 239 28.39 -64.14 41.51
N VAL E 240 27.45 -64.93 42.02
CA VAL E 240 27.42 -66.37 41.71
C VAL E 240 26.87 -66.59 40.31
N SER F 2 -17.50 -33.55 56.31
CA SER F 2 -18.33 -34.13 55.27
C SER F 2 -19.65 -34.65 55.85
N VAL F 3 -20.73 -33.89 55.66
CA VAL F 3 -22.04 -34.31 56.14
C VAL F 3 -22.55 -35.52 55.38
N LEU F 4 -22.08 -35.74 54.16
CA LEU F 4 -22.45 -36.92 53.37
C LEU F 4 -21.58 -38.07 53.82
N THR F 5 -22.13 -38.95 54.65
CA THR F 5 -21.36 -40.00 55.29
C THR F 5 -21.44 -41.29 54.48
N GLN F 6 -20.30 -41.97 54.34
CA GLN F 6 -20.20 -43.28 53.72
C GLN F 6 -19.84 -44.33 54.75
N SER F 7 -19.83 -45.59 54.31
CA SER F 7 -19.32 -46.66 55.15
C SER F 7 -17.80 -46.55 55.22
N ALA F 8 -17.25 -46.70 56.42
CA ALA F 8 -15.80 -46.53 56.61
C ALA F 8 -15.03 -47.55 55.79
N SER F 9 -15.41 -48.82 55.89
CA SER F 9 -14.75 -49.88 55.14
C SER F 9 -15.75 -50.98 54.86
N VAL F 10 -15.53 -51.68 53.75
CA VAL F 10 -16.38 -52.80 53.34
C VAL F 10 -15.54 -53.73 52.49
N SER F 11 -15.85 -55.03 52.55
CA SER F 11 -15.05 -56.04 51.88
C SER F 11 -15.94 -57.04 51.18
N GLY F 12 -15.41 -57.62 50.10
CA GLY F 12 -16.08 -58.69 49.40
C GLY F 12 -15.07 -59.69 48.88
N SER F 13 -15.57 -60.88 48.56
CA SER F 13 -14.70 -61.96 48.12
C SER F 13 -14.29 -61.77 46.67
N LEU F 14 -13.17 -62.39 46.31
CA LEU F 14 -12.70 -62.34 44.94
C LEU F 14 -13.66 -63.09 44.03
N GLY F 15 -14.11 -62.42 42.97
CA GLY F 15 -15.15 -62.96 42.11
C GLY F 15 -16.56 -62.71 42.57
N GLN F 16 -16.74 -62.06 43.73
CA GLN F 16 -18.06 -61.77 44.27
C GLN F 16 -18.43 -60.32 43.95
N SER F 17 -19.19 -59.69 44.84
CA SER F 17 -19.57 -58.29 44.69
C SER F 17 -19.50 -57.61 46.05
N VAL F 18 -19.70 -56.30 46.04
CA VAL F 18 -19.65 -55.49 47.25
C VAL F 18 -20.51 -54.25 47.05
N THR F 19 -21.10 -53.77 48.15
CA THR F 19 -22.00 -52.62 48.12
C THR F 19 -21.42 -51.51 48.98
N ILE F 20 -21.46 -50.28 48.45
CA ILE F 20 -20.99 -49.10 49.15
C ILE F 20 -22.18 -48.18 49.37
N SER F 21 -22.37 -47.75 50.62
CA SER F 21 -23.47 -46.86 50.98
C SER F 21 -22.97 -45.43 51.11
N CYS F 22 -23.86 -44.48 50.83
CA CYS F 22 -23.52 -43.06 50.90
C CYS F 22 -24.81 -42.29 51.14
N THR F 23 -24.98 -41.76 52.34
CA THR F 23 -26.20 -41.08 52.75
C THR F 23 -25.84 -39.89 53.64
N GLY F 24 -26.87 -39.14 54.02
CA GLY F 24 -26.70 -37.96 54.83
C GLY F 24 -28.03 -37.31 55.16
N PRO F 25 -27.99 -36.10 55.71
CA PRO F 25 -29.23 -35.39 56.04
C PRO F 25 -30.02 -35.04 54.78
N ASN F 26 -31.34 -34.87 54.97
CA ASN F 26 -32.24 -34.63 53.84
C ASN F 26 -31.92 -33.32 53.12
N SER F 27 -31.30 -32.35 53.80
CA SER F 27 -30.88 -31.13 53.13
C SER F 27 -29.75 -31.40 52.13
N VAL F 28 -29.07 -32.54 52.25
CA VAL F 28 -27.99 -32.89 51.34
C VAL F 28 -28.23 -34.20 50.62
N CYS F 29 -29.13 -35.07 51.10
CA CYS F 29 -29.26 -36.42 50.59
C CYS F 29 -30.01 -36.42 49.26
N CYS F 30 -30.42 -37.62 48.82
CA CYS F 30 -30.81 -37.87 47.44
C CYS F 30 -32.32 -37.81 47.23
N SER F 31 -33.01 -36.84 47.83
CA SER F 31 -34.42 -36.66 47.52
C SER F 31 -34.61 -35.79 46.29
N HIS F 32 -33.76 -34.79 46.12
CA HIS F 32 -33.79 -33.89 44.96
C HIS F 32 -32.37 -33.62 44.49
N LYS F 33 -31.51 -34.63 44.54
CA LYS F 33 -30.11 -34.50 44.19
C LYS F 33 -29.70 -35.69 43.32
N SER F 34 -28.52 -35.56 42.70
CA SER F 34 -27.92 -36.63 41.91
C SER F 34 -26.63 -37.09 42.59
N ILE F 35 -26.29 -38.35 42.38
CA ILE F 35 -25.14 -38.98 43.02
C ILE F 35 -24.18 -39.45 41.94
N SER F 36 -22.90 -39.11 42.10
CA SER F 36 -21.84 -39.60 41.23
C SER F 36 -20.80 -40.34 42.06
N TRP F 37 -20.23 -41.39 41.47
CA TRP F 37 -19.24 -42.22 42.14
C TRP F 37 -17.90 -42.11 41.41
N TYR F 38 -16.85 -41.88 42.18
CA TYR F 38 -15.48 -41.76 41.68
C TYR F 38 -14.58 -42.77 42.37
N GLN F 39 -13.60 -43.29 41.63
CA GLN F 39 -12.52 -44.07 42.18
C GLN F 39 -11.31 -43.17 42.36
N TRP F 40 -10.89 -42.96 43.61
CA TRP F 40 -9.83 -42.01 43.95
C TRP F 40 -8.73 -42.74 44.72
N PRO F 41 -7.79 -43.36 44.00
CA PRO F 41 -6.67 -44.00 44.69
C PRO F 41 -5.76 -42.97 45.32
N PRO F 42 -5.14 -43.28 46.45
CA PRO F 42 -4.27 -42.31 47.12
C PRO F 42 -3.04 -41.99 46.26
N GLY F 43 -2.78 -40.69 46.11
CA GLY F 43 -1.65 -40.24 45.34
C GLY F 43 -1.85 -40.20 43.84
N ARG F 44 -3.08 -40.38 43.37
CA ARG F 44 -3.39 -40.36 41.95
C ARG F 44 -4.54 -39.39 41.70
N ALA F 45 -4.93 -39.26 40.42
CA ALA F 45 -6.10 -38.48 40.07
C ALA F 45 -7.33 -39.38 40.01
N PRO F 46 -8.48 -38.91 40.49
CA PRO F 46 -9.67 -39.75 40.51
C PRO F 46 -10.20 -40.02 39.12
N THR F 47 -11.04 -41.05 39.02
CA THR F 47 -11.64 -41.46 37.76
C THR F 47 -13.14 -41.59 37.95
N LEU F 48 -13.91 -40.89 37.12
CA LEU F 48 -15.37 -40.98 37.18
C LEU F 48 -15.82 -42.37 36.73
N ILE F 49 -16.56 -43.06 37.59
CA ILE F 49 -17.11 -44.35 37.24
C ILE F 49 -18.64 -44.34 37.16
N ILE F 50 -19.32 -43.49 37.93
CA ILE F 50 -20.78 -43.39 37.88
C ILE F 50 -21.16 -41.91 37.87
N TYR F 51 -22.09 -41.54 37.00
CA TYR F 51 -22.62 -40.19 36.96
C TYR F 51 -24.12 -40.23 36.76
N GLU F 52 -24.83 -39.37 37.50
CA GLU F 52 -26.29 -39.29 37.46
C GLU F 52 -26.92 -40.62 37.86
N ASP F 53 -26.71 -40.96 39.13
CA ASP F 53 -27.35 -42.10 39.79
C ASP F 53 -26.98 -43.44 39.16
N ASN F 54 -27.65 -43.82 38.08
CA ASN F 54 -27.54 -45.18 37.54
C ASN F 54 -26.59 -45.30 36.35
N GLU F 55 -26.66 -44.37 35.39
CA GLU F 55 -25.83 -44.48 34.20
C GLU F 55 -24.35 -44.36 34.55
N ARG F 56 -23.52 -45.15 33.88
CA ARG F 56 -22.09 -45.19 34.16
C ARG F 56 -21.32 -44.31 33.18
N ALA F 57 -20.11 -43.94 33.60
CA ALA F 57 -19.26 -43.08 32.78
C ALA F 57 -18.89 -43.78 31.47
N PRO F 58 -18.49 -43.02 30.46
CA PRO F 58 -18.13 -43.62 29.17
C PRO F 58 -16.99 -44.62 29.32
N GLY F 59 -17.16 -45.79 28.70
CA GLY F 59 -16.15 -46.83 28.72
C GLY F 59 -16.09 -47.65 29.98
N ILE F 60 -16.91 -47.35 30.99
CA ILE F 60 -16.91 -48.14 32.21
C ILE F 60 -17.60 -49.47 31.96
N SER F 61 -17.01 -50.54 32.49
CA SER F 61 -17.60 -51.86 32.35
C SER F 61 -18.93 -51.94 33.10
N PRO F 62 -19.82 -52.84 32.68
CA PRO F 62 -21.10 -52.99 33.40
C PRO F 62 -20.98 -53.61 34.79
N ARG F 63 -19.76 -53.87 35.26
CA ARG F 63 -19.59 -54.41 36.61
C ARG F 63 -20.04 -53.41 37.66
N PHE F 64 -19.74 -52.12 37.45
CA PHE F 64 -20.18 -51.08 38.36
C PHE F 64 -21.62 -50.69 38.07
N SER F 65 -22.38 -50.44 39.14
CA SER F 65 -23.77 -50.02 38.99
C SER F 65 -24.16 -49.17 40.18
N GLY F 66 -25.14 -48.29 39.96
CA GLY F 66 -25.64 -47.41 41.00
C GLY F 66 -27.11 -47.64 41.25
N TYR F 67 -27.52 -47.47 42.50
CA TYR F 67 -28.92 -47.55 42.89
C TYR F 67 -29.20 -46.47 43.92
N LYS F 68 -30.05 -45.51 43.55
CA LYS F 68 -30.36 -44.35 44.40
C LYS F 68 -31.74 -44.53 44.99
N SER F 69 -31.82 -44.48 46.32
CA SER F 69 -33.08 -44.46 47.04
C SER F 69 -33.40 -43.02 47.43
N TYR F 70 -34.53 -42.84 48.12
CA TYR F 70 -34.90 -41.51 48.59
C TYR F 70 -34.08 -41.06 49.80
N TRP F 71 -33.32 -41.97 50.43
CA TRP F 71 -32.55 -41.64 51.61
C TRP F 71 -31.07 -41.99 51.53
N SER F 72 -30.65 -42.71 50.49
CA SER F 72 -29.25 -43.14 50.40
C SER F 72 -28.93 -43.51 48.96
N ALA F 73 -27.64 -43.63 48.68
CA ALA F 73 -27.14 -44.08 47.40
C ALA F 73 -26.23 -45.28 47.60
N TYR F 74 -26.26 -46.20 46.65
CA TYR F 74 -25.51 -47.45 46.74
C TYR F 74 -24.75 -47.71 45.46
N LEU F 75 -23.51 -48.19 45.61
CA LEU F 75 -22.64 -48.54 44.49
C LEU F 75 -22.31 -50.02 44.59
N THR F 76 -22.70 -50.79 43.58
CA THR F 76 -22.43 -52.22 43.51
C THR F 76 -21.31 -52.48 42.51
N ILE F 77 -20.29 -53.20 42.95
CA ILE F 77 -19.13 -53.52 42.13
C ILE F 77 -19.08 -55.04 42.00
N SER F 78 -19.68 -55.56 40.93
CA SER F 78 -19.69 -56.99 40.70
C SER F 78 -18.38 -57.44 40.06
N ASP F 79 -18.06 -58.72 40.25
CA ASP F 79 -16.83 -59.32 39.73
C ASP F 79 -15.60 -58.52 40.16
N LEU F 80 -15.28 -58.66 41.44
CA LEU F 80 -14.17 -57.90 42.02
C LEU F 80 -12.84 -58.34 41.42
N ARG F 81 -12.01 -57.35 41.11
CA ARG F 81 -10.70 -57.55 40.52
C ARG F 81 -9.61 -57.07 41.46
N PRO F 82 -8.37 -57.52 41.27
CA PRO F 82 -7.27 -57.02 42.12
C PRO F 82 -7.08 -55.51 42.07
N GLU F 83 -7.49 -54.85 40.98
CA GLU F 83 -7.36 -53.40 40.89
C GLU F 83 -8.51 -52.66 41.57
N ASP F 84 -9.55 -53.36 42.01
CA ASP F 84 -10.69 -52.73 42.66
C ASP F 84 -10.41 -52.37 44.11
N GLU F 85 -9.34 -52.89 44.70
CA GLU F 85 -9.03 -52.63 46.11
C GLU F 85 -8.42 -51.24 46.23
N THR F 86 -9.28 -50.25 46.40
CA THR F 86 -8.85 -48.86 46.55
C THR F 86 -9.98 -48.08 47.21
N THR F 87 -9.83 -46.76 47.28
CA THR F 87 -10.82 -45.89 47.91
C THR F 87 -11.80 -45.36 46.87
N TYR F 88 -13.05 -45.18 47.30
CA TYR F 88 -14.11 -44.67 46.45
C TYR F 88 -14.84 -43.54 47.16
N TYR F 89 -15.32 -42.57 46.39
CA TYR F 89 -16.01 -41.41 46.93
C TYR F 89 -17.30 -41.15 46.17
N CYS F 90 -18.26 -40.56 46.86
CA CYS F 90 -19.53 -40.16 46.28
C CYS F 90 -19.66 -38.64 46.31
N CYS F 91 -20.48 -38.11 45.40
CA CYS F 91 -20.75 -36.69 45.31
C CYS F 91 -22.24 -36.47 45.09
N SER F 92 -22.85 -35.67 45.95
CA SER F 92 -24.24 -35.26 45.80
C SER F 92 -24.27 -33.86 45.21
N TYR F 93 -24.88 -33.73 44.04
CA TYR F 93 -24.83 -32.48 43.29
C TYR F 93 -26.17 -32.24 42.60
N THR F 94 -26.44 -30.97 42.31
CA THR F 94 -27.55 -30.56 41.47
C THR F 94 -27.01 -30.17 40.10
N HIS F 95 -27.85 -29.52 39.30
CA HIS F 95 -27.41 -29.06 37.99
C HIS F 95 -26.52 -27.83 38.07
N ASN F 96 -26.53 -27.11 39.19
CA ASN F 96 -25.76 -25.88 39.34
C ASN F 96 -24.81 -25.90 40.52
N SER F 97 -25.21 -26.49 41.65
CA SER F 97 -24.37 -26.50 42.84
C SER F 97 -23.29 -27.57 42.72
N GLY F 98 -22.08 -27.24 43.19
CA GLY F 98 -20.93 -28.10 43.06
C GLY F 98 -21.01 -29.41 43.80
N CYS F 99 -19.96 -30.22 43.68
CA CYS F 99 -19.94 -31.54 44.29
C CYS F 99 -19.83 -31.44 45.81
N VAL F 100 -20.58 -32.29 46.49
CA VAL F 100 -20.50 -32.44 47.94
C VAL F 100 -19.91 -33.82 48.20
N PHE F 101 -18.60 -33.88 48.40
CA PHE F 101 -17.90 -35.15 48.52
C PHE F 101 -18.25 -35.86 49.83
N GLY F 102 -18.08 -37.17 49.82
CA GLY F 102 -18.32 -37.99 50.98
C GLY F 102 -17.04 -38.32 51.74
N THR F 103 -17.22 -39.06 52.84
CA THR F 103 -16.10 -39.33 53.73
C THR F 103 -15.09 -40.30 53.12
N GLY F 104 -15.55 -41.23 52.31
CA GLY F 104 -14.67 -42.20 51.69
C GLY F 104 -14.94 -43.60 52.17
N THR F 105 -14.71 -44.57 51.29
CA THR F 105 -14.90 -45.99 51.61
C THR F 105 -13.72 -46.77 51.07
N LYS F 106 -13.04 -47.49 51.96
CA LYS F 106 -11.92 -48.35 51.58
C LYS F 106 -12.47 -49.75 51.31
N VAL F 107 -12.38 -50.18 50.05
CA VAL F 107 -12.88 -51.48 49.62
C VAL F 107 -11.74 -52.49 49.65
N SER F 108 -11.96 -53.60 50.34
CA SER F 108 -11.00 -54.69 50.40
C SER F 108 -11.55 -55.90 49.64
N VAL F 109 -10.67 -56.63 48.99
CA VAL F 109 -11.04 -57.81 48.21
C VAL F 109 -10.41 -59.01 48.91
N LEU F 110 -11.21 -59.70 49.72
CA LEU F 110 -10.75 -60.87 50.45
C LEU F 110 -10.75 -62.10 49.53
N GLY F 111 -10.31 -63.23 50.08
CA GLY F 111 -10.23 -64.44 49.30
C GLY F 111 -9.12 -64.48 48.28
N GLN F 112 -8.19 -63.53 48.32
CA GLN F 112 -7.04 -63.52 47.44
C GLN F 112 -5.87 -64.27 48.09
N SER F 113 -4.85 -64.53 47.27
CA SER F 113 -3.64 -65.20 47.74
C SER F 113 -2.66 -64.18 48.28
N LYS F 114 -2.02 -64.52 49.39
CA LYS F 114 -1.05 -63.64 50.02
C LYS F 114 0.28 -63.70 49.29
N ALA F 115 1.06 -62.64 49.44
CA ALA F 115 2.34 -62.51 48.75
C ALA F 115 3.49 -62.53 49.75
N ASN F 116 4.71 -62.81 49.22
CA ASN F 116 5.93 -62.86 50.00
C ASN F 116 6.65 -61.50 49.95
N PRO F 117 7.11 -61.01 51.09
CA PRO F 117 7.76 -59.69 51.10
C PRO F 117 9.15 -59.73 50.47
N SER F 118 9.42 -58.73 49.66
CA SER F 118 10.74 -58.54 49.04
C SER F 118 11.45 -57.41 49.79
N VAL F 119 12.44 -57.77 50.60
CA VAL F 119 13.13 -56.84 51.47
C VAL F 119 14.58 -56.74 51.04
N THR F 120 15.12 -55.51 51.03
CA THR F 120 16.52 -55.26 50.71
C THR F 120 16.99 -54.10 51.57
N LEU F 121 18.06 -54.32 52.32
CA LEU F 121 18.61 -53.32 53.21
C LEU F 121 19.82 -52.65 52.57
N PHE F 122 19.80 -51.32 52.50
CA PHE F 122 20.86 -50.54 51.88
C PHE F 122 21.64 -49.79 52.94
N PRO F 123 22.97 -49.90 52.94
CA PRO F 123 23.78 -49.18 53.92
C PRO F 123 24.04 -47.76 53.46
N PRO F 124 24.47 -46.88 54.36
CA PRO F 124 24.83 -45.50 53.94
C PRO F 124 26.09 -45.52 53.08
N SER F 125 26.03 -44.82 51.95
CA SER F 125 27.17 -44.74 51.05
C SER F 125 28.31 -43.96 51.69
N SER F 126 29.50 -44.11 51.10
CA SER F 126 30.68 -43.40 51.60
C SER F 126 30.55 -41.88 51.42
N GLU F 127 29.68 -41.42 50.53
CA GLU F 127 29.47 -39.99 50.36
C GLU F 127 28.57 -39.41 51.43
N GLU F 128 27.64 -40.21 51.96
CA GLU F 128 26.80 -39.74 53.06
C GLU F 128 27.59 -39.65 54.36
N LEU F 129 28.60 -40.51 54.52
CA LEU F 129 29.48 -40.42 55.68
C LEU F 129 30.39 -39.20 55.63
N GLN F 130 30.40 -38.46 54.54
CA GLN F 130 31.12 -37.20 54.43
C GLN F 130 30.23 -35.99 54.71
N ALA F 131 28.93 -36.20 54.88
CA ALA F 131 27.98 -35.11 55.11
C ALA F 131 28.06 -34.39 56.46
N ASN F 132 28.11 -35.09 57.61
CA ASN F 132 28.20 -36.55 57.73
C ASN F 132 27.01 -37.16 58.47
N LYS F 133 26.30 -38.05 57.78
CA LYS F 133 25.20 -38.82 58.35
C LYS F 133 25.38 -40.28 57.98
N ALA F 134 24.49 -41.13 58.49
CA ALA F 134 24.54 -42.57 58.19
C ALA F 134 23.11 -43.12 58.35
N THR F 135 22.40 -43.19 57.23
CA THR F 135 21.01 -43.60 57.22
C THR F 135 20.87 -44.94 56.50
N LEU F 136 20.37 -45.95 57.23
CA LEU F 136 20.08 -47.24 56.64
C LEU F 136 18.70 -47.20 55.98
N VAL F 137 18.62 -47.76 54.77
CA VAL F 137 17.43 -47.68 53.94
C VAL F 137 16.90 -49.10 53.74
N CYS F 138 15.92 -49.49 54.53
CA CYS F 138 15.31 -50.81 54.42
C CYS F 138 14.09 -50.71 53.51
N LEU F 139 14.15 -51.38 52.36
CA LEU F 139 13.11 -51.29 51.34
C LEU F 139 12.31 -52.59 51.33
N ILE F 140 10.98 -52.45 51.32
CA ILE F 140 10.06 -53.58 51.27
C ILE F 140 9.11 -53.37 50.09
N SER F 141 8.83 -54.44 49.36
CA SER F 141 7.96 -54.32 48.20
C SER F 141 7.33 -55.67 47.89
N ASP F 142 6.20 -55.61 47.17
CA ASP F 142 5.53 -56.78 46.61
C ASP F 142 5.06 -57.73 47.71
N PHE F 143 4.42 -57.18 48.73
CA PHE F 143 3.84 -57.97 49.80
C PHE F 143 2.32 -57.76 49.86
N TYR F 144 1.62 -58.77 50.34
CA TYR F 144 0.16 -58.72 50.42
C TYR F 144 -0.32 -59.53 51.63
N PRO F 145 -1.23 -58.94 52.43
CA PRO F 145 -1.82 -57.61 52.27
C PRO F 145 -0.90 -56.47 52.68
N GLY F 146 -1.45 -55.26 52.77
CA GLY F 146 -0.66 -54.07 53.05
C GLY F 146 -0.52 -53.73 54.52
N ALA F 147 0.06 -54.62 55.30
CA ALA F 147 0.34 -54.34 56.71
C ALA F 147 1.64 -55.04 57.11
N VAL F 148 2.58 -54.27 57.64
CA VAL F 148 3.86 -54.77 58.11
C VAL F 148 4.17 -54.18 59.48
N THR F 149 5.19 -54.74 60.12
CA THR F 149 5.71 -54.21 61.38
C THR F 149 7.23 -54.25 61.32
N VAL F 150 7.86 -53.08 61.27
CA VAL F 150 9.30 -52.97 61.07
C VAL F 150 9.98 -52.73 62.42
N ALA F 151 11.17 -53.30 62.58
CA ALA F 151 11.97 -53.11 63.78
C ALA F 151 13.44 -53.14 63.41
N TRP F 152 14.24 -52.31 64.06
CA TRP F 152 15.67 -52.21 63.81
C TRP F 152 16.46 -52.86 64.94
N LYS F 153 17.70 -53.25 64.62
CA LYS F 153 18.58 -53.84 65.61
C LYS F 153 20.01 -53.42 65.33
N ALA F 154 20.78 -53.25 66.41
CA ALA F 154 22.20 -52.91 66.34
C ALA F 154 22.94 -53.88 67.24
N ASP F 155 23.78 -54.73 66.63
CA ASP F 155 24.53 -55.76 67.36
C ASP F 155 23.59 -56.65 68.16
N SER F 156 22.47 -57.05 67.54
CA SER F 156 21.45 -57.89 68.16
C SER F 156 20.86 -57.20 69.39
N SER F 157 20.35 -55.99 69.19
CA SER F 157 19.70 -55.21 70.24
C SER F 157 18.79 -54.17 69.59
N PRO F 158 17.55 -54.03 70.07
CA PRO F 158 16.59 -53.14 69.40
C PRO F 158 17.04 -51.69 69.39
N VAL F 159 16.71 -51.00 68.31
CA VAL F 159 17.02 -49.58 68.13
C VAL F 159 15.72 -48.81 68.05
N LYS F 160 15.66 -47.66 68.73
CA LYS F 160 14.44 -46.87 68.76
C LYS F 160 14.71 -45.37 68.57
N ALA F 161 15.85 -45.00 68.00
CA ALA F 161 16.22 -43.61 67.80
C ALA F 161 16.37 -43.34 66.31
N GLY F 162 15.63 -42.35 65.82
CA GLY F 162 15.71 -41.98 64.42
C GLY F 162 15.12 -43.01 63.47
N VAL F 163 14.25 -43.88 63.96
CA VAL F 163 13.47 -44.76 63.09
C VAL F 163 12.35 -43.96 62.44
N GLU F 164 12.21 -44.08 61.13
CA GLU F 164 11.12 -43.42 60.40
C GLU F 164 10.61 -44.37 59.33
N THR F 165 9.36 -44.83 59.50
CA THR F 165 8.75 -45.79 58.59
C THR F 165 7.59 -45.15 57.84
N THR F 166 7.38 -45.59 56.61
CA THR F 166 6.30 -45.09 55.76
C THR F 166 5.10 -46.02 55.80
N THR F 167 3.93 -45.45 55.52
CA THR F 167 2.73 -46.25 55.41
C THR F 167 2.73 -47.02 54.08
N PRO F 168 2.06 -48.17 54.02
CA PRO F 168 2.08 -48.98 52.79
C PRO F 168 1.39 -48.26 51.63
N SER F 169 2.02 -48.35 50.46
CA SER F 169 1.47 -47.79 49.23
C SER F 169 1.31 -48.90 48.21
N LYS F 170 0.31 -48.76 47.35
CA LYS F 170 -0.03 -49.80 46.38
C LYS F 170 0.77 -49.62 45.10
N GLN F 171 1.44 -50.69 44.67
CA GLN F 171 2.19 -50.69 43.43
C GLN F 171 1.27 -50.96 42.25
N SER F 172 1.77 -50.67 41.04
CA SER F 172 0.99 -50.93 39.83
C SER F 172 0.72 -52.41 39.62
N ASN F 173 1.48 -53.29 40.28
CA ASN F 173 1.27 -54.73 40.22
C ASN F 173 0.26 -55.21 41.26
N ASN F 174 -0.57 -54.30 41.77
CA ASN F 174 -1.60 -54.59 42.78
C ASN F 174 -1.03 -55.12 44.09
N LYS F 175 0.28 -55.00 44.29
CA LYS F 175 0.92 -55.34 45.55
C LYS F 175 1.32 -54.06 46.28
N TYR F 176 1.66 -54.22 47.55
CA TYR F 176 1.99 -53.09 48.40
C TYR F 176 3.49 -52.99 48.63
N ALA F 177 3.94 -51.77 48.93
CA ALA F 177 5.35 -51.48 49.16
C ALA F 177 5.47 -50.45 50.28
N ALA F 178 6.63 -50.47 50.95
CA ALA F 178 6.89 -49.54 52.04
C ALA F 178 8.40 -49.42 52.21
N SER F 179 8.81 -48.42 52.99
CA SER F 179 10.22 -48.17 53.22
C SER F 179 10.42 -47.64 54.63
N SER F 180 11.56 -48.00 55.21
CA SER F 180 11.94 -47.53 56.54
C SER F 180 13.37 -47.01 56.49
N TYR F 181 13.65 -46.02 57.33
CA TYR F 181 14.94 -45.35 57.35
C TYR F 181 15.42 -45.20 58.79
N LEU F 182 16.70 -45.47 59.00
CA LEU F 182 17.34 -45.34 60.32
C LEU F 182 18.44 -44.30 60.22
N SER F 183 18.19 -43.13 60.79
CA SER F 183 19.17 -42.05 60.79
C SER F 183 20.14 -42.22 61.95
N LEU F 184 21.43 -42.11 61.66
CA LEU F 184 22.47 -42.35 62.66
C LEU F 184 23.64 -41.39 62.42
N THR F 185 24.40 -41.16 63.48
CA THR F 185 25.67 -40.46 63.50
C THR F 185 26.81 -41.46 63.35
N PRO F 186 27.97 -41.03 62.82
CA PRO F 186 29.05 -42.00 62.57
C PRO F 186 29.54 -42.74 63.80
N GLU F 187 29.33 -42.20 65.01
CA GLU F 187 29.74 -42.90 66.22
C GLU F 187 28.92 -44.16 66.43
N GLN F 188 27.58 -44.01 66.51
CA GLN F 188 26.70 -45.17 66.67
C GLN F 188 26.85 -46.14 65.51
N TRP F 189 27.16 -45.63 64.32
CA TRP F 189 27.43 -46.50 63.18
C TRP F 189 28.66 -47.35 63.45
N LYS F 190 29.78 -46.72 63.75
CA LYS F 190 31.05 -47.42 63.95
C LYS F 190 31.17 -48.04 65.34
N SER F 191 30.08 -48.09 66.12
CA SER F 191 30.13 -48.62 67.49
C SER F 191 29.48 -49.99 67.64
N HIS F 192 29.06 -50.62 66.54
CA HIS F 192 28.42 -51.92 66.61
C HIS F 192 28.99 -52.83 65.52
N ARG F 193 28.70 -54.13 65.66
CA ARG F 193 29.23 -55.14 64.74
C ARG F 193 28.23 -55.58 63.69
N SER F 194 26.95 -55.25 63.84
CA SER F 194 25.95 -55.64 62.87
C SER F 194 24.69 -54.81 63.06
N TYR F 195 24.12 -54.35 61.94
CA TYR F 195 22.81 -53.70 61.92
C TYR F 195 21.83 -54.58 61.14
N SER F 196 20.62 -54.71 61.68
CA SER F 196 19.64 -55.62 61.13
C SER F 196 18.28 -54.93 60.98
N CYS F 197 17.65 -55.17 59.84
CA CYS F 197 16.28 -54.74 59.59
C CYS F 197 15.37 -55.96 59.65
N GLN F 198 14.34 -55.89 60.50
CA GLN F 198 13.39 -56.98 60.70
C GLN F 198 12.02 -56.52 60.23
N VAL F 199 11.51 -57.16 59.18
CA VAL F 199 10.16 -56.93 58.68
C VAL F 199 9.30 -58.11 59.11
N THR F 200 8.30 -57.83 59.93
CA THR F 200 7.40 -58.84 60.48
C THR F 200 6.03 -58.72 59.81
N HIS F 201 5.54 -59.84 59.28
CA HIS F 201 4.24 -59.94 58.65
C HIS F 201 3.34 -60.84 59.47
N GLU F 202 2.19 -61.20 58.89
CA GLU F 202 1.22 -62.06 59.56
C GLU F 202 1.53 -63.54 59.35
N GLY F 203 2.30 -63.89 58.34
CA GLY F 203 2.58 -65.29 58.05
C GLY F 203 4.06 -65.64 58.04
N SER F 204 4.93 -64.64 57.91
CA SER F 204 6.35 -64.89 57.84
C SER F 204 7.11 -63.64 58.27
N THR F 205 8.11 -63.82 59.12
CA THR F 205 8.96 -62.74 59.60
C THR F 205 10.34 -62.89 58.97
N VAL F 206 10.78 -61.86 58.24
CA VAL F 206 12.04 -61.91 57.53
C VAL F 206 12.97 -60.84 58.10
N GLU F 207 14.27 -61.15 58.12
CA GLU F 207 15.28 -60.24 58.63
C GLU F 207 16.48 -60.22 57.69
N LYS F 208 17.03 -59.04 57.46
CA LYS F 208 18.23 -58.88 56.64
C LYS F 208 19.23 -58.03 57.40
N THR F 209 20.49 -58.46 57.41
CA THR F 209 21.53 -57.87 58.24
C THR F 209 22.72 -57.46 57.40
N VAL F 210 23.21 -56.24 57.63
CA VAL F 210 24.47 -55.76 57.08
C VAL F 210 25.30 -55.18 58.21
N ALA F 211 26.60 -55.45 58.18
CA ALA F 211 27.43 -54.96 59.28
C ALA F 211 27.89 -53.53 59.01
N PRO F 212 28.07 -52.73 60.06
CA PRO F 212 28.49 -51.33 59.86
C PRO F 212 29.93 -51.25 59.43
N THR F 213 30.80 -52.00 60.11
CA THR F 213 32.20 -52.07 59.70
C THR F 213 32.33 -52.68 58.31
N GLU F 214 31.36 -53.50 57.92
CA GLU F 214 31.34 -54.09 56.59
C GLU F 214 30.58 -53.21 55.61
#